data_7D6P
# 
_entry.id   7D6P 
# 
_audit_conform.dict_name       mmcif_pdbx.dic 
_audit_conform.dict_version    5.380 
_audit_conform.dict_location   http://mmcif.pdb.org/dictionaries/ascii/mmcif_pdbx.dic 
# 
loop_
_database_2.database_id 
_database_2.database_code 
_database_2.pdbx_database_accession 
_database_2.pdbx_DOI 
PDB   7D6P         pdb_00007d6p 10.2210/pdb7d6p/pdb 
WWPDB D_1300018844 ?            ?                   
# 
_pdbx_database_related.db_name        PDB 
_pdbx_database_related.details        . 
_pdbx_database_related.db_id          6IXZ 
_pdbx_database_related.content_type   unspecified 
# 
_pdbx_database_status.status_code                     REL 
_pdbx_database_status.status_code_sf                  REL 
_pdbx_database_status.status_code_mr                  ? 
_pdbx_database_status.entry_id                        7D6P 
_pdbx_database_status.recvd_initial_deposition_date   2020-10-01 
_pdbx_database_status.SG_entry                        N 
_pdbx_database_status.deposit_site                    PDBJ 
_pdbx_database_status.process_site                    PDBJ 
_pdbx_database_status.status_code_cs                  ? 
_pdbx_database_status.status_code_nmr_data            ? 
_pdbx_database_status.methods_development_category    ? 
_pdbx_database_status.pdb_format_compatible           Y 
# 
loop_
_audit_author.name 
_audit_author.pdbx_ordinal 
_audit_author.identifier_ORCID 
'Kamitori, S.' 1 0000-0002-3950-3372 
'Tamai, E.'    2 0000-0002-0338-5095 
# 
_citation.abstract                  ? 
_citation.abstract_id_CAS           ? 
_citation.book_id_ISBN              ? 
_citation.book_publisher            ? 
_citation.book_publisher_city       ? 
_citation.book_title                ? 
_citation.coordinate_linkage        ? 
_citation.country                   US 
_citation.database_id_Medline       ? 
_citation.details                   ? 
_citation.id                        primary 
_citation.journal_abbrev            Biochem.Biophys.Res.Commun. 
_citation.journal_id_ASTM           BBRCA9 
_citation.journal_id_CSD            0146 
_citation.journal_id_ISSN           1090-2104 
_citation.journal_full              ? 
_citation.journal_issue             ? 
_citation.journal_volume            554 
_citation.language                  ? 
_citation.page_first                138 
_citation.page_last                 144 
_citation.title                     
;X-ray structures of Clostridium perfringens sortase C with C-terminal cell wall sorting motif of LPST demonstrate role of subsite for substrate-binding and structural variations of catalytic site.
;
_citation.year                      2021 
_citation.database_id_CSD           ? 
_citation.pdbx_database_id_DOI      10.1016/j.bbrc.2021.03.106 
_citation.pdbx_database_id_PubMed   33794418 
_citation.unpublished_flag          ? 
# 
loop_
_citation_author.citation_id 
_citation_author.name 
_citation_author.ordinal 
_citation_author.identifier_ORCID 
primary 'Tamai, E.'    1 ? 
primary 'Sekiya, H.'   2 ? 
primary 'Nariya, H.'   3 ? 
primary 'Katayama, S.' 4 ? 
primary 'Kamitori, S.' 5 ? 
# 
_cell.angle_alpha                  90.000 
_cell.angle_alpha_esd              ? 
_cell.angle_beta                   90.000 
_cell.angle_beta_esd               ? 
_cell.angle_gamma                  120.000 
_cell.angle_gamma_esd              ? 
_cell.entry_id                     7D6P 
_cell.details                      ? 
_cell.formula_units_Z              ? 
_cell.length_a                     104.210 
_cell.length_a_esd                 ? 
_cell.length_b                     104.210 
_cell.length_b_esd                 ? 
_cell.length_c                     44.870 
_cell.length_c_esd                 ? 
_cell.volume                       ? 
_cell.volume_esd                   ? 
_cell.Z_PDB                        6 
_cell.reciprocal_angle_alpha       ? 
_cell.reciprocal_angle_beta        ? 
_cell.reciprocal_angle_gamma       ? 
_cell.reciprocal_angle_alpha_esd   ? 
_cell.reciprocal_angle_beta_esd    ? 
_cell.reciprocal_angle_gamma_esd   ? 
_cell.reciprocal_length_a          ? 
_cell.reciprocal_length_b          ? 
_cell.reciprocal_length_c          ? 
_cell.reciprocal_length_a_esd      ? 
_cell.reciprocal_length_b_esd      ? 
_cell.reciprocal_length_c_esd      ? 
_cell.pdbx_unique_axis             ? 
# 
_symmetry.entry_id                         7D6P 
_symmetry.cell_setting                     ? 
_symmetry.Int_Tables_number                154 
_symmetry.space_group_name_Hall            ? 
_symmetry.space_group_name_H-M             'P 32 2 1' 
_symmetry.pdbx_full_space_group_name_H-M   ? 
# 
loop_
_entity.id 
_entity.type 
_entity.src_method 
_entity.pdbx_description 
_entity.formula_weight 
_entity.pdbx_number_of_molecules 
_entity.pdbx_ec 
_entity.pdbx_mutation 
_entity.pdbx_fragment 
_entity.details 
1 polymer     man 'Sortase family protein' 24830.961 1  ? ? ? ? 
2 non-polymer syn 'SULFATE ION'            96.063    1  ? ? ? ? 
3 non-polymer syn GLYCEROL                 92.094    1  ? ? ? ? 
4 water       nat water                    18.015    14 ? ? ? ? 
# 
_entity_name_com.entity_id   1 
_entity_name_com.name        'sortase C' 
# 
_entity_poly.entity_id                      1 
_entity_poly.type                           'polypeptide(L)' 
_entity_poly.nstd_linkage                   no 
_entity_poly.nstd_monomer                   no 
_entity_poly.pdbx_seq_one_letter_code       
;MNHKVHHHHHHIEGRHMINNKFAVSTISDYTEKINNVKDEEVDDLIKNINKYNYDLFNGTAENQLPDYLNIHEGDVLGYI
EIPSINIKLPIYYGTSVDILKKGVGVLEGTSLPVGGENTHSVLSAHTGLANQKLFTDIDKLKDGDVFYLHILKKDLAYKV
NQIKVVHPDEIDELKISDDKDYVTLLTCYPYGINTERLLVRGERTDLSPSNGAGFSLPST
;
_entity_poly.pdbx_seq_one_letter_code_can   
;MNHKVHHHHHHIEGRHMINNKFAVSTISDYTEKINNVKDEEVDDLIKNINKYNYDLFNGTAENQLPDYLNIHEGDVLGYI
EIPSINIKLPIYYGTSVDILKKGVGVLEGTSLPVGGENTHSVLSAHTGLANQKLFTDIDKLKDGDVFYLHILKKDLAYKV
NQIKVVHPDEIDELKISDDKDYVTLLTCYPYGINTERLLVRGERTDLSPSNGAGFSLPST
;
_entity_poly.pdbx_strand_id                 A 
_entity_poly.pdbx_target_identifier         ? 
# 
loop_
_entity_poly_seq.entity_id 
_entity_poly_seq.num 
_entity_poly_seq.mon_id 
_entity_poly_seq.hetero 
1 1   MET n 
1 2   ASN n 
1 3   HIS n 
1 4   LYS n 
1 5   VAL n 
1 6   HIS n 
1 7   HIS n 
1 8   HIS n 
1 9   HIS n 
1 10  HIS n 
1 11  HIS n 
1 12  ILE n 
1 13  GLU n 
1 14  GLY n 
1 15  ARG n 
1 16  HIS n 
1 17  MET n 
1 18  ILE n 
1 19  ASN n 
1 20  ASN n 
1 21  LYS n 
1 22  PHE n 
1 23  ALA n 
1 24  VAL n 
1 25  SER n 
1 26  THR n 
1 27  ILE n 
1 28  SER n 
1 29  ASP n 
1 30  TYR n 
1 31  THR n 
1 32  GLU n 
1 33  LYS n 
1 34  ILE n 
1 35  ASN n 
1 36  ASN n 
1 37  VAL n 
1 38  LYS n 
1 39  ASP n 
1 40  GLU n 
1 41  GLU n 
1 42  VAL n 
1 43  ASP n 
1 44  ASP n 
1 45  LEU n 
1 46  ILE n 
1 47  LYS n 
1 48  ASN n 
1 49  ILE n 
1 50  ASN n 
1 51  LYS n 
1 52  TYR n 
1 53  ASN n 
1 54  TYR n 
1 55  ASP n 
1 56  LEU n 
1 57  PHE n 
1 58  ASN n 
1 59  GLY n 
1 60  THR n 
1 61  ALA n 
1 62  GLU n 
1 63  ASN n 
1 64  GLN n 
1 65  LEU n 
1 66  PRO n 
1 67  ASP n 
1 68  TYR n 
1 69  LEU n 
1 70  ASN n 
1 71  ILE n 
1 72  HIS n 
1 73  GLU n 
1 74  GLY n 
1 75  ASP n 
1 76  VAL n 
1 77  LEU n 
1 78  GLY n 
1 79  TYR n 
1 80  ILE n 
1 81  GLU n 
1 82  ILE n 
1 83  PRO n 
1 84  SER n 
1 85  ILE n 
1 86  ASN n 
1 87  ILE n 
1 88  LYS n 
1 89  LEU n 
1 90  PRO n 
1 91  ILE n 
1 92  TYR n 
1 93  TYR n 
1 94  GLY n 
1 95  THR n 
1 96  SER n 
1 97  VAL n 
1 98  ASP n 
1 99  ILE n 
1 100 LEU n 
1 101 LYS n 
1 102 LYS n 
1 103 GLY n 
1 104 VAL n 
1 105 GLY n 
1 106 VAL n 
1 107 LEU n 
1 108 GLU n 
1 109 GLY n 
1 110 THR n 
1 111 SER n 
1 112 LEU n 
1 113 PRO n 
1 114 VAL n 
1 115 GLY n 
1 116 GLY n 
1 117 GLU n 
1 118 ASN n 
1 119 THR n 
1 120 HIS n 
1 121 SER n 
1 122 VAL n 
1 123 LEU n 
1 124 SER n 
1 125 ALA n 
1 126 HIS n 
1 127 THR n 
1 128 GLY n 
1 129 LEU n 
1 130 ALA n 
1 131 ASN n 
1 132 GLN n 
1 133 LYS n 
1 134 LEU n 
1 135 PHE n 
1 136 THR n 
1 137 ASP n 
1 138 ILE n 
1 139 ASP n 
1 140 LYS n 
1 141 LEU n 
1 142 LYS n 
1 143 ASP n 
1 144 GLY n 
1 145 ASP n 
1 146 VAL n 
1 147 PHE n 
1 148 TYR n 
1 149 LEU n 
1 150 HIS n 
1 151 ILE n 
1 152 LEU n 
1 153 LYS n 
1 154 LYS n 
1 155 ASP n 
1 156 LEU n 
1 157 ALA n 
1 158 TYR n 
1 159 LYS n 
1 160 VAL n 
1 161 ASN n 
1 162 GLN n 
1 163 ILE n 
1 164 LYS n 
1 165 VAL n 
1 166 VAL n 
1 167 HIS n 
1 168 PRO n 
1 169 ASP n 
1 170 GLU n 
1 171 ILE n 
1 172 ASP n 
1 173 GLU n 
1 174 LEU n 
1 175 LYS n 
1 176 ILE n 
1 177 SER n 
1 178 ASP n 
1 179 ASP n 
1 180 LYS n 
1 181 ASP n 
1 182 TYR n 
1 183 VAL n 
1 184 THR n 
1 185 LEU n 
1 186 LEU n 
1 187 THR n 
1 188 CYS n 
1 189 TYR n 
1 190 PRO n 
1 191 TYR n 
1 192 GLY n 
1 193 ILE n 
1 194 ASN n 
1 195 THR n 
1 196 GLU n 
1 197 ARG n 
1 198 LEU n 
1 199 LEU n 
1 200 VAL n 
1 201 ARG n 
1 202 GLY n 
1 203 GLU n 
1 204 ARG n 
1 205 THR n 
1 206 ASP n 
1 207 LEU n 
1 208 SER n 
1 209 PRO n 
1 210 SER n 
1 211 ASN n 
1 212 GLY n 
1 213 ALA n 
1 214 GLY n 
1 215 PHE n 
1 216 SER n 
1 217 LEU n 
1 218 PRO n 
1 219 SER n 
1 220 THR n 
# 
_entity_src_gen.entity_id                          1 
_entity_src_gen.pdbx_src_id                        1 
_entity_src_gen.pdbx_alt_source_flag               sample 
_entity_src_gen.pdbx_seq_type                      'Biological sequence' 
_entity_src_gen.pdbx_beg_seq_num                   1 
_entity_src_gen.pdbx_end_seq_num                   220 
_entity_src_gen.gene_src_common_name               ? 
_entity_src_gen.gene_src_genus                     ? 
_entity_src_gen.pdbx_gene_src_gene                 CPR_0146 
_entity_src_gen.gene_src_species                   ? 
_entity_src_gen.gene_src_strain                    ? 
_entity_src_gen.gene_src_tissue                    ? 
_entity_src_gen.gene_src_tissue_fraction           ? 
_entity_src_gen.gene_src_details                   ? 
_entity_src_gen.pdbx_gene_src_fragment             ? 
_entity_src_gen.pdbx_gene_src_scientific_name      'Clostridium perfringens (strain SM101 / Type A)' 
_entity_src_gen.pdbx_gene_src_ncbi_taxonomy_id     289380 
_entity_src_gen.pdbx_gene_src_variant              ? 
_entity_src_gen.pdbx_gene_src_cell_line            ? 
_entity_src_gen.pdbx_gene_src_atcc                 ? 
_entity_src_gen.pdbx_gene_src_organ                ? 
_entity_src_gen.pdbx_gene_src_organelle            ? 
_entity_src_gen.pdbx_gene_src_cell                 ? 
_entity_src_gen.pdbx_gene_src_cellular_location    ? 
_entity_src_gen.host_org_common_name               ? 
_entity_src_gen.pdbx_host_org_scientific_name      'Escherichia coli' 
_entity_src_gen.pdbx_host_org_ncbi_taxonomy_id     562 
_entity_src_gen.host_org_genus                     ? 
_entity_src_gen.pdbx_host_org_gene                 ? 
_entity_src_gen.pdbx_host_org_organ                ? 
_entity_src_gen.host_org_species                   ? 
_entity_src_gen.pdbx_host_org_tissue               ? 
_entity_src_gen.pdbx_host_org_tissue_fraction      ? 
_entity_src_gen.pdbx_host_org_strain               ? 
_entity_src_gen.pdbx_host_org_variant              ? 
_entity_src_gen.pdbx_host_org_cell_line            ? 
_entity_src_gen.pdbx_host_org_atcc                 ? 
_entity_src_gen.pdbx_host_org_culture_collection   ? 
_entity_src_gen.pdbx_host_org_cell                 ? 
_entity_src_gen.pdbx_host_org_organelle            ? 
_entity_src_gen.pdbx_host_org_cellular_location    ? 
_entity_src_gen.pdbx_host_org_vector_type          ? 
_entity_src_gen.pdbx_host_org_vector               ? 
_entity_src_gen.host_org_details                   ? 
_entity_src_gen.expression_system_id               ? 
_entity_src_gen.plasmid_name                       ? 
_entity_src_gen.plasmid_details                    ? 
_entity_src_gen.pdbx_description                   ? 
# 
_struct_ref.id                         1 
_struct_ref.db_name                    UNP 
_struct_ref.db_code                    Q0SWL7_CLOPS 
_struct_ref.pdbx_db_accession          Q0SWL7 
_struct_ref.pdbx_db_isoform            ? 
_struct_ref.entity_id                  1 
_struct_ref.pdbx_seq_one_letter_code   
;INNKFAVSTISDYTEKINNVKDEEVDDLIKNINKYNYDLFNGTAENQLPDYLNIHEGDVLGYIEIPSINIKLPIYYGTSV
DILKKGVGVLEGTSLPVGGENTHSVLSAHTGLANQKLFTDIDKLKDGDVFYLHILKKDLAYKVNQIKVVHPDEIDELKIS
DDKDYVTLLTCYPYGINTERLLVRGERTDLSPSN
;
_struct_ref.pdbx_align_begin           32 
# 
_struct_ref_seq.align_id                      1 
_struct_ref_seq.ref_id                        1 
_struct_ref_seq.pdbx_PDB_id_code              7D6P 
_struct_ref_seq.pdbx_strand_id                A 
_struct_ref_seq.seq_align_beg                 18 
_struct_ref_seq.pdbx_seq_align_beg_ins_code   ? 
_struct_ref_seq.seq_align_end                 211 
_struct_ref_seq.pdbx_seq_align_end_ins_code   ? 
_struct_ref_seq.pdbx_db_accession             Q0SWL7 
_struct_ref_seq.db_align_beg                  32 
_struct_ref_seq.pdbx_db_align_beg_ins_code    ? 
_struct_ref_seq.db_align_end                  225 
_struct_ref_seq.pdbx_db_align_end_ins_code    ? 
_struct_ref_seq.pdbx_auth_seq_align_beg       41 
_struct_ref_seq.pdbx_auth_seq_align_end       234 
# 
loop_
_struct_ref_seq_dif.align_id 
_struct_ref_seq_dif.pdbx_pdb_id_code 
_struct_ref_seq_dif.mon_id 
_struct_ref_seq_dif.pdbx_pdb_strand_id 
_struct_ref_seq_dif.seq_num 
_struct_ref_seq_dif.pdbx_pdb_ins_code 
_struct_ref_seq_dif.pdbx_seq_db_name 
_struct_ref_seq_dif.pdbx_seq_db_accession_code 
_struct_ref_seq_dif.db_mon_id 
_struct_ref_seq_dif.pdbx_seq_db_seq_num 
_struct_ref_seq_dif.details 
_struct_ref_seq_dif.pdbx_auth_seq_num 
_struct_ref_seq_dif.pdbx_ordinal 
1 7D6P MET A 1   ? UNP Q0SWL7 ? ? 'initiating methionine' 24  1  
1 7D6P ASN A 2   ? UNP Q0SWL7 ? ? 'expression tag'        25  2  
1 7D6P HIS A 3   ? UNP Q0SWL7 ? ? 'expression tag'        26  3  
1 7D6P LYS A 4   ? UNP Q0SWL7 ? ? 'expression tag'        27  4  
1 7D6P VAL A 5   ? UNP Q0SWL7 ? ? 'expression tag'        28  5  
1 7D6P HIS A 6   ? UNP Q0SWL7 ? ? 'expression tag'        29  6  
1 7D6P HIS A 7   ? UNP Q0SWL7 ? ? 'expression tag'        30  7  
1 7D6P HIS A 8   ? UNP Q0SWL7 ? ? 'expression tag'        31  8  
1 7D6P HIS A 9   ? UNP Q0SWL7 ? ? 'expression tag'        32  9  
1 7D6P HIS A 10  ? UNP Q0SWL7 ? ? 'expression tag'        33  10 
1 7D6P HIS A 11  ? UNP Q0SWL7 ? ? 'expression tag'        34  11 
1 7D6P ILE A 12  ? UNP Q0SWL7 ? ? 'expression tag'        35  12 
1 7D6P GLU A 13  ? UNP Q0SWL7 ? ? 'expression tag'        36  13 
1 7D6P GLY A 14  ? UNP Q0SWL7 ? ? 'expression tag'        37  14 
1 7D6P ARG A 15  ? UNP Q0SWL7 ? ? 'expression tag'        38  15 
1 7D6P HIS A 16  ? UNP Q0SWL7 ? ? 'expression tag'        39  16 
1 7D6P MET A 17  ? UNP Q0SWL7 ? ? 'expression tag'        40  17 
1 7D6P GLY A 212 ? UNP Q0SWL7 ? ? 'expression tag'        235 18 
1 7D6P ALA A 213 ? UNP Q0SWL7 ? ? 'expression tag'        236 19 
1 7D6P GLY A 214 ? UNP Q0SWL7 ? ? 'expression tag'        237 20 
1 7D6P PHE A 215 ? UNP Q0SWL7 ? ? 'expression tag'        238 21 
1 7D6P SER A 216 ? UNP Q0SWL7 ? ? 'expression tag'        239 22 
1 7D6P LEU A 217 ? UNP Q0SWL7 ? ? 'expression tag'        240 23 
1 7D6P PRO A 218 ? UNP Q0SWL7 ? ? 'expression tag'        241 24 
1 7D6P SER A 219 ? UNP Q0SWL7 ? ? 'expression tag'        242 25 
1 7D6P THR A 220 ? UNP Q0SWL7 ? ? 'expression tag'        243 26 
# 
loop_
_chem_comp.id 
_chem_comp.type 
_chem_comp.mon_nstd_flag 
_chem_comp.name 
_chem_comp.pdbx_synonyms 
_chem_comp.formula 
_chem_comp.formula_weight 
ALA 'L-peptide linking' y ALANINE         ?                               'C3 H7 N O2'     89.093  
ARG 'L-peptide linking' y ARGININE        ?                               'C6 H15 N4 O2 1' 175.209 
ASN 'L-peptide linking' y ASPARAGINE      ?                               'C4 H8 N2 O3'    132.118 
ASP 'L-peptide linking' y 'ASPARTIC ACID' ?                               'C4 H7 N O4'     133.103 
CYS 'L-peptide linking' y CYSTEINE        ?                               'C3 H7 N O2 S'   121.158 
GLN 'L-peptide linking' y GLUTAMINE       ?                               'C5 H10 N2 O3'   146.144 
GLU 'L-peptide linking' y 'GLUTAMIC ACID' ?                               'C5 H9 N O4'     147.129 
GLY 'peptide linking'   y GLYCINE         ?                               'C2 H5 N O2'     75.067  
GOL non-polymer         . GLYCEROL        'GLYCERIN; PROPANE-1,2,3-TRIOL' 'C3 H8 O3'       92.094  
HIS 'L-peptide linking' y HISTIDINE       ?                               'C6 H10 N3 O2 1' 156.162 
HOH non-polymer         . WATER           ?                               'H2 O'           18.015  
ILE 'L-peptide linking' y ISOLEUCINE      ?                               'C6 H13 N O2'    131.173 
LEU 'L-peptide linking' y LEUCINE         ?                               'C6 H13 N O2'    131.173 
LYS 'L-peptide linking' y LYSINE          ?                               'C6 H15 N2 O2 1' 147.195 
MET 'L-peptide linking' y METHIONINE      ?                               'C5 H11 N O2 S'  149.211 
PHE 'L-peptide linking' y PHENYLALANINE   ?                               'C9 H11 N O2'    165.189 
PRO 'L-peptide linking' y PROLINE         ?                               'C5 H9 N O2'     115.130 
SER 'L-peptide linking' y SERINE          ?                               'C3 H7 N O3'     105.093 
SO4 non-polymer         . 'SULFATE ION'   ?                               'O4 S -2'        96.063  
THR 'L-peptide linking' y THREONINE       ?                               'C4 H9 N O3'     119.119 
TYR 'L-peptide linking' y TYROSINE        ?                               'C9 H11 N O3'    181.189 
VAL 'L-peptide linking' y VALINE          ?                               'C5 H11 N O2'    117.146 
# 
_exptl.absorpt_coefficient_mu     ? 
_exptl.absorpt_correction_T_max   ? 
_exptl.absorpt_correction_T_min   ? 
_exptl.absorpt_correction_type    ? 
_exptl.absorpt_process_details    ? 
_exptl.entry_id                   7D6P 
_exptl.crystals_number            1 
_exptl.details                    ? 
_exptl.method                     'X-RAY DIFFRACTION' 
_exptl.method_details             ? 
# 
_exptl_crystal.colour                      ? 
_exptl_crystal.density_diffrn              ? 
_exptl_crystal.density_Matthews            2.83 
_exptl_crystal.density_method              ? 
_exptl_crystal.density_percent_sol         56.57 
_exptl_crystal.description                 ? 
_exptl_crystal.F_000                       ? 
_exptl_crystal.id                          1 
_exptl_crystal.preparation                 ? 
_exptl_crystal.size_max                    ? 
_exptl_crystal.size_mid                    ? 
_exptl_crystal.size_min                    ? 
_exptl_crystal.size_rad                    ? 
_exptl_crystal.colour_lustre               ? 
_exptl_crystal.colour_modifier             ? 
_exptl_crystal.colour_primary              ? 
_exptl_crystal.density_meas                ? 
_exptl_crystal.density_meas_esd            ? 
_exptl_crystal.density_meas_gt             ? 
_exptl_crystal.density_meas_lt             ? 
_exptl_crystal.density_meas_temp           ? 
_exptl_crystal.density_meas_temp_esd       ? 
_exptl_crystal.density_meas_temp_gt        ? 
_exptl_crystal.density_meas_temp_lt        ? 
_exptl_crystal.pdbx_crystal_image_url      ? 
_exptl_crystal.pdbx_crystal_image_format   ? 
_exptl_crystal.pdbx_mosaicity              ? 
_exptl_crystal.pdbx_mosaicity_esd          ? 
# 
_exptl_crystal_grow.apparatus       ? 
_exptl_crystal_grow.atmosphere      ? 
_exptl_crystal_grow.crystal_id      1 
_exptl_crystal_grow.details         ? 
_exptl_crystal_grow.method          'VAPOR DIFFUSION, SITTING DROP' 
_exptl_crystal_grow.method_ref      ? 
_exptl_crystal_grow.pH              8.5 
_exptl_crystal_grow.pressure        ? 
_exptl_crystal_grow.pressure_esd    ? 
_exptl_crystal_grow.seeding         ? 
_exptl_crystal_grow.seeding_ref     ? 
_exptl_crystal_grow.temp            298 
_exptl_crystal_grow.temp_details    ? 
_exptl_crystal_grow.temp_esd        ? 
_exptl_crystal_grow.time            ? 
_exptl_crystal_grow.pdbx_details    '25% (w/v) PEG 3350, 200mM LiSO4, 100mM Tris-HCl, pH 8.5' 
_exptl_crystal_grow.pdbx_pH_range   ? 
# 
_diffrn.ambient_environment              ? 
_diffrn.ambient_temp                     100 
_diffrn.ambient_temp_details             ? 
_diffrn.ambient_temp_esd                 ? 
_diffrn.crystal_id                       1 
_diffrn.crystal_support                  ? 
_diffrn.crystal_treatment                ? 
_diffrn.details                          ? 
_diffrn.id                               1 
_diffrn.ambient_pressure                 ? 
_diffrn.ambient_pressure_esd             ? 
_diffrn.ambient_pressure_gt              ? 
_diffrn.ambient_pressure_lt              ? 
_diffrn.ambient_temp_gt                  ? 
_diffrn.ambient_temp_lt                  ? 
_diffrn.pdbx_serial_crystal_experiment   N 
# 
_diffrn_detector.details                      ? 
_diffrn_detector.detector                     'IMAGE PLATE' 
_diffrn_detector.diffrn_id                    1 
_diffrn_detector.type                         'RIGAKU RAXIS IV++' 
_diffrn_detector.area_resol_mean              ? 
_diffrn_detector.dtime                        ? 
_diffrn_detector.pdbx_frames_total            ? 
_diffrn_detector.pdbx_collection_time_total   ? 
_diffrn_detector.pdbx_collection_date         2019-12-26 
_diffrn_detector.pdbx_frequency               ? 
# 
_diffrn_radiation.collimation                      ? 
_diffrn_radiation.diffrn_id                        1 
_diffrn_radiation.filter_edge                      ? 
_diffrn_radiation.inhomogeneity                    ? 
_diffrn_radiation.monochromator                    ? 
_diffrn_radiation.polarisn_norm                    ? 
_diffrn_radiation.polarisn_ratio                   ? 
_diffrn_radiation.probe                            ? 
_diffrn_radiation.type                             ? 
_diffrn_radiation.xray_symbol                      ? 
_diffrn_radiation.wavelength_id                    1 
_diffrn_radiation.pdbx_monochromatic_or_laue_m_l   M 
_diffrn_radiation.pdbx_wavelength_list             ? 
_diffrn_radiation.pdbx_wavelength                  ? 
_diffrn_radiation.pdbx_diffrn_protocol             'SINGLE WAVELENGTH' 
_diffrn_radiation.pdbx_analyzer                    ? 
_diffrn_radiation.pdbx_scattering_type             x-ray 
# 
_diffrn_radiation_wavelength.id           1 
_diffrn_radiation_wavelength.wavelength   1.5418 
_diffrn_radiation_wavelength.wt           1.0 
# 
_diffrn_source.current                     ? 
_diffrn_source.details                     ? 
_diffrn_source.diffrn_id                   1 
_diffrn_source.power                       ? 
_diffrn_source.size                        ? 
_diffrn_source.source                      'ROTATING ANODE' 
_diffrn_source.target                      ? 
_diffrn_source.type                        'RIGAKU MICROMAX-007' 
_diffrn_source.voltage                     ? 
_diffrn_source.take-off_angle              ? 
_diffrn_source.pdbx_wavelength_list        1.5418 
_diffrn_source.pdbx_wavelength             ? 
_diffrn_source.pdbx_synchrotron_beamline   ? 
_diffrn_source.pdbx_synchrotron_site       ? 
# 
_reflns.B_iso_Wilson_estimate            ? 
_reflns.entry_id                         7D6P 
_reflns.data_reduction_details           ? 
_reflns.data_reduction_method            ? 
_reflns.d_resolution_high                2.38 
_reflns.d_resolution_low                 18.80 
_reflns.details                          ? 
_reflns.limit_h_max                      ? 
_reflns.limit_h_min                      ? 
_reflns.limit_k_max                      ? 
_reflns.limit_k_min                      ? 
_reflns.limit_l_max                      ? 
_reflns.limit_l_min                      ? 
_reflns.number_all                       ? 
_reflns.number_obs                       11342 
_reflns.observed_criterion               ? 
_reflns.observed_criterion_F_max         ? 
_reflns.observed_criterion_F_min         ? 
_reflns.observed_criterion_I_max         ? 
_reflns.observed_criterion_I_min         ? 
_reflns.observed_criterion_sigma_F       ? 
_reflns.observed_criterion_sigma_I       ? 
_reflns.percent_possible_obs             98.6 
_reflns.R_free_details                   ? 
_reflns.Rmerge_F_all                     ? 
_reflns.Rmerge_F_obs                     ? 
_reflns.Friedel_coverage                 ? 
_reflns.number_gt                        ? 
_reflns.threshold_expression             ? 
_reflns.pdbx_redundancy                  10.5 
_reflns.pdbx_Rmerge_I_obs                ? 
_reflns.pdbx_Rmerge_I_all                ? 
_reflns.pdbx_Rsym_value                  ? 
_reflns.pdbx_netI_over_av_sigmaI         ? 
_reflns.pdbx_netI_over_sigmaI            11.7 
_reflns.pdbx_res_netI_over_av_sigmaI_2   ? 
_reflns.pdbx_res_netI_over_sigmaI_2      ? 
_reflns.pdbx_chi_squared                 ? 
_reflns.pdbx_scaling_rejects             ? 
_reflns.pdbx_d_res_high_opt              ? 
_reflns.pdbx_d_res_low_opt               ? 
_reflns.pdbx_d_res_opt_method            ? 
_reflns.phase_calculation_details        ? 
_reflns.pdbx_Rrim_I_all                  ? 
_reflns.pdbx_Rpim_I_all                  ? 
_reflns.pdbx_d_opt                       ? 
_reflns.pdbx_number_measured_all         ? 
_reflns.pdbx_diffrn_id                   1 
_reflns.pdbx_ordinal                     1 
_reflns.pdbx_CC_half                     0.997 
_reflns.pdbx_CC_star                     ? 
_reflns.pdbx_R_split                     ? 
# 
_reflns_shell.d_res_high                  2.38 
_reflns_shell.d_res_low                   2.44 
_reflns_shell.meanI_over_sigI_all         ? 
_reflns_shell.meanI_over_sigI_obs         ? 
_reflns_shell.number_measured_all         ? 
_reflns_shell.number_measured_obs         ? 
_reflns_shell.number_possible             ? 
_reflns_shell.number_unique_all           ? 
_reflns_shell.number_unique_obs           825 
_reflns_shell.percent_possible_all        ? 
_reflns_shell.percent_possible_obs        ? 
_reflns_shell.Rmerge_F_all                ? 
_reflns_shell.Rmerge_F_obs                ? 
_reflns_shell.Rmerge_I_all                ? 
_reflns_shell.Rmerge_I_obs                ? 
_reflns_shell.meanI_over_sigI_gt          ? 
_reflns_shell.meanI_over_uI_all           ? 
_reflns_shell.meanI_over_uI_gt            ? 
_reflns_shell.number_measured_gt          ? 
_reflns_shell.number_unique_gt            ? 
_reflns_shell.percent_possible_gt         ? 
_reflns_shell.Rmerge_F_gt                 ? 
_reflns_shell.Rmerge_I_gt                 ? 
_reflns_shell.pdbx_redundancy             ? 
_reflns_shell.pdbx_Rsym_value             ? 
_reflns_shell.pdbx_chi_squared            ? 
_reflns_shell.pdbx_netI_over_sigmaI_all   ? 
_reflns_shell.pdbx_netI_over_sigmaI_obs   ? 
_reflns_shell.pdbx_Rrim_I_all             ? 
_reflns_shell.pdbx_Rpim_I_all             ? 
_reflns_shell.pdbx_rejects                ? 
_reflns_shell.pdbx_ordinal                1 
_reflns_shell.pdbx_diffrn_id              1 
_reflns_shell.pdbx_CC_half                0.909 
_reflns_shell.pdbx_CC_star                ? 
_reflns_shell.pdbx_R_split                ? 
# 
_refine.aniso_B[1][1]                            -0.013 
_refine.aniso_B[1][2]                            -0.006 
_refine.aniso_B[1][3]                            0.000 
_refine.aniso_B[2][2]                            -0.013 
_refine.aniso_B[2][3]                            0.000 
_refine.aniso_B[3][3]                            0.042 
_refine.B_iso_max                                ? 
_refine.B_iso_mean                               74.757 
_refine.B_iso_min                                ? 
_refine.correlation_coeff_Fo_to_Fc               0.950 
_refine.correlation_coeff_Fo_to_Fc_free          0.930 
_refine.details                                  'Hydrogens have been added in their riding positions' 
_refine.diff_density_max                         ? 
_refine.diff_density_max_esd                     ? 
_refine.diff_density_min                         ? 
_refine.diff_density_min_esd                     ? 
_refine.diff_density_rms                         ? 
_refine.diff_density_rms_esd                     ? 
_refine.entry_id                                 7D6P 
_refine.pdbx_refine_id                           'X-RAY DIFFRACTION' 
_refine.ls_abs_structure_details                 ? 
_refine.ls_abs_structure_Flack                   ? 
_refine.ls_abs_structure_Flack_esd               ? 
_refine.ls_abs_structure_Rogers                  ? 
_refine.ls_abs_structure_Rogers_esd              ? 
_refine.ls_d_res_high                            2.380 
_refine.ls_d_res_low                             18.80 
_refine.ls_extinction_coef                       ? 
_refine.ls_extinction_coef_esd                   ? 
_refine.ls_extinction_expression                 ? 
_refine.ls_extinction_method                     ? 
_refine.ls_goodness_of_fit_all                   ? 
_refine.ls_goodness_of_fit_all_esd               ? 
_refine.ls_goodness_of_fit_obs                   ? 
_refine.ls_goodness_of_fit_obs_esd               ? 
_refine.ls_hydrogen_treatment                    ? 
_refine.ls_matrix_type                           ? 
_refine.ls_number_constraints                    ? 
_refine.ls_number_parameters                     ? 
_refine.ls_number_reflns_all                     ? 
_refine.ls_number_reflns_obs                     11334 
_refine.ls_number_reflns_R_free                  541 
_refine.ls_number_reflns_R_work                  10793 
_refine.ls_number_restraints                     ? 
_refine.ls_percent_reflns_obs                    98.625 
_refine.ls_percent_reflns_R_free                 4.773 
_refine.ls_R_factor_all                          0.246 
_refine.ls_R_factor_obs                          ? 
_refine.ls_R_factor_R_free                       0.2763 
_refine.ls_R_factor_R_free_error                 ? 
_refine.ls_R_factor_R_free_error_details         ? 
_refine.ls_R_factor_R_work                       0.2445 
_refine.ls_R_Fsqd_factor_obs                     ? 
_refine.ls_R_I_factor_obs                        ? 
_refine.ls_redundancy_reflns_all                 ? 
_refine.ls_redundancy_reflns_obs                 ? 
_refine.ls_restrained_S_all                      ? 
_refine.ls_restrained_S_obs                      ? 
_refine.ls_shift_over_esd_max                    ? 
_refine.ls_shift_over_esd_mean                   ? 
_refine.ls_structure_factor_coef                 ? 
_refine.ls_weighting_details                     ? 
_refine.ls_weighting_scheme                      ? 
_refine.ls_wR_factor_all                         ? 
_refine.ls_wR_factor_obs                         ? 
_refine.ls_wR_factor_R_free                      ? 
_refine.ls_wR_factor_R_work                      ? 
_refine.occupancy_max                            ? 
_refine.occupancy_min                            ? 
_refine.solvent_model_details                    'MASK BULK SOLVENT' 
_refine.solvent_model_param_bsol                 ? 
_refine.solvent_model_param_ksol                 ? 
_refine.pdbx_R_complete                          ? 
_refine.ls_R_factor_gt                           ? 
_refine.ls_goodness_of_fit_gt                    ? 
_refine.ls_goodness_of_fit_ref                   ? 
_refine.ls_shift_over_su_max                     ? 
_refine.ls_shift_over_su_max_lt                  ? 
_refine.ls_shift_over_su_mean                    ? 
_refine.ls_shift_over_su_mean_lt                 ? 
_refine.pdbx_ls_sigma_I                          ? 
_refine.pdbx_ls_sigma_F                          ? 
_refine.pdbx_ls_sigma_Fsqd                       ? 
_refine.pdbx_data_cutoff_high_absF               ? 
_refine.pdbx_data_cutoff_high_rms_absF           ? 
_refine.pdbx_data_cutoff_low_absF                ? 
_refine.pdbx_isotropic_thermal_model             ? 
_refine.pdbx_ls_cross_valid_method               'FREE R-VALUE' 
_refine.pdbx_method_to_determine_struct          'MOLECULAR REPLACEMENT' 
_refine.pdbx_starting_model                      6IXZ 
_refine.pdbx_stereochemistry_target_values       ? 
_refine.pdbx_R_Free_selection_details            ? 
_refine.pdbx_stereochem_target_val_spec_case     ? 
_refine.pdbx_overall_ESU_R                       0.353 
_refine.pdbx_overall_ESU_R_Free                  0.257 
_refine.pdbx_solvent_vdw_probe_radii             1.200 
_refine.pdbx_solvent_ion_probe_radii             0.800 
_refine.pdbx_solvent_shrinkage_radii             0.800 
_refine.pdbx_real_space_R                        ? 
_refine.pdbx_density_correlation                 ? 
_refine.pdbx_pd_number_of_powder_patterns        ? 
_refine.pdbx_pd_number_of_points                 ? 
_refine.pdbx_pd_meas_number_of_points            ? 
_refine.pdbx_pd_proc_ls_prof_R_factor            ? 
_refine.pdbx_pd_proc_ls_prof_wR_factor           ? 
_refine.pdbx_pd_Marquardt_correlation_coeff      ? 
_refine.pdbx_pd_Fsqrd_R_factor                   ? 
_refine.pdbx_pd_ls_matrix_band_width             ? 
_refine.pdbx_overall_phase_error                 ? 
_refine.pdbx_overall_SU_R_free_Cruickshank_DPI   ? 
_refine.pdbx_overall_SU_R_free_Blow_DPI          ? 
_refine.pdbx_overall_SU_R_Blow_DPI               ? 
_refine.pdbx_TLS_residual_ADP_flag               ? 
_refine.pdbx_diffrn_id                           1 
_refine.overall_SU_B                             11.162 
_refine.overall_SU_ML                            0.252 
_refine.overall_SU_R_Cruickshank_DPI             ? 
_refine.overall_SU_R_free                        ? 
_refine.overall_FOM_free_R_set                   ? 
_refine.overall_FOM_work_R_set                   ? 
_refine.pdbx_average_fsc_overall                 ? 
_refine.pdbx_average_fsc_work                    ? 
_refine.pdbx_average_fsc_free                    ? 
# 
_refine_hist.pdbx_refine_id                   'X-RAY DIFFRACTION' 
_refine_hist.cycle_id                         LAST 
_refine_hist.pdbx_number_atoms_protein        1555 
_refine_hist.pdbx_number_atoms_nucleic_acid   0 
_refine_hist.pdbx_number_atoms_ligand         11 
_refine_hist.number_atoms_solvent             14 
_refine_hist.number_atoms_total               1580 
_refine_hist.d_res_high                       2.380 
_refine_hist.d_res_low                        18.80 
# 
loop_
_refine_ls_restr.pdbx_refine_id 
_refine_ls_restr.criterion 
_refine_ls_restr.dev_ideal 
_refine_ls_restr.dev_ideal_target 
_refine_ls_restr.number 
_refine_ls_restr.rejects 
_refine_ls_restr.type 
_refine_ls_restr.weight 
_refine_ls_restr.pdbx_restraint_function 
'X-RAY DIFFRACTION' ? 0.007  0.013  1592 ? r_bond_refined_d               ? ? 
'X-RAY DIFFRACTION' ? 0.002  0.017  1475 ? r_bond_other_d                 ? ? 
'X-RAY DIFFRACTION' ? 1.500  1.640  2163 ? r_angle_refined_deg            ? ? 
'X-RAY DIFFRACTION' ? 1.090  1.583  3446 ? r_angle_other_deg              ? ? 
'X-RAY DIFFRACTION' ? 8.088  5.000  197  ? r_dihedral_angle_1_deg         ? ? 
'X-RAY DIFFRACTION' ? 36.156 25.600 75   ? r_dihedral_angle_2_deg         ? ? 
'X-RAY DIFFRACTION' ? 13.824 15.000 278  ? r_dihedral_angle_3_deg         ? ? 
'X-RAY DIFFRACTION' ? 8.431  15.000 3    ? r_dihedral_angle_4_deg         ? ? 
'X-RAY DIFFRACTION' ? 0.051  0.200  213  ? r_chiral_restr                 ? ? 
'X-RAY DIFFRACTION' ? 0.005  0.020  1759 ? r_gen_planes_refined           ? ? 
'X-RAY DIFFRACTION' ? 0.002  0.020  282  ? r_gen_planes_other             ? ? 
'X-RAY DIFFRACTION' ? 0.162  0.150  289  ? r_nbd_refined                  ? ? 
'X-RAY DIFFRACTION' ? 0.155  0.150  1321 ? r_symmetry_nbd_other           ? ? 
'X-RAY DIFFRACTION' ? 0.274  0.150  1042 ? r_nbtor_refined                ? ? 
'X-RAY DIFFRACTION' ? 0.201  0.150  3064 ? r_symmetry_nbtor_other         ? ? 
'X-RAY DIFFRACTION' ? 0.151  0.150  96   ? r_xyhbond_nbd_refined          ? ? 
'X-RAY DIFFRACTION' ? 0.134  0.150  7    ? r_symmetry_nbd_refined         ? ? 
'X-RAY DIFFRACTION' ? 0.160  0.150  66   ? r_nbd_other                    ? ? 
'X-RAY DIFFRACTION' ? 0.196  0.150  13   ? r_symmetry_xyhbond_nbd_refined ? ? 
'X-RAY DIFFRACTION' ? 4.534  7.957  791  ? r_mcbond_it                    ? ? 
'X-RAY DIFFRACTION' ? 4.508  7.945  790  ? r_mcbond_other                 ? ? 
'X-RAY DIFFRACTION' ? 7.145  11.919 987  ? r_mcangle_it                   ? ? 
'X-RAY DIFFRACTION' ? 7.147  11.931 988  ? r_mcangle_other                ? ? 
'X-RAY DIFFRACTION' ? 4.346  8.215  801  ? r_scbond_it                    ? ? 
'X-RAY DIFFRACTION' ? 4.344  8.214  802  ? r_scbond_other                 ? ? 
'X-RAY DIFFRACTION' ? 6.791  12.181 1176 ? r_scangle_it                   ? ? 
'X-RAY DIFFRACTION' ? 6.788  12.180 1177 ? r_scangle_other                ? ? 
'X-RAY DIFFRACTION' ? 10.661 99.072 1929 ? r_lrange_it                    ? ? 
'X-RAY DIFFRACTION' ? 10.665 99.070 1928 ? r_lrange_other                 ? ? 
# 
loop_
_refine_ls_shell.pdbx_refine_id 
_refine_ls_shell.d_res_high 
_refine_ls_shell.d_res_low 
_refine_ls_shell.number_reflns_all 
_refine_ls_shell.number_reflns_obs 
_refine_ls_shell.number_reflns_R_free 
_refine_ls_shell.number_reflns_R_work 
_refine_ls_shell.percent_reflns_obs 
_refine_ls_shell.percent_reflns_R_free 
_refine_ls_shell.R_factor_all 
_refine_ls_shell.R_factor_obs 
_refine_ls_shell.R_factor_R_free 
_refine_ls_shell.R_factor_R_free_error 
_refine_ls_shell.R_factor_R_work 
_refine_ls_shell.redundancy_reflns_all 
_refine_ls_shell.redundancy_reflns_obs 
_refine_ls_shell.wR_factor_all 
_refine_ls_shell.wR_factor_obs 
_refine_ls_shell.wR_factor_R_free 
_refine_ls_shell.wR_factor_R_work 
_refine_ls_shell.pdbx_R_complete 
_refine_ls_shell.pdbx_total_number_of_bins_used 
_refine_ls_shell.pdbx_phase_error 
_refine_ls_shell.pdbx_fsc_work 
_refine_ls_shell.pdbx_fsc_free 
'X-RAY DIFFRACTION' 2.380 2.441  813 . 43 768 99.7540  . 0.396 . 0.414 . 0.395 . . . . . 0.365 . 20 . 0.632 0.670 
'X-RAY DIFFRACTION' 2.441 2.507  827 . 44 781 99.7582  . 0.348 . 0.328 . 0.349 . . . . . 0.337 . 20 . 0.732 0.702 
'X-RAY DIFFRACTION' 2.507 2.578  773 . 42 731 100.0000 . 0.314 . 0.414 . 0.308 . . . . . 0.280 . 20 . 0.787 0.718 
'X-RAY DIFFRACTION' 2.578 2.656  770 . 35 733 99.7403  . 0.321 . 0.361 . 0.319 . . . . . 0.282 . 20 . 0.819 0.750 
'X-RAY DIFFRACTION' 2.656 2.741  726 . 41 680 99.3113  . 0.300 . 0.369 . 0.296 . . . . . 0.263 . 20 . 0.849 0.832 
'X-RAY DIFFRACTION' 2.741 2.835  723 . 34 688 99.8617  . 0.332 . 0.353 . 0.331 . . . . . 0.301 . 20 . 0.860 0.857 
'X-RAY DIFFRACTION' 2.835 2.940  680 . 37 639 99.4118  . 0.297 . 0.278 . 0.298 . . . . . 0.255 . 20 . 0.868 0.892 
'X-RAY DIFFRACTION' 2.940 3.056  692 . 29 656 98.9884  . 0.266 . 0.336 . 0.263 . . . . . 0.245 . 20 . 0.886 0.846 
'X-RAY DIFFRACTION' 3.056 3.189  632 . 22 599 98.2595  . 0.289 . 0.321 . 0.288 . . . . . 0.269 . 20 . 0.857 0.869 
'X-RAY DIFFRACTION' 3.189 3.339  612 . 18 571 96.2418  . 0.317 . 0.248 . 0.319 . . . . . 0.297 . 20 . 0.843 0.892 
'X-RAY DIFFRACTION' 3.339 3.514  587 . 31 535 96.4225  . 0.297 . 0.315 . 0.296 . . . . . 0.286 . 20 . 0.868 0.842 
'X-RAY DIFFRACTION' 3.514 3.719  566 . 23 538 99.1166  . 0.302 . 0.337 . 0.301 . . . . . 0.300 . 20 . 0.886 0.892 
'X-RAY DIFFRACTION' 3.719 3.965  511 . 30 458 95.4990  . 0.246 . 0.232 . 0.247 . . . . . 0.258 . 20 . 0.905 0.912 
'X-RAY DIFFRACTION' 3.965 4.266  503 . 27 466 98.0119  . 0.257 . 0.310 . 0.255 . . . . . 0.275 . 20 . 0.909 0.885 
'X-RAY DIFFRACTION' 4.266 4.650  458 . 20 431 98.4716  . 0.205 . 0.276 . 0.201 . . . . . 0.232 . 20 . 0.938 0.928 
'X-RAY DIFFRACTION' 4.650 5.159  430 . 23 403 99.0698  . 0.189 . 0.235 . 0.187 . . . . . 0.224 . 20 . 0.944 0.930 
'X-RAY DIFFRACTION' 5.159 5.884  368 . 13 353 99.4565  . 0.200 . 0.184 . 0.201 . . . . . 0.245 . 20 . 0.946 0.935 
'X-RAY DIFFRACTION' 5.884 7.036  331 . 14 317 100.0000 . 0.228 . 0.300 . 0.225 . . . . . 0.286 . 20 . 0.930 0.924 
'X-RAY DIFFRACTION' 7.036 9.319  272 . 8  264 100.0000 . 0.172 . 0.093 . 0.175 . . . . . 0.228 . 20 . 0.961 0.985 
'X-RAY DIFFRACTION' 9.319 18.800 187 . 7  180 100.0000 . 0.183 . 0.289 . 0.179 . . . . . 0.225 . 20 . 0.968 0.948 
# 
_struct.entry_id                     7D6P 
_struct.title                        
;X-ray structure of the intermolecular complex of Clostridium perfringens sortase C with the C-terminal cell wall sorting signal motif.
;
_struct.pdbx_model_details           ? 
_struct.pdbx_formula_weight          ? 
_struct.pdbx_formula_weight_method   ? 
_struct.pdbx_model_type_details      ? 
_struct.pdbx_CASP_flag               N 
# 
_struct_keywords.entry_id        7D6P 
_struct_keywords.text            'cysteine transpeptidase, complex, TRANSFERASE' 
_struct_keywords.pdbx_keywords   TRANSFERASE 
# 
loop_
_struct_asym.id 
_struct_asym.pdbx_blank_PDB_chainid_flag 
_struct_asym.pdbx_modified 
_struct_asym.entity_id 
_struct_asym.details 
A N N 1 ? 
B N N 2 ? 
C N N 3 ? 
D N N 4 ? 
# 
loop_
_struct_conf.conf_type_id 
_struct_conf.id 
_struct_conf.pdbx_PDB_helix_id 
_struct_conf.beg_label_comp_id 
_struct_conf.beg_label_asym_id 
_struct_conf.beg_label_seq_id 
_struct_conf.pdbx_beg_PDB_ins_code 
_struct_conf.end_label_comp_id 
_struct_conf.end_label_asym_id 
_struct_conf.end_label_seq_id 
_struct_conf.pdbx_end_PDB_ins_code 
_struct_conf.beg_auth_comp_id 
_struct_conf.beg_auth_asym_id 
_struct_conf.beg_auth_seq_id 
_struct_conf.end_auth_comp_id 
_struct_conf.end_auth_asym_id 
_struct_conf.end_auth_seq_id 
_struct_conf.pdbx_PDB_helix_class 
_struct_conf.details 
_struct_conf.pdbx_PDB_helix_length 
HELX_P HELX_P1 AA1 ALA A 23  ? ASN A 36  ? ALA A 46  ASN A 59  1 ? 14 
HELX_P HELX_P2 AA2 LYS A 38  ? ASN A 58  ? LYS A 61  ASN A 81  1 ? 21 
HELX_P HELX_P3 AA3 PRO A 66  ? ASN A 70  ? PRO A 89  ASN A 93  5 ? 5  
HELX_P HELX_P4 AA4 PRO A 83  ? ASN A 86  ? PRO A 106 ASN A 109 5 ? 4  
HELX_P HELX_P5 AA5 LYS A 133 ? LYS A 140 ? LYS A 156 LYS A 163 1 ? 8  
HELX_P HELX_P6 AA6 ILE A 171 ? LYS A 175 ? ILE A 194 LYS A 198 5 ? 5  
# 
_struct_conf_type.id          HELX_P 
_struct_conf_type.criteria    ? 
_struct_conf_type.reference   ? 
# 
_struct_sheet.id               AA1 
_struct_sheet.type             ? 
_struct_sheet.number_strands   9 
_struct_sheet.details          ? 
# 
loop_
_struct_sheet_order.sheet_id 
_struct_sheet_order.range_id_1 
_struct_sheet_order.range_id_2 
_struct_sheet_order.offset 
_struct_sheet_order.sense 
AA1 1 2 ? anti-parallel 
AA1 2 3 ? parallel      
AA1 3 4 ? anti-parallel 
AA1 4 5 ? parallel      
AA1 5 6 ? anti-parallel 
AA1 6 7 ? anti-parallel 
AA1 7 8 ? anti-parallel 
AA1 8 9 ? anti-parallel 
# 
loop_
_struct_sheet_range.sheet_id 
_struct_sheet_range.id 
_struct_sheet_range.beg_label_comp_id 
_struct_sheet_range.beg_label_asym_id 
_struct_sheet_range.beg_label_seq_id 
_struct_sheet_range.pdbx_beg_PDB_ins_code 
_struct_sheet_range.end_label_comp_id 
_struct_sheet_range.end_label_asym_id 
_struct_sheet_range.end_label_seq_id 
_struct_sheet_range.pdbx_end_PDB_ins_code 
_struct_sheet_range.beg_auth_comp_id 
_struct_sheet_range.beg_auth_asym_id 
_struct_sheet_range.beg_auth_seq_id 
_struct_sheet_range.end_auth_comp_id 
_struct_sheet_range.end_auth_asym_id 
_struct_sheet_range.end_auth_seq_id 
AA1 1 VAL A 76  ? ILE A 82  ? VAL A 99  ILE A 105 
AA1 2 ILE A 87  ? TYR A 93  ? ILE A 110 TYR A 116 
AA1 3 VAL A 104 ? VAL A 106 ? VAL A 127 VAL A 129 
AA1 4 THR A 119 ? ALA A 125 ? THR A 142 ALA A 148 
AA1 5 ASP A 181 ? CYS A 188 ? ASP A 204 CYS A 211 
AA1 6 ARG A 197 ? THR A 205 ? ARG A 220 THR A 228 
AA1 7 LYS A 154 ? VAL A 166 ? LYS A 177 VAL A 189 
AA1 8 VAL A 146 ? ILE A 151 ? VAL A 169 ILE A 174 
AA1 9 VAL A 76  ? ILE A 82  ? VAL A 99  ILE A 105 
# 
loop_
_pdbx_struct_sheet_hbond.sheet_id 
_pdbx_struct_sheet_hbond.range_id_1 
_pdbx_struct_sheet_hbond.range_id_2 
_pdbx_struct_sheet_hbond.range_1_label_atom_id 
_pdbx_struct_sheet_hbond.range_1_label_comp_id 
_pdbx_struct_sheet_hbond.range_1_label_asym_id 
_pdbx_struct_sheet_hbond.range_1_label_seq_id 
_pdbx_struct_sheet_hbond.range_1_PDB_ins_code 
_pdbx_struct_sheet_hbond.range_1_auth_atom_id 
_pdbx_struct_sheet_hbond.range_1_auth_comp_id 
_pdbx_struct_sheet_hbond.range_1_auth_asym_id 
_pdbx_struct_sheet_hbond.range_1_auth_seq_id 
_pdbx_struct_sheet_hbond.range_2_label_atom_id 
_pdbx_struct_sheet_hbond.range_2_label_comp_id 
_pdbx_struct_sheet_hbond.range_2_label_asym_id 
_pdbx_struct_sheet_hbond.range_2_label_seq_id 
_pdbx_struct_sheet_hbond.range_2_PDB_ins_code 
_pdbx_struct_sheet_hbond.range_2_auth_atom_id 
_pdbx_struct_sheet_hbond.range_2_auth_comp_id 
_pdbx_struct_sheet_hbond.range_2_auth_asym_id 
_pdbx_struct_sheet_hbond.range_2_auth_seq_id 
AA1 1 2 N ILE A 82  ? N ILE A 105 O ILE A 87  ? O ILE A 110 
AA1 2 3 N TYR A 92  ? N TYR A 115 O VAL A 104 ? O VAL A 127 
AA1 3 4 N GLY A 105 ? N GLY A 128 O SER A 124 ? O SER A 147 
AA1 4 5 N LEU A 123 ? N LEU A 146 O THR A 184 ? O THR A 207 
AA1 5 6 N VAL A 183 ? N VAL A 206 O GLY A 202 ? O GLY A 225 
AA1 6 7 O LEU A 199 ? O LEU A 222 N LYS A 164 ? N LYS A 187 
AA1 7 8 O LEU A 156 ? O LEU A 179 N LEU A 149 ? N LEU A 172 
AA1 8 9 O HIS A 150 ? O HIS A 173 N TYR A 79  ? N TYR A 102 
# 
_atom_sites.entry_id                    7D6P 
_atom_sites.Cartn_transf_matrix[1][1]   ? 
_atom_sites.Cartn_transf_matrix[1][2]   ? 
_atom_sites.Cartn_transf_matrix[1][3]   ? 
_atom_sites.Cartn_transf_matrix[2][1]   ? 
_atom_sites.Cartn_transf_matrix[2][2]   ? 
_atom_sites.Cartn_transf_matrix[2][3]   ? 
_atom_sites.Cartn_transf_matrix[3][1]   ? 
_atom_sites.Cartn_transf_matrix[3][2]   ? 
_atom_sites.Cartn_transf_matrix[3][3]   ? 
_atom_sites.Cartn_transf_vector[1]      ? 
_atom_sites.Cartn_transf_vector[2]      ? 
_atom_sites.Cartn_transf_vector[3]      ? 
_atom_sites.fract_transf_matrix[1][1]   -0.00113562 
_atom_sites.fract_transf_matrix[1][2]   -0.00436645 
_atom_sites.fract_transf_matrix[1][3]   -0.01012024 
_atom_sites.fract_transf_matrix[2][1]   -0.00425335 
_atom_sites.fract_transf_matrix[2][2]   0.00609535 
_atom_sites.fract_transf_matrix[2][3]   -0.00821853 
_atom_sites.fract_transf_matrix[3][1]   0.02045071 
_atom_sites.fract_transf_matrix[3][2]   0.00706587 
_atom_sites.fract_transf_matrix[3][3]   -0.00534344 
_atom_sites.fract_transf_vector[1]      0.147482 
_atom_sites.fract_transf_vector[2]      0.461143 
_atom_sites.fract_transf_vector[3]      0.160939 
_atom_sites.solution_primary            ? 
_atom_sites.solution_secondary          ? 
_atom_sites.solution_hydrogens          ? 
_atom_sites.special_details             ? 
# 
loop_
_atom_type.symbol 
_atom_type.pdbx_scat_Z 
_atom_type.pdbx_N_electrons 
_atom_type.scat_Cromer_Mann_a1 
_atom_type.scat_Cromer_Mann_b1 
_atom_type.scat_Cromer_Mann_a2 
_atom_type.scat_Cromer_Mann_b2 
_atom_type.scat_Cromer_Mann_a3 
_atom_type.scat_Cromer_Mann_b3 
_atom_type.scat_Cromer_Mann_a4 
_atom_type.scat_Cromer_Mann_b4 
_atom_type.scat_Cromer_Mann_c 
C 6  6  2.310  20.844 1.020 10.208 1.589 0.569  0.865 51.651 0.216   
H 1  1  0.493  10.511 0.323 26.126 0.140 3.142  0.041 57.800 0.003   
N 7  7  12.222 0.006  3.135 9.893  2.014 28.997 1.167 0.583  -11.538 
O 8  8  3.049  13.277 2.287 5.701  1.546 0.324  0.867 32.909 0.251   
S 16 16 6.905  1.468  5.203 22.215 1.438 0.254  1.586 56.172 1.184   
# 
loop_
_atom_site.group_PDB 
_atom_site.id 
_atom_site.type_symbol 
_atom_site.label_atom_id 
_atom_site.label_alt_id 
_atom_site.label_comp_id 
_atom_site.label_asym_id 
_atom_site.label_entity_id 
_atom_site.label_seq_id 
_atom_site.pdbx_PDB_ins_code 
_atom_site.Cartn_x 
_atom_site.Cartn_y 
_atom_site.Cartn_z 
_atom_site.occupancy 
_atom_site.B_iso_or_equiv 
_atom_site.pdbx_formal_charge 
_atom_site.auth_seq_id 
_atom_site.auth_comp_id 
_atom_site.auth_asym_id 
_atom_site.auth_atom_id 
_atom_site.pdbx_PDB_model_num 
_atom_site.calc_flag 
ATOM   1    N N   . ALA A 1 23  ? 3.338   -15.766 -4.981  1.000 112.546 ? 46  ALA A N   1 ? 
ATOM   2    C CA  . ALA A 1 23  ? 2.729   -16.510 -3.809  1.000 121.968 ? 46  ALA A CA  1 ? 
ATOM   3    C C   . ALA A 1 23  ? 3.506   -16.173 -2.518  1.000 126.372 ? 46  ALA A C   1 ? 
ATOM   4    O O   . ALA A 1 23  ? 3.947   -15.006 -2.393  1.000 112.762 ? 46  ALA A O   1 ? 
ATOM   5    C CB  . ALA A 1 23  ? 2.680   -17.999 -4.116  1.000 122.486 ? 46  ALA A CB  1 ? 
ATOM   6    N N   . VAL A 1 24  ? 3.670   -17.139 -1.595  1.000 130.788 ? 47  VAL A N   1 ? 
ATOM   7    C CA  . VAL A 1 24  ? 4.405   -16.991 -0.293  1.000 127.484 ? 47  VAL A CA  1 ? 
ATOM   8    C C   . VAL A 1 24  ? 5.915   -17.227 -0.515  1.000 119.899 ? 47  VAL A C   1 ? 
ATOM   9    O O   . VAL A 1 24  ? 6.681   -17.015 0.444   1.000 120.500 ? 47  VAL A O   1 ? 
ATOM   10   C CB  . VAL A 1 24  ? 3.801   -17.905 0.807   1.000 125.474 ? 47  VAL A CB  1 ? 
ATOM   11   C CG1 . VAL A 1 24  ? 4.109   -19.392 0.595   1.000 124.673 ? 47  VAL A CG1 1 ? 
ATOM   12   C CG2 . VAL A 1 24  ? 4.182   -17.459 2.224   1.000 124.899 ? 47  VAL A CG2 1 ? 
ATOM   13   N N   . SER A 1 25  ? 6.333   -17.634 -1.727  1.000 112.149 ? 48  SER A N   1 ? 
ATOM   14   C CA  . SER A 1 25  ? 7.755   -17.777 -2.160  1.000 103.947 ? 48  SER A CA  1 ? 
ATOM   15   C C   . SER A 1 25  ? 8.369   -16.388 -2.410  1.000 97.702  ? 48  SER A C   1 ? 
ATOM   16   O O   . SER A 1 25  ? 9.551   -16.196 -2.042  1.000 92.935  ? 48  SER A O   1 ? 
ATOM   17   C CB  . SER A 1 25  ? 7.874   -18.677 -3.382  1.000 100.052 ? 48  SER A CB  1 ? 
ATOM   18   O OG  . SER A 1 25  ? 9.233   -18.879 -3.750  1.000 99.933  ? 48  SER A OG  1 ? 
ATOM   19   N N   . THR A 1 26  ? 7.605   -15.463 -3.016  1.000 89.085  ? 49  THR A N   1 ? 
ATOM   20   C CA  . THR A 1 26  ? 7.984   -14.035 -3.247  1.000 91.683  ? 49  THR A CA  1 ? 
ATOM   21   C C   . THR A 1 26  ? 8.084   -13.314 -1.889  1.000 89.959  ? 49  THR A C   1 ? 
ATOM   22   O O   . THR A 1 26  ? 9.082   -12.587 -1.690  1.000 85.278  ? 49  THR A O   1 ? 
ATOM   23   C CB  . THR A 1 26  ? 7.008   -13.330 -4.208  1.000 91.215  ? 49  THR A CB  1 ? 
ATOM   24   O OG1 . THR A 1 26  ? 6.945   -14.075 -5.426  1.000 87.304  ? 49  THR A OG1 1 ? 
ATOM   25   C CG2 . THR A 1 26  ? 7.390   -11.901 -4.541  1.000 88.914  ? 49  THR A CG2 1 ? 
ATOM   26   N N   . ILE A 1 27  ? 7.101   -13.526 -0.996  1.000 87.361  ? 50  ILE A N   1 ? 
ATOM   27   C CA  . ILE A 1 27  ? 7.012   -12.908 0.368   1.000 87.236  ? 50  ILE A CA  1 ? 
ATOM   28   C C   . ILE A 1 27  ? 8.160   -13.461 1.226   1.000 89.247  ? 50  ILE A C   1 ? 
ATOM   29   O O   . ILE A 1 27  ? 8.816   -12.653 1.918   1.000 90.195  ? 50  ILE A O   1 ? 
ATOM   30   C CB  . ILE A 1 27  ? 5.625   -13.145 1.022   1.000 86.189  ? 50  ILE A CB  1 ? 
ATOM   31   C CG1 . ILE A 1 27  ? 4.499   -12.463 0.228   1.000 80.868  ? 50  ILE A CG1 1 ? 
ATOM   32   C CG2 . ILE A 1 27  ? 5.623   -12.730 2.501   1.000 88.995  ? 50  ILE A CG2 1 ? 
ATOM   33   C CD1 . ILE A 1 27  ? 3.090   -12.740 0.729   1.000 80.243  ? 50  ILE A CD1 1 ? 
ATOM   34   N N   . SER A 1 28  ? 8.365   -14.785 1.195   1.000 91.225  ? 51  SER A N   1 ? 
ATOM   35   C CA  . SER A 1 28  ? 9.510   -15.499 1.825   1.000 89.829  ? 51  SER A CA  1 ? 
ATOM   36   C C   . SER A 1 28  ? 10.830  -14.934 1.274   1.000 90.031  ? 51  SER A C   1 ? 
ATOM   37   O O   . SER A 1 28  ? 11.704  -14.597 2.104   1.000 92.753  ? 51  SER A O   1 ? 
ATOM   38   C CB  . SER A 1 28  ? 9.408   -16.999 1.621   1.000 94.661  ? 51  SER A CB  1 ? 
ATOM   39   O OG  . SER A 1 28  ? 10.564  -17.669 2.103   1.000 97.270  ? 51  SER A OG  1 ? 
ATOM   40   N N   . ASP A 1 29  ? 10.952  -14.795 -0.060  1.000 80.314  ? 52  ASP A N   1 ? 
ATOM   41   C CA  . ASP A 1 29  ? 12.193  -14.330 -0.747  1.000 81.079  ? 52  ASP A CA  1 ? 
ATOM   42   C C   . ASP A 1 29  ? 12.407  -12.822 -0.520  1.000 79.750  ? 52  ASP A C   1 ? 
ATOM   43   O O   . ASP A 1 29  ? 13.571  -12.378 -0.630  1.000 78.977  ? 52  ASP A O   1 ? 
ATOM   44   C CB  . ASP A 1 29  ? 12.201  -14.655 -2.246  1.000 82.087  ? 52  ASP A CB  1 ? 
ATOM   45   C CG  . ASP A 1 29  ? 13.473  -14.187 -2.940  1.000 86.260  ? 52  ASP A CG  1 ? 
ATOM   46   O OD1 . ASP A 1 29  ? 13.404  -13.183 -3.689  1.000 87.784  ? 52  ASP A OD1 1 ? 
ATOM   47   O OD2 . ASP A 1 29  ? 14.536  -14.791 -2.675  1.000 83.384  ? 52  ASP A OD2 1 ? 
ATOM   48   N N   . TYR A 1 30  ? 11.347  -12.052 -0.239  1.000 77.990  ? 53  TYR A N   1 ? 
ATOM   49   C CA  . TYR A 1 30  ? 11.455  -10.628 0.199   1.000 77.811  ? 53  TYR A CA  1 ? 
ATOM   50   C C   . TYR A 1 30  ? 11.956  -10.601 1.652   1.000 80.972  ? 53  TYR A C   1 ? 
ATOM   51   O O   . TYR A 1 30  ? 12.940  -9.884  1.925   1.000 76.417  ? 53  TYR A O   1 ? 
ATOM   52   C CB  . TYR A 1 30  ? 10.130  -9.864  0.058   1.000 76.741  ? 53  TYR A CB  1 ? 
ATOM   53   C CG  . TYR A 1 30  ? 10.040  -8.632  0.931   1.000 75.356  ? 53  TYR A CG  1 ? 
ATOM   54   C CD1 . TYR A 1 30  ? 10.682  -7.447  0.587   1.000 73.855  ? 53  TYR A CD1 1 ? 
ATOM   55   C CD2 . TYR A 1 30  ? 9.365   -8.665  2.146   1.000 76.249  ? 53  TYR A CD2 1 ? 
ATOM   56   C CE1 . TYR A 1 30  ? 10.621  -6.326  1.404   1.000 76.409  ? 53  TYR A CE1 1 ? 
ATOM   57   C CE2 . TYR A 1 30  ? 9.299   -7.554  2.973   1.000 76.246  ? 53  TYR A CE2 1 ? 
ATOM   58   C CZ  . TYR A 1 30  ? 9.925   -6.378  2.602   1.000 72.123  ? 53  TYR A CZ  1 ? 
ATOM   59   O OH  . TYR A 1 30  ? 9.856   -5.289  3.420   1.000 73.828  ? 53  TYR A OH  1 ? 
ATOM   60   N N   . THR A 1 31  ? 11.286  -11.352 2.543   1.000 82.055  ? 54  THR A N   1 ? 
ATOM   61   C CA  . THR A 1 31  ? 11.572  -11.452 4.007   1.000 85.843  ? 54  THR A CA  1 ? 
ATOM   62   C C   . THR A 1 31  ? 13.042  -11.840 4.224   1.000 88.725  ? 54  THR A C   1 ? 
ATOM   63   O O   . THR A 1 31  ? 13.676  -11.244 5.113   1.000 94.484  ? 54  THR A O   1 ? 
ATOM   64   C CB  . THR A 1 31  ? 10.583  -12.413 4.688   1.000 86.793  ? 54  THR A CB  1 ? 
ATOM   65   O OG1 . THR A 1 31  ? 9.305   -11.780 4.624   1.000 81.242  ? 54  THR A OG1 1 ? 
ATOM   66   C CG2 . THR A 1 31  ? 10.909  -12.740 6.131   1.000 88.086  ? 54  THR A CG2 1 ? 
ATOM   67   N N   . GLU A 1 32  ? 13.557  -12.784 3.426   1.000 101.589 ? 55  GLU A N   1 ? 
ATOM   68   C CA  . GLU A 1 32  ? 14.953  -13.307 3.498   1.000 105.630 ? 55  GLU A CA  1 ? 
ATOM   69   C C   . GLU A 1 32  ? 15.912  -12.148 3.181   1.000 97.503  ? 55  GLU A C   1 ? 
ATOM   70   O O   . GLU A 1 32  ? 16.689  -11.770 4.079   1.000 97.336  ? 55  GLU A O   1 ? 
ATOM   71   C CB  . GLU A 1 32  ? 15.116  -14.516 2.558   1.000 116.325 ? 55  GLU A CB  1 ? 
ATOM   72   C CG  . GLU A 1 32  ? 16.302  -15.439 2.865   1.000 124.906 ? 55  GLU A CG  1 ? 
ATOM   73   C CD  . GLU A 1 32  ? 17.687  -15.017 2.385   1.000 128.651 ? 55  GLU A CD  1 ? 
ATOM   74   O OE1 . GLU A 1 32  ? 17.788  -14.089 1.549   1.000 123.996 ? 55  GLU A OE1 1 ? 
ATOM   75   O OE2 . GLU A 1 32  ? 18.673  -15.637 2.843   1.000 130.870 ? 55  GLU A OE2 1 ? 
ATOM   76   N N   . LYS A 1 33  ? 15.801  -11.573 1.976   1.000 97.676  ? 56  LYS A N   1 ? 
ATOM   77   C CA  . LYS A 1 33  ? 16.750  -10.573 1.399   1.000 99.288  ? 56  LYS A CA  1 ? 
ATOM   78   C C   . LYS A 1 33  ? 16.787  -9.313  2.282   1.000 88.824  ? 56  LYS A C   1 ? 
ATOM   79   O O   . LYS A 1 33  ? 17.903  -8.837  2.580   1.000 82.999  ? 56  LYS A O   1 ? 
ATOM   80   C CB  . LYS A 1 33  ? 16.365  -10.246 -0.054  1.000 110.557 ? 56  LYS A CB  1 ? 
ATOM   81   C CG  . LYS A 1 33  ? 17.399  -9.474  -0.878  1.000 120.723 ? 56  LYS A CG  1 ? 
ATOM   82   C CD  . LYS A 1 33  ? 17.066  -9.376  -2.380  1.000 125.609 ? 56  LYS A CD  1 ? 
ATOM   83   C CE  . LYS A 1 33  ? 18.231  -8.960  -3.263  1.000 129.031 ? 56  LYS A CE  1 ? 
ATOM   84   N NZ  . LYS A 1 33  ? 18.611  -7.533  -3.063  1.000 129.980 ? 56  LYS A NZ  1 ? 
ATOM   85   N N   . ILE A 1 34  ? 15.619  -8.806  2.702   1.000 84.249  ? 57  ILE A N   1 ? 
ATOM   86   C CA  . ILE A 1 34  ? 15.482  -7.502  3.428   1.000 86.064  ? 57  ILE A CA  1 ? 
ATOM   87   C C   . ILE A 1 34  ? 16.103  -7.620  4.833   1.000 82.502  ? 57  ILE A C   1 ? 
ATOM   88   O O   . ILE A 1 34  ? 16.828  -6.687  5.226   1.000 80.661  ? 57  ILE A O   1 ? 
ATOM   89   C CB  . ILE A 1 34  ? 14.010  -7.005  3.457   1.000 80.308  ? 57  ILE A CB  1 ? 
ATOM   90   C CG1 . ILE A 1 34  ? 13.906  -5.501  3.762   1.000 75.161  ? 57  ILE A CG1 1 ? 
ATOM   91   C CG2 . ILE A 1 34  ? 13.130  -7.841  4.394   1.000 80.576  ? 57  ILE A CG2 1 ? 
ATOM   92   C CD1 . ILE A 1 34  ? 14.361  -4.586  2.634   1.000 76.742  ? 57  ILE A CD1 1 ? 
ATOM   93   N N   . ASN A 1 35  ? 15.861  -8.731  5.547   1.000 85.630  ? 58  ASN A N   1 ? 
ATOM   94   C CA  . ASN A 1 35  ? 16.420  -8.988  6.906   1.000 88.960  ? 58  ASN A CA  1 ? 
ATOM   95   C C   . ASN A 1 35  ? 17.954  -9.098  6.843   1.000 87.997  ? 58  ASN A C   1 ? 
ATOM   96   O O   . ASN A 1 35  ? 18.575  -8.880  7.900   1.000 92.729  ? 58  ASN A O   1 ? 
ATOM   97   C CB  . ASN A 1 35  ? 15.797  -10.226 7.571   1.000 89.451  ? 58  ASN A CB  1 ? 
ATOM   98   C CG  . ASN A 1 35  ? 14.381  -10.009 8.068   1.000 92.655  ? 58  ASN A CG  1 ? 
ATOM   99   O OD1 . ASN A 1 35  ? 14.003  -8.899  8.441   1.000 93.545  ? 58  ASN A OD1 1 ? 
ATOM   100  N ND2 . ASN A 1 35  ? 13.595  -11.072 8.107   1.000 97.605  ? 58  ASN A ND2 1 ? 
ATOM   101  N N   . ASN A 1 36  ? 18.540  -9.405  5.671   1.000 88.825  ? 59  ASN A N   1 ? 
ATOM   102  C CA  . ASN A 1 36  ? 20.009  -9.583  5.462   1.000 94.453  ? 59  ASN A CA  1 ? 
ATOM   103  C C   . ASN A 1 36  ? 20.667  -8.261  5.036   1.000 94.032  ? 59  ASN A C   1 ? 
ATOM   104  O O   . ASN A 1 36  ? 21.903  -8.257  4.887   1.000 102.970 ? 59  ASN A O   1 ? 
ATOM   105  C CB  . ASN A 1 36  ? 20.315  -10.701 4.452   1.000 96.654  ? 59  ASN A CB  1 ? 
ATOM   106  C CG  . ASN A 1 36  ? 19.923  -12.086 4.934   1.000 100.354 ? 59  ASN A CG  1 ? 
ATOM   107  O OD1 . ASN A 1 36  ? 19.790  -12.324 6.135   1.000 94.937  ? 59  ASN A OD1 1 ? 
ATOM   108  N ND2 . ASN A 1 36  ? 19.751  -13.012 4.003   1.000 102.483 ? 59  ASN A ND2 1 ? 
ATOM   109  N N   . VAL A 1 37  ? 19.898  -7.177  4.870   1.000 94.715  ? 60  VAL A N   1 ? 
ATOM   110  C CA  . VAL A 1 37  ? 20.428  -5.809  4.568   1.000 90.994  ? 60  VAL A CA  1 ? 
ATOM   111  C C   . VAL A 1 37  ? 20.807  -5.156  5.908   1.000 91.116  ? 60  VAL A C   1 ? 
ATOM   112  O O   . VAL A 1 37  ? 20.161  -5.485  6.923   1.000 90.748  ? 60  VAL A O   1 ? 
ATOM   113  C CB  . VAL A 1 37  ? 19.415  -4.953  3.771   1.000 94.575  ? 60  VAL A CB  1 ? 
ATOM   114  C CG1 . VAL A 1 37  ? 19.985  -3.590  3.364   1.000 98.501  ? 60  VAL A CG1 1 ? 
ATOM   115  C CG2 . VAL A 1 37  ? 18.866  -5.696  2.551   1.000 93.817  ? 60  VAL A CG2 1 ? 
ATOM   116  N N   . LYS A 1 38  ? 21.815  -4.272  5.911   1.000 90.867  ? 61  LYS A N   1 ? 
ATOM   117  C CA  . LYS A 1 38  ? 22.207  -3.458  7.098   1.000 90.392  ? 61  LYS A CA  1 ? 
ATOM   118  C C   . LYS A 1 38  ? 20.983  -2.632  7.534   1.000 87.893  ? 61  LYS A C   1 ? 
ATOM   119  O O   . LYS A 1 38  ? 20.334  -2.025  6.651   1.000 85.110  ? 61  LYS A O   1 ? 
ATOM   120  C CB  . LYS A 1 38  ? 23.418  -2.562  6.793   1.000 93.713  ? 61  LYS A CB  1 ? 
ATOM   121  C CG  . LYS A 1 38  ? 24.714  -3.266  6.377   1.000 95.851  ? 61  LYS A CG  1 ? 
ATOM   122  C CD  . LYS A 1 38  ? 25.610  -3.758  7.522   1.000 101.358 ? 61  LYS A CD  1 ? 
ATOM   123  C CE  . LYS A 1 38  ? 25.009  -4.859  8.385   1.000 102.513 ? 61  LYS A CE  1 ? 
ATOM   124  N NZ  . LYS A 1 38  ? 26.035  -5.570  9.196   1.000 101.124 ? 61  LYS A NZ  1 ? 
ATOM   125  N N   . ASP A 1 39  ? 20.668  -2.623  8.834   1.000 83.771  ? 62  ASP A N   1 ? 
ATOM   126  C CA  . ASP A 1 39  ? 19.476  -1.934  9.411   1.000 84.667  ? 62  ASP A CA  1 ? 
ATOM   127  C C   . ASP A 1 39  ? 19.556  -0.437  9.078   1.000 79.597  ? 62  ASP A C   1 ? 
ATOM   128  O O   . ASP A 1 39  ? 18.510  0.141   8.720   1.000 81.430  ? 62  ASP A O   1 ? 
ATOM   129  C CB  . ASP A 1 39  ? 19.352  -2.173  10.924  1.000 85.736  ? 62  ASP A CB  1 ? 
ATOM   130  C CG  . ASP A 1 39  ? 19.231  -3.631  11.346  1.000 87.607  ? 62  ASP A CG  1 ? 
ATOM   131  O OD1 . ASP A 1 39  ? 18.874  -4.471  10.495  1.000 92.323  ? 62  ASP A OD1 1 ? 
ATOM   132  O OD2 . ASP A 1 39  ? 19.492  -3.918  12.529  1.000 96.102  ? 62  ASP A OD2 1 ? 
ATOM   133  N N   . GLU A 1 40  ? 20.759  0.148   9.168   1.000 74.542  ? 63  GLU A N   1 ? 
ATOM   134  C CA  . GLU A 1 40  ? 21.055  1.588   8.899   1.000 76.537  ? 63  GLU A CA  1 ? 
ATOM   135  C C   . GLU A 1 40  ? 20.733  1.963   7.437   1.000 78.214  ? 63  GLU A C   1 ? 
ATOM   136  O O   . GLU A 1 40  ? 20.451  3.160   7.212   1.000 71.349  ? 63  GLU A O   1 ? 
ATOM   137  C CB  . GLU A 1 40  ? 22.514  1.923   9.251   1.000 77.836  ? 63  GLU A CB  1 ? 
ATOM   138  C CG  . GLU A 1 40  ? 23.568  1.157   8.448   1.000 85.413  ? 63  GLU A CG  1 ? 
ATOM   139  C CD  . GLU A 1 40  ? 25.028  1.441   8.780   1.000 92.157  ? 63  GLU A CD  1 ? 
ATOM   140  O OE1 . GLU A 1 40  ? 25.297  2.181   9.763   1.000 88.555  ? 63  GLU A OE1 1 ? 
ATOM   141  O OE2 . GLU A 1 40  ? 25.898  0.916   8.047   1.000 89.504  ? 63  GLU A OE2 1 ? 
ATOM   142  N N   . GLU A 1 41  ? 20.810  1.009   6.487   1.000 75.820  ? 64  GLU A N   1 ? 
ATOM   143  C CA  . GLU A 1 41  ? 20.520  1.220   5.032   1.000 76.157  ? 64  GLU A CA  1 ? 
ATOM   144  C C   . GLU A 1 41  ? 18.999  1.229   4.818   1.000 64.818  ? 64  GLU A C   1 ? 
ATOM   145  O O   . GLU A 1 41  ? 18.514  2.091   4.071   1.000 68.483  ? 64  GLU A O   1 ? 
ATOM   146  C CB  . GLU A 1 41  ? 21.212  0.164   4.152   1.000 85.679  ? 64  GLU A CB  1 ? 
ATOM   147  C CG  . GLU A 1 41  ? 22.736  0.303   4.083   1.000 90.838  ? 64  GLU A CG  1 ? 
ATOM   148  C CD  . GLU A 1 41  ? 23.451  -0.688  3.171   1.000 98.932  ? 64  GLU A CD  1 ? 
ATOM   149  O OE1 . GLU A 1 41  ? 24.013  -0.254  2.141   1.000 105.756 ? 64  GLU A OE1 1 ? 
ATOM   150  O OE2 . GLU A 1 41  ? 23.450  -1.895  3.489   1.000 107.424 ? 64  GLU A OE2 1 ? 
ATOM   151  N N   . VAL A 1 42  ? 18.273  0.326   5.482   1.000 62.078  ? 65  VAL A N   1 ? 
ATOM   152  C CA  . VAL A 1 42  ? 16.778  0.300   5.507   1.000 66.871  ? 65  VAL A CA  1 ? 
ATOM   153  C C   . VAL A 1 42  ? 16.274  1.599   6.170   1.000 67.210  ? 65  VAL A C   1 ? 
ATOM   154  O O   . VAL A 1 42  ? 15.337  2.203   5.612   1.000 63.808  ? 65  VAL A O   1 ? 
ATOM   155  C CB  . VAL A 1 42  ? 16.238  -0.971  6.198   1.000 66.439  ? 65  VAL A CB  1 ? 
ATOM   156  C CG1 . VAL A 1 42  ? 14.708  -0.982  6.290   1.000 68.226  ? 65  VAL A CG1 1 ? 
ATOM   157  C CG2 . VAL A 1 42  ? 16.751  -2.245  5.516   1.000 67.167  ? 65  VAL A CG2 1 ? 
ATOM   158  N N   . ASP A 1 43  ? 16.899  2.046   7.273   1.000 62.925  ? 66  ASP A N   1 ? 
ATOM   159  C CA  . ASP A 1 43  ? 16.503  3.277   8.022   1.000 62.824  ? 66  ASP A CA  1 ? 
ATOM   160  C C   . ASP A 1 43  ? 16.650  4.490   7.092   1.000 59.391  ? 66  ASP A C   1 ? 
ATOM   161  O O   . ASP A 1 43  ? 15.720  5.308   7.062   1.000 57.818  ? 66  ASP A O   1 ? 
ATOM   162  C CB  . ASP A 1 43  ? 17.289  3.460   9.331   1.000 63.316  ? 66  ASP A CB  1 ? 
ATOM   163  C CG  . ASP A 1 43  ? 17.098  2.347   10.356  1.000 67.896  ? 66  ASP A CG  1 ? 
ATOM   164  O OD1 . ASP A 1 43  ? 15.984  1.781   10.411  1.000 65.161  ? 66  ASP A OD1 1 ? 
ATOM   165  O OD2 . ASP A 1 43  ? 18.071  2.043   11.088  1.000 70.202  ? 66  ASP A OD2 1 ? 
ATOM   166  N N   . ASP A 1 44  ? 17.749  4.571   6.333   1.000 60.773  ? 67  ASP A N   1 ? 
ATOM   167  C CA  . ASP A 1 44  ? 18.034  5.673   5.369   1.000 60.251  ? 67  ASP A CA  1 ? 
ATOM   168  C C   . ASP A 1 44  ? 17.028  5.628   4.214   1.000 55.170  ? 67  ASP A C   1 ? 
ATOM   169  O O   . ASP A 1 44  ? 16.561  6.713   3.815   1.000 57.062  ? 67  ASP A O   1 ? 
ATOM   170  C CB  . ASP A 1 44  ? 19.466  5.618   4.823   1.000 63.404  ? 67  ASP A CB  1 ? 
ATOM   171  C CG  . ASP A 1 44  ? 20.544  5.893   5.858   1.000 72.868  ? 67  ASP A CG  1 ? 
ATOM   172  O OD1 . ASP A 1 44  ? 21.720  5.618   5.552   1.000 83.911  ? 67  ASP A OD1 1 ? 
ATOM   173  O OD2 . ASP A 1 44  ? 20.202  6.366   6.968   1.000 69.016  ? 67  ASP A OD2 1 ? 
ATOM   174  N N   . LEU A 1 45  ? 16.727  4.436   3.685   1.000 55.712  ? 68  LEU A N   1 ? 
ATOM   175  C CA  . LEU A 1 45  ? 15.731  4.256   2.591   1.000 60.693  ? 68  LEU A CA  1 ? 
ATOM   176  C C   . LEU A 1 45  ? 14.358  4.741   3.088   1.000 60.487  ? 68  LEU A C   1 ? 
ATOM   177  O O   . LEU A 1 45  ? 13.725  5.543   2.376   1.000 56.360  ? 68  LEU A O   1 ? 
ATOM   178  C CB  . LEU A 1 45  ? 15.704  2.788   2.135   1.000 62.469  ? 68  LEU A CB  1 ? 
ATOM   179  C CG  . LEU A 1 45  ? 14.698  2.433   1.027   1.000 59.315  ? 68  LEU A CG  1 ? 
ATOM   180  C CD1 . LEU A 1 45  ? 14.759  3.421   -0.138  1.000 57.102  ? 68  LEU A CD1 1 ? 
ATOM   181  C CD2 . LEU A 1 45  ? 14.895  0.996   0.533   1.000 59.931  ? 68  LEU A CD2 1 ? 
ATOM   182  N N   . ILE A 1 46  ? 13.944  4.330   4.296   1.000 63.673  ? 69  ILE A N   1 ? 
ATOM   183  C CA  . ILE A 1 46  ? 12.663  4.774   4.936   1.000 62.347  ? 69  ILE A CA  1 ? 
ATOM   184  C C   . ILE A 1 46  ? 12.670  6.310   5.025   1.000 62.873  ? 69  ILE A C   1 ? 
ATOM   185  O O   . ILE A 1 46  ? 11.648  6.936   4.631   1.000 60.285  ? 69  ILE A O   1 ? 
ATOM   186  C CB  . ILE A 1 46  ? 12.453  4.095   6.313   1.000 66.250  ? 69  ILE A CB  1 ? 
ATOM   187  C CG1 . ILE A 1 46  ? 12.194  2.585   6.175   1.000 65.346  ? 69  ILE A CG1 1 ? 
ATOM   188  C CG2 . ILE A 1 46  ? 11.362  4.789   7.140   1.000 63.261  ? 69  ILE A CG2 1 ? 
ATOM   189  C CD1 . ILE A 1 46  ? 10.916  2.223   5.452   1.000 68.364  ? 69  ILE A CD1 1 ? 
ATOM   190  N N   . LYS A 1 47  ? 13.789  6.887   5.485   1.000 59.926  ? 70  LYS A N   1 ? 
ATOM   191  C CA  . LYS A 1 47  ? 13.989  8.357   5.623   1.000 59.356  ? 70  LYS A CA  1 ? 
ATOM   192  C C   . LYS A 1 47  ? 13.856  9.031   4.246   1.000 59.137  ? 70  LYS A C   1 ? 
ATOM   193  O O   . LYS A 1 47  ? 13.259  10.126  4.185   1.000 57.676  ? 70  LYS A O   1 ? 
ATOM   194  C CB  . LYS A 1 47  ? 15.330  8.675   6.297   1.000 61.692  ? 70  LYS A CB  1 ? 
ATOM   195  C CG  . LYS A 1 47  ? 15.686  10.163  6.433   1.000 64.613  ? 70  LYS A CG  1 ? 
ATOM   196  C CD  . LYS A 1 47  ? 16.609  10.729  5.365   1.000 64.656  ? 70  LYS A CD  1 ? 
ATOM   197  C CE  . LYS A 1 47  ? 18.023  10.171  5.429   1.000 66.529  ? 70  LYS A CE  1 ? 
ATOM   198  N NZ  . LYS A 1 47  ? 18.924  10.865  4.475   1.000 64.881  ? 70  LYS A NZ  1 ? 
ATOM   199  N N   . ASN A 1 48  ? 14.382  8.418   3.178   1.000 59.106  ? 71  ASN A N   1 ? 
ATOM   200  C CA  . ASN A 1 48  ? 14.346  8.992   1.803   1.000 58.738  ? 71  ASN A CA  1 ? 
ATOM   201  C C   . ASN A 1 48  ? 12.921  8.859   1.236   1.000 59.746  ? 71  ASN A C   1 ? 
ATOM   202  O O   . ASN A 1 48  ? 12.437  9.851   0.645   1.000 56.327  ? 71  ASN A O   1 ? 
ATOM   203  C CB  . ASN A 1 48  ? 15.403  8.366   0.887   1.000 62.570  ? 71  ASN A CB  1 ? 
ATOM   204  C CG  . ASN A 1 48  ? 16.824  8.734   1.259   1.000 67.225  ? 71  ASN A CG  1 ? 
ATOM   205  O OD1 . ASN A 1 48  ? 17.068  9.786   1.855   1.000 66.839  ? 71  ASN A OD1 1 ? 
ATOM   206  N ND2 . ASN A 1 48  ? 17.765  7.878   0.890   1.000 66.985  ? 71  ASN A ND2 1 ? 
ATOM   207  N N   . ILE A 1 49  ? 12.251  7.717   1.450   1.000 54.870  ? 72  ILE A N   1 ? 
ATOM   208  C CA  . ILE A 1 49  ? 10.813  7.517   1.076   1.000 57.264  ? 72  ILE A CA  1 ? 
ATOM   209  C C   . ILE A 1 49  ? 9.961   8.622   1.736   1.000 58.118  ? 72  ILE A C   1 ? 
ATOM   210  O O   . ILE A 1 49  ? 9.129   9.241   1.018   1.000 58.060  ? 72  ILE A O   1 ? 
ATOM   211  C CB  . ILE A 1 49  ? 10.313  6.098   1.434   1.000 55.539  ? 72  ILE A CB  1 ? 
ATOM   212  C CG1 . ILE A 1 49  ? 11.023  5.008   0.617   1.000 57.803  ? 72  ILE A CG1 1 ? 
ATOM   213  C CG2 . ILE A 1 49  ? 8.791   6.005   1.289   1.000 61.216  ? 72  ILE A CG2 1 ? 
ATOM   214  C CD1 . ILE A 1 49  ? 10.799  3.582   1.118   1.000 58.863  ? 72  ILE A CD1 1 ? 
ATOM   215  N N   . ASN A 1 50  ? 10.144  8.876   3.043   1.000 56.536  ? 73  ASN A N   1 ? 
ATOM   216  C CA  . ASN A 1 50  ? 9.355   9.903   3.795   1.000 61.234  ? 73  ASN A CA  1 ? 
ATOM   217  C C   . ASN A 1 50  ? 9.601   11.276  3.158   1.000 59.300  ? 73  ASN A C   1 ? 
ATOM   218  O O   . ASN A 1 50  ? 8.659   12.092  3.145   1.000 62.125  ? 73  ASN A O   1 ? 
ATOM   219  C CB  . ASN A 1 50  ? 9.634   9.913   5.309   1.000 56.202  ? 73  ASN A CB  1 ? 
ATOM   220  C CG  . ASN A 1 50  ? 8.999   8.754   6.055   1.000 60.492  ? 73  ASN A CG  1 ? 
ATOM   221  O OD1 . ASN A 1 50  ? 7.811   8.483   5.887   1.000 69.656  ? 73  ASN A OD1 1 ? 
ATOM   222  N ND2 . ASN A 1 50  ? 9.772   8.061   6.879   1.000 54.415  ? 73  ASN A ND2 1 ? 
ATOM   223  N N   . LYS A 1 51  ? 10.802  11.507  2.612   1.000 65.352  ? 74  LYS A N   1 ? 
ATOM   224  C CA  . LYS A 1 51  ? 11.181  12.785  1.946   1.000 69.331  ? 74  LYS A CA  1 ? 
ATOM   225  C C   . LYS A 1 51  ? 10.451  12.866  0.599   1.000 63.867  ? 74  LYS A C   1 ? 
ATOM   226  O O   . LYS A 1 51  ? 9.925   13.948  0.276   1.000 67.732  ? 74  LYS A O   1 ? 
ATOM   227  C CB  . LYS A 1 51  ? 12.704  12.902  1.787   1.000 80.719  ? 74  LYS A CB  1 ? 
ATOM   228  C CG  . LYS A 1 51  ? 13.247  14.322  1.626   1.000 94.753  ? 74  LYS A CG  1 ? 
ATOM   229  C CD  . LYS A 1 51  ? 14.272  14.503  0.503   1.000 105.071 ? 74  LYS A CD  1 ? 
ATOM   230  C CE  . LYS A 1 51  ? 14.841  15.909  0.408   1.000 112.392 ? 74  LYS A CE  1 ? 
ATOM   231  N NZ  . LYS A 1 51  ? 15.776  16.058  -0.741  1.000 120.807 ? 74  LYS A NZ  1 ? 
ATOM   232  N N   . TYR A 1 52  ? 10.409  11.768  -0.161  1.000 62.474  ? 75  TYR A N   1 ? 
ATOM   233  C CA  . TYR A 1 52  ? 9.668   11.692  -1.450  1.000 63.049  ? 75  TYR A CA  1 ? 
ATOM   234  C C   . TYR A 1 52  ? 8.191   12.021  -1.192  1.000 59.670  ? 75  TYR A C   1 ? 
ATOM   235  O O   . TYR A 1 52  ? 7.656   12.909  -1.876  1.000 59.013  ? 75  TYR A O   1 ? 
ATOM   236  C CB  . TYR A 1 52  ? 9.804   10.332  -2.145  1.000 63.438  ? 75  TYR A CB  1 ? 
ATOM   237  C CG  . TYR A 1 52  ? 8.855   10.169  -3.312  1.000 67.651  ? 75  TYR A CG  1 ? 
ATOM   238  C CD1 . TYR A 1 52  ? 9.048   10.881  -4.492  1.000 70.794  ? 75  TYR A CD1 1 ? 
ATOM   239  C CD2 . TYR A 1 52  ? 7.731   9.354   -3.230  1.000 61.975  ? 75  TYR A CD2 1 ? 
ATOM   240  C CE1 . TYR A 1 52  ? 8.170   10.763  -5.563  1.000 69.575  ? 75  TYR A CE1 1 ? 
ATOM   241  C CE2 . TYR A 1 52  ? 6.849   9.226   -4.293  1.000 64.244  ? 75  TYR A CE2 1 ? 
ATOM   242  C CZ  . TYR A 1 52  ? 7.063   9.938   -5.462  1.000 64.325  ? 75  TYR A CZ  1 ? 
ATOM   243  O OH  . TYR A 1 52  ? 6.202   9.824   -6.513  1.000 75.317  ? 75  TYR A OH  1 ? 
ATOM   244  N N   . ASN A 1 53  ? 7.562   11.350  -0.215  1.000 59.205  ? 76  ASN A N   1 ? 
ATOM   245  C CA  . ASN A 1 53  ? 6.109   11.506  0.081   1.000 59.560  ? 76  ASN A CA  1 ? 
ATOM   246  C C   . ASN A 1 53  ? 5.812   12.971  0.436   1.000 64.852  ? 76  ASN A C   1 ? 
ATOM   247  O O   . ASN A 1 53  ? 4.719   13.460  0.038   1.000 67.582  ? 76  ASN A O   1 ? 
ATOM   248  C CB  . ASN A 1 53  ? 5.620   10.507  1.133   1.000 55.992  ? 76  ASN A CB  1 ? 
ATOM   249  C CG  . ASN A 1 53  ? 5.511   9.095   0.588   1.000 62.585  ? 76  ASN A CG  1 ? 
ATOM   250  O OD1 . ASN A 1 53  ? 5.545   8.889   -0.630  1.000 50.499  ? 76  ASN A OD1 1 ? 
ATOM   251  N ND2 . ASN A 1 53  ? 5.374   8.120   1.478   1.000 53.945  ? 76  ASN A ND2 1 ? 
ATOM   252  N N   . TYR A 1 54  ? 6.739   13.672  1.105   1.000 63.080  ? 77  TYR A N   1 ? 
ATOM   253  C CA  . TYR A 1 54  ? 6.570   15.108  1.459   1.000 67.902  ? 77  TYR A CA  1 ? 
ATOM   254  C C   . TYR A 1 54  ? 6.652   15.950  0.181   1.000 63.140  ? 77  TYR A C   1 ? 
ATOM   255  O O   . TYR A 1 54  ? 5.739   16.761  -0.040  1.000 74.736  ? 77  TYR A O   1 ? 
ATOM   256  C CB  . TYR A 1 54  ? 7.578   15.588  2.511   1.000 74.223  ? 77  TYR A CB  1 ? 
ATOM   257  C CG  . TYR A 1 54  ? 7.432   17.054  2.850   1.000 74.530  ? 77  TYR A CG  1 ? 
ATOM   258  C CD1 . TYR A 1 54  ? 8.234   18.020  2.250   1.000 78.638  ? 77  TYR A CD1 1 ? 
ATOM   259  C CD2 . TYR A 1 54  ? 6.436   17.489  3.715   1.000 75.661  ? 77  TYR A CD2 1 ? 
ATOM   260  C CE1 . TYR A 1 54  ? 8.078   19.371  2.529   1.000 78.546  ? 77  TYR A CE1 1 ? 
ATOM   261  C CE2 . TYR A 1 54  ? 6.264   18.837  3.999   1.000 81.190  ? 77  TYR A CE2 1 ? 
ATOM   262  C CZ  . TYR A 1 54  ? 7.091   19.779  3.411   1.000 78.885  ? 77  TYR A CZ  1 ? 
ATOM   263  O OH  . TYR A 1 54  ? 6.916   21.101  3.693   1.000 87.144  ? 77  TYR A OH  1 ? 
ATOM   264  N N   . ASP A 1 55  ? 7.705   15.763  -0.627  1.000 65.781  ? 78  ASP A N   1 ? 
ATOM   265  C CA  . ASP A 1 55  ? 7.894   16.469  -1.927  1.000 62.813  ? 78  ASP A CA  1 ? 
ATOM   266  C C   . ASP A 1 55  ? 6.640   16.231  -2.794  1.000 64.015  ? 78  ASP A C   1 ? 
ATOM   267  O O   . ASP A 1 55  ? 6.093   17.219  -3.324  1.000 61.901  ? 78  ASP A O   1 ? 
ATOM   268  C CB  . ASP A 1 55  ? 9.186   16.036  -2.636  1.000 66.225  ? 78  ASP A CB  1 ? 
ATOM   269  C CG  . ASP A 1 55  ? 10.499  16.278  -1.896  1.000 71.881  ? 78  ASP A CG  1 ? 
ATOM   270  O OD1 . ASP A 1 55  ? 10.505  17.006  -0.867  1.000 70.463  ? 78  ASP A OD1 1 ? 
ATOM   271  O OD2 . ASP A 1 55  ? 11.521  15.724  -2.359  1.000 73.111  ? 78  ASP A OD2 1 ? 
ATOM   272  N N   . LEU A 1 56  ? 6.171   14.978  -2.891  1.000 64.603  ? 79  LEU A N   1 ? 
ATOM   273  C CA  . LEU A 1 56  ? 4.946   14.578  -3.651  1.000 63.374  ? 79  LEU A CA  1 ? 
ATOM   274  C C   . LEU A 1 56  ? 3.763   15.439  -3.194  1.000 63.873  ? 79  LEU A C   1 ? 
ATOM   275  O O   . LEU A 1 56  ? 3.169   16.115  -4.037  1.000 61.058  ? 79  LEU A O   1 ? 
ATOM   276  C CB  . LEU A 1 56  ? 4.663   13.080  -3.445  1.000 64.637  ? 79  LEU A CB  1 ? 
ATOM   277  C CG  . LEU A 1 56  ? 3.514   12.474  -4.268  1.000 64.463  ? 79  LEU A CG  1 ? 
ATOM   278  C CD1 . LEU A 1 56  ? 3.698   12.721  -5.770  1.000 66.171  ? 79  LEU A CD1 1 ? 
ATOM   279  C CD2 . LEU A 1 56  ? 3.360   10.975  -3.988  1.000 61.143  ? 79  LEU A CD2 1 ? 
ATOM   280  N N   . PHE A 1 57  ? 3.473   15.457  -1.892  1.000 74.504  ? 80  PHE A N   1 ? 
ATOM   281  C CA  . PHE A 1 57  ? 2.362   16.243  -1.284  1.000 76.386  ? 80  PHE A CA  1 ? 
ATOM   282  C C   . PHE A 1 57  ? 2.566   17.747  -1.547  1.000 77.340  ? 80  PHE A C   1 ? 
ATOM   283  O O   . PHE A 1 57  ? 1.553   18.431  -1.819  1.000 78.381  ? 80  PHE A O   1 ? 
ATOM   284  C CB  . PHE A 1 57  ? 2.226   15.940  0.214   1.000 78.107  ? 80  PHE A CB  1 ? 
ATOM   285  C CG  . PHE A 1 57  ? 1.318   16.888  0.958   1.000 78.588  ? 80  PHE A CG  1 ? 
ATOM   286  C CD1 . PHE A 1 57  ? 1.809   17.691  1.984   1.000 82.606  ? 80  PHE A CD1 1 ? 
ATOM   287  C CD2 . PHE A 1 57  ? -0.021  17.014  0.601   1.000 81.458  ? 80  PHE A CD2 1 ? 
ATOM   288  C CE1 . PHE A 1 57  ? 0.973   18.572  2.657   1.000 80.612  ? 80  PHE A CE1 1 ? 
ATOM   289  C CE2 . PHE A 1 57  ? -0.856  17.892  1.276   1.000 80.462  ? 80  PHE A CE2 1 ? 
ATOM   290  C CZ  . PHE A 1 57  ? -0.357  18.673  2.299   1.000 82.907  ? 80  PHE A CZ  1 ? 
ATOM   291  N N   . ASN A 1 58  ? 3.816   18.240  -1.496  1.000 79.954  ? 81  ASN A N   1 ? 
ATOM   292  C CA  . ASN A 1 58  ? 4.173   19.676  -1.703  1.000 80.342  ? 81  ASN A CA  1 ? 
ATOM   293  C C   . ASN A 1 58  ? 4.358   19.997  -3.195  1.000 77.972  ? 81  ASN A C   1 ? 
ATOM   294  O O   . ASN A 1 58  ? 4.604   21.179  -3.496  1.000 81.046  ? 81  ASN A O   1 ? 
ATOM   295  C CB  . ASN A 1 58  ? 5.403   20.098  -0.888  1.000 84.298  ? 81  ASN A CB  1 ? 
ATOM   296  C CG  . ASN A 1 58  ? 5.007   20.698  0.442   1.000 93.011  ? 81  ASN A CG  1 ? 
ATOM   297  O OD1 . ASN A 1 58  ? 4.778   19.974  1.410   1.000 99.962  ? 81  ASN A OD1 1 ? 
ATOM   298  N ND2 . ASN A 1 58  ? 4.880   22.016  0.482   1.000 88.351  ? 81  ASN A ND2 1 ? 
ATOM   299  N N   . GLY A 1 59  ? 4.239   19.007  -4.089  1.000 74.783  ? 82  GLY A N   1 ? 
ATOM   300  C CA  . GLY A 1 59  ? 4.305   19.191  -5.554  1.000 75.159  ? 82  GLY A CA  1 ? 
ATOM   301  C C   . GLY A 1 59  ? 5.700   19.560  -6.043  1.000 79.745  ? 82  GLY A C   1 ? 
ATOM   302  O O   . GLY A 1 59  ? 5.784   20.112  -7.152  1.000 83.543  ? 82  GLY A O   1 ? 
ATOM   303  N N   . THR A 1 60  ? 6.760   19.253  -5.274  1.000 85.337  ? 83  THR A N   1 ? 
ATOM   304  C CA  . THR A 1 60  ? 8.191   19.510  -5.632  1.000 85.697  ? 83  THR A CA  1 ? 
ATOM   305  C C   . THR A 1 60  ? 8.830   18.227  -6.196  1.000 84.641  ? 83  THR A C   1 ? 
ATOM   306  O O   . THR A 1 60  ? 10.032  18.282  -6.536  1.000 85.479  ? 83  THR A O   1 ? 
ATOM   307  C CB  . THR A 1 60  ? 8.970   20.092  -4.439  1.000 89.520  ? 83  THR A CB  1 ? 
ATOM   308  O OG1 . THR A 1 60  ? 9.065   19.103  -3.412  1.000 93.336  ? 83  THR A OG1 1 ? 
ATOM   309  C CG2 . THR A 1 60  ? 8.336   21.342  -3.858  1.000 91.918  ? 83  THR A CG2 1 ? 
ATOM   310  N N   . ALA A 1 61  ? 8.064   17.129  -6.281  1.000 84.895  ? 84  ALA A N   1 ? 
ATOM   311  C CA  . ALA A 1 61  ? 8.440   15.838  -6.915  1.000 87.756  ? 84  ALA A CA  1 ? 
ATOM   312  C C   . ALA A 1 61  ? 7.393   15.463  -7.973  1.000 92.457  ? 84  ALA A C   1 ? 
ATOM   313  O O   . ALA A 1 61  ? 6.296   16.067  -7.957  1.000 98.312  ? 84  ALA A O   1 ? 
ATOM   314  C CB  . ALA A 1 61  ? 8.577   14.761  -5.862  1.000 89.120  ? 84  ALA A CB  1 ? 
ATOM   315  N N   . GLU A 1 62  ? 7.717   14.482  -8.827  1.000 97.665  ? 85  GLU A N   1 ? 
ATOM   316  C CA  . GLU A 1 62  ? 6.891   14.020  -9.983  1.000 101.572 ? 85  GLU A CA  1 ? 
ATOM   317  C C   . GLU A 1 62  ? 6.752   12.488  -9.926  1.000 98.037  ? 85  GLU A C   1 ? 
ATOM   318  O O   . GLU A 1 62  ? 7.388   11.876  -9.040  1.000 103.010 ? 85  GLU A O   1 ? 
ATOM   319  C CB  . GLU A 1 62  ? 7.456   14.566  -11.308 1.000 111.935 ? 85  GLU A CB  1 ? 
ATOM   320  C CG  . GLU A 1 62  ? 8.987   14.619  -11.437 1.000 118.718 ? 85  GLU A CG  1 ? 
ATOM   321  C CD  . GLU A 1 62  ? 9.670   13.489  -12.201 1.000 127.221 ? 85  GLU A CD  1 ? 
ATOM   322  O OE1 . GLU A 1 62  ? 9.094   13.015  -13.205 1.000 137.013 ? 85  GLU A OE1 1 ? 
ATOM   323  O OE2 . GLU A 1 62  ? 10.794  13.104  -11.809 1.000 130.012 ? 85  GLU A OE2 1 ? 
ATOM   324  N N   . ASN A 1 63  ? 5.924   11.899  -10.808 1.000 90.552  ? 86  ASN A N   1 ? 
ATOM   325  C CA  . ASN A 1 63  ? 5.548   10.453  -10.801 1.000 89.301  ? 86  ASN A CA  1 ? 
ATOM   326  C C   . ASN A 1 63  ? 6.821   9.589   -10.794 1.000 93.846  ? 86  ASN A C   1 ? 
ATOM   327  O O   . ASN A 1 63  ? 6.880   8.648   -9.957  1.000 91.126  ? 86  ASN A O   1 ? 
ATOM   328  C CB  . ASN A 1 63  ? 4.619   10.080  -11.968 1.000 82.935  ? 86  ASN A CB  1 ? 
ATOM   329  C CG  . ASN A 1 63  ? 3.204   10.600  -11.802 1.000 83.377  ? 86  ASN A CG  1 ? 
ATOM   330  O OD1 . ASN A 1 63  ? 2.965   11.554  -11.061 1.000 79.204  ? 86  ASN A OD1 1 ? 
ATOM   331  N ND2 . ASN A 1 63  ? 2.252   9.976   -12.481 1.000 80.958  ? 86  ASN A ND2 1 ? 
ATOM   332  N N   . GLN A 1 64  ? 7.791   9.910   -11.668 1.000 88.287  ? 87  GLN A N   1 ? 
ATOM   333  C CA  . GLN A 1 64  ? 9.110   9.219   -11.801 1.000 83.916  ? 87  GLN A CA  1 ? 
ATOM   334  C C   . GLN A 1 64  ? 9.903   9.426   -10.497 1.000 78.219  ? 87  GLN A C   1 ? 
ATOM   335  O O   . GLN A 1 64  ? 10.191  10.596  -10.179 1.000 74.497  ? 87  GLN A O   1 ? 
ATOM   336  C CB  . GLN A 1 64  ? 9.849   9.741   -13.046 1.000 92.303  ? 87  GLN A CB  1 ? 
ATOM   337  C CG  . GLN A 1 64  ? 11.173  9.042   -13.375 1.000 99.644  ? 87  GLN A CG  1 ? 
ATOM   338  C CD  . GLN A 1 64  ? 11.042  7.594   -13.794 1.000 102.305 ? 87  GLN A CD  1 ? 
ATOM   339  O OE1 . GLN A 1 64  ? 9.952   7.095   -14.072 1.000 108.248 ? 87  GLN A OE1 1 ? 
ATOM   340  N NE2 . GLN A 1 64  ? 12.170  6.901   -13.855 1.000 93.588  ? 87  GLN A NE2 1 ? 
ATOM   341  N N   . LEU A 1 65  ? 10.217  8.342   -9.764  1.000 78.035  ? 88  LEU A N   1 ? 
ATOM   342  C CA  . LEU A 1 65  ? 10.918  8.373   -8.442  1.000 75.578  ? 88  LEU A CA  1 ? 
ATOM   343  C C   . LEU A 1 65  ? 12.306  8.987   -8.614  1.000 80.215  ? 88  LEU A C   1 ? 
ATOM   344  O O   . LEU A 1 65  ? 13.024  8.608   -9.536  1.000 81.562  ? 88  LEU A O   1 ? 
ATOM   345  C CB  . LEU A 1 65  ? 11.034  6.961   -7.844  1.000 72.949  ? 88  LEU A CB  1 ? 
ATOM   346  C CG  . LEU A 1 65  ? 9.747   6.312   -7.317  1.000 71.688  ? 88  LEU A CG  1 ? 
ATOM   347  C CD1 . LEU A 1 65  ? 10.047  4.999   -6.582  1.000 66.354  ? 88  LEU A CD1 1 ? 
ATOM   348  C CD2 . LEU A 1 65  ? 8.940   7.258   -6.420  1.000 72.808  ? 88  LEU A CD2 1 ? 
ATOM   349  N N   . PRO A 1 66  ? 12.734  9.934   -7.737  1.000 91.213  ? 89  PRO A N   1 ? 
ATOM   350  C CA  . PRO A 1 66  ? 14.108  10.444  -7.750  1.000 87.959  ? 89  PRO A CA  1 ? 
ATOM   351  C C   . PRO A 1 66  ? 15.172  9.336   -7.728  1.000 86.798  ? 89  PRO A C   1 ? 
ATOM   352  O O   . PRO A 1 66  ? 14.883  8.257   -7.231  1.000 81.374  ? 89  PRO A O   1 ? 
ATOM   353  C CB  . PRO A 1 66  ? 14.206  11.271  -6.460  1.000 90.260  ? 89  PRO A CB  1 ? 
ATOM   354  C CG  . PRO A 1 66  ? 12.786  11.723  -6.198  1.000 93.852  ? 89  PRO A CG  1 ? 
ATOM   355  C CD  . PRO A 1 66  ? 11.915  10.588  -6.699  1.000 94.838  ? 89  PRO A CD  1 ? 
ATOM   356  N N   . ASP A 1 67  ? 16.368  9.643   -8.242  1.000 93.985  ? 90  ASP A N   1 ? 
ATOM   357  C CA  . ASP A 1 67  ? 17.513  8.697   -8.386  1.000 101.009 ? 90  ASP A CA  1 ? 
ATOM   358  C C   . ASP A 1 67  ? 18.021  8.271   -6.997  1.000 93.909  ? 90  ASP A C   1 ? 
ATOM   359  O O   . ASP A 1 67  ? 18.488  7.115   -6.889  1.000 86.541  ? 90  ASP A O   1 ? 
ATOM   360  C CB  . ASP A 1 67  ? 18.617  9.303   -9.266  1.000 105.783 ? 90  ASP A CB  1 ? 
ATOM   361  C CG  . ASP A 1 67  ? 18.212  9.465   -10.725 1.000 104.748 ? 90  ASP A CG  1 ? 
ATOM   362  O OD1 . ASP A 1 67  ? 18.137  10.622  -11.194 1.000 104.061 ? 90  ASP A OD1 1 ? 
ATOM   363  O OD2 . ASP A 1 67  ? 17.977  8.430   -11.382 1.000 95.499  ? 90  ASP A OD2 1 ? 
ATOM   364  N N   . TYR A 1 68  ? 17.870  9.129   -5.971  1.000 94.067  ? 91  TYR A N   1 ? 
ATOM   365  C CA  . TYR A 1 68  ? 18.383  8.928   -4.582  1.000 91.846  ? 91  TYR A CA  1 ? 
ATOM   366  C C   . TYR A 1 68  ? 17.635  7.801   -3.842  1.000 90.103  ? 91  TYR A C   1 ? 
ATOM   367  O O   . TYR A 1 68  ? 18.045  7.521   -2.694  1.000 88.290  ? 91  TYR A O   1 ? 
ATOM   368  C CB  . TYR A 1 68  ? 18.394  10.251  -3.793  1.000 87.969  ? 91  TYR A CB  1 ? 
ATOM   369  C CG  . TYR A 1 68  ? 17.062  10.834  -3.369  1.000 88.306  ? 91  TYR A CG  1 ? 
ATOM   370  C CD1 . TYR A 1 68  ? 16.375  10.351  -2.258  1.000 92.607  ? 91  TYR A CD1 1 ? 
ATOM   371  C CD2 . TYR A 1 68  ? 16.511  11.931  -4.027  1.000 90.486  ? 91  TYR A CD2 1 ? 
ATOM   372  C CE1 . TYR A 1 68  ? 15.165  10.900  -1.848  1.000 87.370  ? 91  TYR A CE1 1 ? 
ATOM   373  C CE2 . TYR A 1 68  ? 15.302  12.491  -3.628  1.000 86.942  ? 91  TYR A CE2 1 ? 
ATOM   374  C CZ  . TYR A 1 68  ? 14.623  11.974  -2.536  1.000 89.125  ? 91  TYR A CZ  1 ? 
ATOM   375  O OH  . TYR A 1 68  ? 13.429  12.510  -2.136  1.000 81.645  ? 91  TYR A OH  1 ? 
ATOM   376  N N   . LEU A 1 69  ? 16.615  7.162   -4.446  1.000 90.424  ? 92  LEU A N   1 ? 
ATOM   377  C CA  . LEU A 1 69  ? 15.802  6.079   -3.806  1.000 87.439  ? 92  LEU A CA  1 ? 
ATOM   378  C C   . LEU A 1 69  ? 16.311  4.682   -4.202  1.000 79.455  ? 92  LEU A C   1 ? 
ATOM   379  O O   . LEU A 1 69  ? 16.247  3.779   -3.349  1.000 79.928  ? 92  LEU A O   1 ? 
ATOM   380  C CB  . LEU A 1 69  ? 14.318  6.245   -4.173  1.000 83.762  ? 92  LEU A CB  1 ? 
ATOM   381  C CG  . LEU A 1 69  ? 13.537  7.324   -3.409  1.000 79.581  ? 92  LEU A CG  1 ? 
ATOM   382  C CD1 . LEU A 1 69  ? 12.104  7.438   -3.938  1.000 77.803  ? 92  LEU A CD1 1 ? 
ATOM   383  C CD2 . LEU A 1 69  ? 13.534  7.069   -1.892  1.000 81.741  ? 92  LEU A CD2 1 ? 
ATOM   384  N N   . ASN A 1 70  ? 16.741  4.483   -5.452  1.000 85.961  ? 93  ASN A N   1 ? 
ATOM   385  C CA  . ASN A 1 70  ? 17.065  3.143   -6.028  1.000 93.220  ? 93  ASN A CA  1 ? 
ATOM   386  C C   . ASN A 1 70  ? 15.872  2.195   -5.791  1.000 91.069  ? 93  ASN A C   1 ? 
ATOM   387  O O   . ASN A 1 70  ? 16.096  1.014   -5.423  1.000 96.526  ? 93  ASN A O   1 ? 
ATOM   388  C CB  . ASN A 1 70  ? 18.405  2.602   -5.497  1.000 99.337  ? 93  ASN A CB  1 ? 
ATOM   389  C CG  . ASN A 1 70  ? 18.966  1.447   -6.308  1.000 102.529 ? 93  ASN A CG  1 ? 
ATOM   390  O OD1 . ASN A 1 70  ? 18.964  1.482   -7.537  1.000 107.169 ? 93  ASN A OD1 1 ? 
ATOM   391  N ND2 . ASN A 1 70  ? 19.453  0.415   -5.637  1.000 97.387  ? 93  ASN A ND2 1 ? 
ATOM   392  N N   . ILE A 1 71  ? 14.642  2.701   -5.970  1.000 83.087  ? 94  ILE A N   1 ? 
ATOM   393  C CA  . ILE A 1 71  ? 13.406  1.875   -6.117  1.000 76.888  ? 94  ILE A CA  1 ? 
ATOM   394  C C   . ILE A 1 71  ? 13.014  1.936   -7.600  1.000 75.354  ? 94  ILE A C   1 ? 
ATOM   395  O O   . ILE A 1 71  ? 13.028  3.037   -8.170  1.000 73.514  ? 94  ILE A O   1 ? 
ATOM   396  C CB  . ILE A 1 71  ? 12.261  2.331   -5.178  1.000 70.838  ? 94  ILE A CB  1 ? 
ATOM   397  C CG1 . ILE A 1 71  ? 12.725  2.493   -3.722  1.000 72.169  ? 94  ILE A CG1 1 ? 
ATOM   398  C CG2 . ILE A 1 71  ? 11.058  1.387   -5.289  1.000 68.816  ? 94  ILE A CG2 1 ? 
ATOM   399  C CD1 . ILE A 1 71  ? 11.688  3.097   -2.783  1.000 69.117  ? 94  ILE A CD1 1 ? 
ATOM   400  N N   . HIS A 1 72  ? 12.685  0.786   -8.187  1.000 77.229  ? 95  HIS A N   1 ? 
ATOM   401  C CA  . HIS A 1 72  ? 12.436  0.595   -9.640  1.000 79.432  ? 95  HIS A CA  1 ? 
ATOM   402  C C   . HIS A 1 72  ? 11.140  -0.206  -9.826  1.000 75.479  ? 95  HIS A C   1 ? 
ATOM   403  O O   . HIS A 1 72  ? 10.848  -1.063  -8.959  1.000 66.710  ? 95  HIS A O   1 ? 
ATOM   404  C CB  . HIS A 1 72  ? 13.656  -0.084  -10.294 1.000 82.532  ? 95  HIS A CB  1 ? 
ATOM   405  C CG  . HIS A 1 72  ? 14.915  0.712   -10.176 1.000 83.984  ? 95  HIS A CG  1 ? 
ATOM   406  N ND1 . HIS A 1 72  ? 15.093  1.914   -10.840 1.000 85.163  ? 95  HIS A ND1 1 ? 
ATOM   407  C CD2 . HIS A 1 72  ? 16.046  0.497   -9.467  1.000 84.081  ? 95  HIS A CD2 1 ? 
ATOM   408  C CE1 . HIS A 1 72  ? 16.280  2.403   -10.550 1.000 87.631  ? 95  HIS A CE1 1 ? 
ATOM   409  N NE2 . HIS A 1 72  ? 16.886  1.549   -9.709  1.000 90.599  ? 95  HIS A NE2 1 ? 
ATOM   410  N N   . GLU A 1 73  ? 10.407  0.082   -10.908 1.000 68.273  ? 96  GLU A N   1 ? 
ATOM   411  C CA  . GLU A 1 73  ? 9.275   -0.727  -11.438 1.000 70.065  ? 96  GLU A CA  1 ? 
ATOM   412  C C   . GLU A 1 73  ? 9.576   -2.218  -11.215 1.000 66.674  ? 96  GLU A C   1 ? 
ATOM   413  O O   . GLU A 1 73  ? 10.588  -2.681  -11.765 1.000 70.496  ? 96  GLU A O   1 ? 
ATOM   414  C CB  . GLU A 1 73  ? 9.082   -0.411  -12.931 1.000 72.079  ? 96  GLU A CB  1 ? 
ATOM   415  C CG  . GLU A 1 73  ? 8.444   0.949   -13.213 1.000 68.833  ? 96  GLU A CG  1 ? 
ATOM   416  C CD  . GLU A 1 73  ? 6.974   1.063   -12.854 1.000 65.485  ? 96  GLU A CD  1 ? 
ATOM   417  O OE1 . GLU A 1 73  ? 6.335   0.009   -12.654 1.000 67.718  ? 96  GLU A OE1 1 ? 
ATOM   418  O OE2 . GLU A 1 73  ? 6.475   2.201   -12.775 1.000 62.949  ? 96  GLU A OE2 1 ? 
ATOM   419  N N   . GLY A 1 74  ? 8.768   -2.912  -10.400 1.000 70.708  ? 97  GLY A N   1 ? 
ATOM   420  C CA  . GLY A 1 74  ? 8.872   -4.366  -10.126 1.000 69.406  ? 97  GLY A CA  1 ? 
ATOM   421  C C   . GLY A 1 74  ? 9.639   -4.714  -8.854  1.000 64.886  ? 97  GLY A C   1 ? 
ATOM   422  O O   . GLY A 1 74  ? 9.676   -5.908  -8.523  1.000 65.360  ? 97  GLY A O   1 ? 
ATOM   423  N N   . ASP A 1 75  ? 10.269  -3.745  -8.171  1.000 65.908  ? 98  ASP A N   1 ? 
ATOM   424  C CA  . ASP A 1 75  ? 10.902  -3.957  -6.834  1.000 69.849  ? 98  ASP A CA  1 ? 
ATOM   425  C C   . ASP A 1 75  ? 9.792   -4.299  -5.825  1.000 69.323  ? 98  ASP A C   1 ? 
ATOM   426  O O   . ASP A 1 75  ? 8.801   -3.549  -5.769  1.000 70.893  ? 98  ASP A O   1 ? 
ATOM   427  C CB  . ASP A 1 75  ? 11.714  -2.735  -6.372  1.000 71.821  ? 98  ASP A CB  1 ? 
ATOM   428  C CG  . ASP A 1 75  ? 13.020  -2.492  -7.121  1.000 74.247  ? 98  ASP A CG  1 ? 
ATOM   429  O OD1 . ASP A 1 75  ? 13.616  -1.407  -6.923  1.000 74.817  ? 98  ASP A OD1 1 ? 
ATOM   430  O OD2 . ASP A 1 75  ? 13.435  -3.381  -7.893  1.000 76.639  ? 98  ASP A OD2 1 ? 
ATOM   431  N N   . VAL A 1 76  ? 9.922   -5.401  -5.079  1.000 72.946  ? 99  VAL A N   1 ? 
ATOM   432  C CA  . VAL A 1 76  ? 8.980   -5.745  -3.967  1.000 79.092  ? 99  VAL A CA  1 ? 
ATOM   433  C C   . VAL A 1 76  ? 9.351   -4.865  -2.760  1.000 72.691  ? 99  VAL A C   1 ? 
ATOM   434  O O   . VAL A 1 76  ? 10.548  -4.802  -2.420  1.000 71.152  ? 99  VAL A O   1 ? 
ATOM   435  C CB  . VAL A 1 76  ? 8.955   -7.257  -3.640  1.000 87.048  ? 99  VAL A CB  1 ? 
ATOM   436  C CG1 . VAL A 1 76  ? 10.284  -7.768  -3.093  1.000 93.752  ? 99  VAL A CG1 1 ? 
ATOM   437  C CG2 . VAL A 1 76  ? 7.798   -7.630  -2.705  1.000 90.734  ? 99  VAL A CG2 1 ? 
ATOM   438  N N   . LEU A 1 77  ? 8.372   -4.139  -2.210  1.000 68.526  ? 100 LEU A N   1 ? 
ATOM   439  C CA  . LEU A 1 77  ? 8.528   -3.250  -1.025  1.000 66.352  ? 100 LEU A CA  1 ? 
ATOM   440  C C   . LEU A 1 77  ? 8.114   -4.042  0.222   1.000 62.226  ? 100 LEU A C   1 ? 
ATOM   441  O O   . LEU A 1 77  ? 8.641   -3.750  1.300   1.000 63.723  ? 100 LEU A O   1 ? 
ATOM   442  C CB  . LEU A 1 77  ? 7.684   -1.983  -1.234  1.000 67.329  ? 100 LEU A CB  1 ? 
ATOM   443  C CG  . LEU A 1 77  ? 8.021   -1.149  -2.481  1.000 67.800  ? 100 LEU A CG  1 ? 
ATOM   444  C CD1 . LEU A 1 77  ? 6.997   -0.030  -2.708  1.000 67.940  ? 100 LEU A CD1 1 ? 
ATOM   445  C CD2 . LEU A 1 77  ? 9.438   -0.572  -2.405  1.000 68.451  ? 100 LEU A CD2 1 ? 
ATOM   446  N N   . GLY A 1 78  ? 7.214   -5.020  0.065   1.000 63.485  ? 101 GLY A N   1 ? 
ATOM   447  C CA  . GLY A 1 78  ? 6.830   -5.989  1.114   1.000 66.565  ? 101 GLY A CA  1 ? 
ATOM   448  C C   . GLY A 1 78  ? 5.506   -6.654  0.789   1.000 65.184  ? 101 GLY A C   1 ? 
ATOM   449  O O   . GLY A 1 78  ? 5.393   -7.157  -0.335  1.000 64.832  ? 101 GLY A O   1 ? 
ATOM   450  N N   . TYR A 1 79  ? 4.523   -6.639  1.695   1.000 65.099  ? 102 TYR A N   1 ? 
ATOM   451  C CA  . TYR A 1 79  ? 3.228   -7.346  1.480   1.000 64.030  ? 102 TYR A CA  1 ? 
ATOM   452  C C   . TYR A 1 79  ? 2.075   -6.737  2.290   1.000 63.073  ? 102 TYR A C   1 ? 
ATOM   453  O O   . TYR A 1 79  ? 2.309   -6.017  3.284   1.000 63.234  ? 102 TYR A O   1 ? 
ATOM   454  C CB  . TYR A 1 79  ? 3.376   -8.841  1.783   1.000 62.640  ? 102 TYR A CB  1 ? 
ATOM   455  C CG  . TYR A 1 79  ? 3.799   -9.206  3.187   1.000 61.638  ? 102 TYR A CG  1 ? 
ATOM   456  C CD1 . TYR A 1 79  ? 2.881   -9.704  4.106   1.000 70.234  ? 102 TYR A CD1 1 ? 
ATOM   457  C CD2 . TYR A 1 79  ? 5.127   -9.116  3.590   1.000 66.005  ? 102 TYR A CD2 1 ? 
ATOM   458  C CE1 . TYR A 1 79  ? 3.267   -10.084 5.388   1.000 68.775  ? 102 TYR A CE1 1 ? 
ATOM   459  C CE2 . TYR A 1 79  ? 5.526   -9.484  4.868   1.000 66.966  ? 102 TYR A CE2 1 ? 
ATOM   460  C CZ  . TYR A 1 79  ? 4.593   -9.968  5.769   1.000 65.082  ? 102 TYR A CZ  1 ? 
ATOM   461  O OH  . TYR A 1 79  ? 4.974   -10.332 7.023   1.000 76.988  ? 102 TYR A OH  1 ? 
ATOM   462  N N   . ILE A 1 80  ? 0.853   -7.055  1.845   1.000 60.969  ? 103 ILE A N   1 ? 
ATOM   463  C CA  . ILE A 1 80  ? -0.442  -6.698  2.497   1.000 63.398  ? 103 ILE A CA  1 ? 
ATOM   464  C C   . ILE A 1 80  ? -1.055  -7.996  3.044   1.000 64.630  ? 103 ILE A C   1 ? 
ATOM   465  O O   . ILE A 1 80  ? -1.000  -9.010  2.320   1.000 62.124  ? 103 ILE A O   1 ? 
ATOM   466  C CB  . ILE A 1 80  ? -1.388  -5.931  1.536   1.000 65.544  ? 103 ILE A CB  1 ? 
ATOM   467  C CG1 . ILE A 1 80  ? -2.760  -5.658  2.173   1.000 70.167  ? 103 ILE A CG1 1 ? 
ATOM   468  C CG2 . ILE A 1 80  ? -1.517  -6.608  0.167   1.000 66.657  ? 103 ILE A CG2 1 ? 
ATOM   469  C CD1 . ILE A 1 80  ? -3.536  -4.508  1.543   1.000 69.652  ? 103 ILE A CD1 1 ? 
ATOM   470  N N   . GLU A 1 81  ? -1.549  -7.966  4.289   1.000 65.287  ? 104 GLU A N   1 ? 
ATOM   471  C CA  . GLU A 1 81  ? -2.423  -9.004  4.901   1.000 69.286  ? 104 GLU A CA  1 ? 
ATOM   472  C C   . GLU A 1 81  ? -3.829  -8.414  5.023   1.000 66.920  ? 104 GLU A C   1 ? 
ATOM   473  O O   . GLU A 1 81  ? -3.955  -7.306  5.588   1.000 67.907  ? 104 GLU A O   1 ? 
ATOM   474  C CB  . GLU A 1 81  ? -1.929  -9.427  6.288   1.000 80.649  ? 104 GLU A CB  1 ? 
ATOM   475  C CG  . GLU A 1 81  ? -0.603  -10.177 6.288   1.000 86.825  ? 104 GLU A CG  1 ? 
ATOM   476  C CD  . GLU A 1 81  ? -0.026  -10.461 7.668   1.000 89.319  ? 104 GLU A CD  1 ? 
ATOM   477  O OE1 . GLU A 1 81  ? 0.749   -11.431 7.794   1.000 92.953  ? 104 GLU A OE1 1 ? 
ATOM   478  O OE2 . GLU A 1 81  ? -0.340  -9.699  8.614   1.000 88.441  ? 104 GLU A OE2 1 ? 
ATOM   479  N N   . ILE A 1 82  ? -4.836  -9.105  4.493   1.000 61.880  ? 105 ILE A N   1 ? 
ATOM   480  C CA  . ILE A 1 82  ? -6.265  -8.800  4.767   1.000 65.426  ? 105 ILE A CA  1 ? 
ATOM   481  C C   . ILE A 1 82  ? -6.854  -10.037 5.442   1.000 70.811  ? 105 ILE A C   1 ? 
ATOM   482  O O   . ILE A 1 82  ? -7.233  -10.990 4.767   1.000 73.482  ? 105 ILE A O   1 ? 
ATOM   483  C CB  . ILE A 1 82  ? -7.018  -8.343  3.498   1.000 68.404  ? 105 ILE A CB  1 ? 
ATOM   484  C CG1 . ILE A 1 82  ? -6.135  -7.475  2.587   1.000 69.044  ? 105 ILE A CG1 1 ? 
ATOM   485  C CG2 . ILE A 1 82  ? -8.322  -7.643  3.894   1.000 70.961  ? 105 ILE A CG2 1 ? 
ATOM   486  C CD1 . ILE A 1 82  ? -6.842  -6.867  1.385   1.000 70.786  ? 105 ILE A CD1 1 ? 
ATOM   487  N N   . PRO A 1 83  ? -6.895  -10.080 6.799   1.000 77.149  ? 106 PRO A N   1 ? 
ATOM   488  C CA  . PRO A 1 83  ? -7.316  -11.285 7.526   1.000 81.015  ? 106 PRO A CA  1 ? 
ATOM   489  C C   . PRO A 1 83  ? -8.797  -11.658 7.316   1.000 77.688  ? 106 PRO A C   1 ? 
ATOM   490  O O   . PRO A 1 83  ? -9.077  -12.837 7.280   1.000 82.660  ? 106 PRO A O   1 ? 
ATOM   491  C CB  . PRO A 1 83  ? -7.015  -10.938 8.998   1.000 81.265  ? 106 PRO A CB  1 ? 
ATOM   492  C CG  . PRO A 1 83  ? -7.095  -9.424  9.041   1.000 84.856  ? 106 PRO A CG  1 ? 
ATOM   493  C CD  . PRO A 1 83  ? -6.532  -8.975  7.707   1.000 77.062  ? 106 PRO A CD  1 ? 
ATOM   494  N N   . SER A 1 84  ? -9.683  -10.665 7.146   1.000 81.584  ? 107 SER A N   1 ? 
ATOM   495  C CA  . SER A 1 84  ? -11.144 -10.828 6.876   1.000 91.855  ? 107 SER A CA  1 ? 
ATOM   496  C C   . SER A 1 84  ? -11.403 -11.849 5.749   1.000 91.591  ? 107 SER A C   1 ? 
ATOM   497  O O   . SER A 1 84  ? -12.441 -12.537 5.820   1.000 94.665  ? 107 SER A O   1 ? 
ATOM   498  C CB  . SER A 1 84  ? -11.805 -9.491  6.559   1.000 96.041  ? 107 SER A CB  1 ? 
ATOM   499  O OG  . SER A 1 84  ? -11.985 -8.712  7.735   1.000 107.208 ? 107 SER A OG  1 ? 
ATOM   500  N N   . ILE A 1 85  ? -10.513 -11.924 4.747   1.000 90.733  ? 108 ILE A N   1 ? 
ATOM   501  C CA  . ILE A 1 85  ? -10.706 -12.662 3.454   1.000 88.268  ? 108 ILE A CA  1 ? 
ATOM   502  C C   . ILE A 1 85  ? -9.494  -13.573 3.183   1.000 89.959  ? 108 ILE A C   1 ? 
ATOM   503  O O   . ILE A 1 85  ? -9.367  -14.036 2.035   1.000 87.455  ? 108 ILE A O   1 ? 
ATOM   504  C CB  . ILE A 1 85  ? -10.975 -11.654 2.305   1.000 90.475  ? 108 ILE A CB  1 ? 
ATOM   505  C CG1 . ILE A 1 85  ? -9.806  -10.670 2.098   1.000 90.877  ? 108 ILE A CG1 1 ? 
ATOM   506  C CG2 . ILE A 1 85  ? -12.313 -10.940 2.531   1.000 94.858  ? 108 ILE A CG2 1 ? 
ATOM   507  C CD1 . ILE A 1 85  ? -10.115 -9.448  1.244   1.000 87.391  ? 108 ILE A CD1 1 ? 
ATOM   508  N N   . ASN A 1 86  ? -8.677  -13.849 4.213   1.000 91.390  ? 109 ASN A N   1 ? 
ATOM   509  C CA  . ASN A 1 86  ? -7.370  -14.564 4.142   1.000 96.784  ? 109 ASN A CA  1 ? 
ATOM   510  C C   . ASN A 1 86  ? -6.682  -14.238 2.804   1.000 93.897  ? 109 ASN A C   1 ? 
ATOM   511  O O   . ASN A 1 86  ? -6.448  -15.171 2.008   1.000 104.173 ? 109 ASN A O   1 ? 
ATOM   512  C CB  . ASN A 1 86  ? -7.531  -16.069 4.420   1.000 104.389 ? 109 ASN A CB  1 ? 
ATOM   513  C CG  . ASN A 1 86  ? -6.221  -16.784 4.708   1.000 108.278 ? 109 ASN A CG  1 ? 
ATOM   514  O OD1 . ASN A 1 86  ? -5.754  -17.601 3.916   1.000 110.294 ? 109 ASN A OD1 1 ? 
ATOM   515  N ND2 . ASN A 1 86  ? -5.608  -16.473 5.839   1.000 111.698 ? 109 ASN A ND2 1 ? 
ATOM   516  N N   . ILE A 1 87  ? -6.387  -12.953 2.566   1.000 87.104  ? 110 ILE A N   1 ? 
ATOM   517  C CA  . ILE A 1 87  ? -5.499  -12.475 1.459   1.000 84.098  ? 110 ILE A CA  1 ? 
ATOM   518  C C   . ILE A 1 87  ? -4.144  -12.081 2.056   1.000 78.904  ? 110 ILE A C   1 ? 
ATOM   519  O O   . ILE A 1 87  ? -4.137  -11.296 3.018   1.000 78.452  ? 110 ILE A O   1 ? 
ATOM   520  C CB  . ILE A 1 87  ? -6.164  -11.337 0.648   1.000 87.974  ? 110 ILE A CB  1 ? 
ATOM   521  C CG1 . ILE A 1 87  ? -7.012  -11.928 -0.491  1.000 87.413  ? 110 ILE A CG1 1 ? 
ATOM   522  C CG2 . ILE A 1 87  ? -5.143  -10.307 0.146   1.000 88.222  ? 110 ILE A CG2 1 ? 
ATOM   523  C CD1 . ILE A 1 87  ? -7.898  -10.942 -1.220  1.000 88.786  ? 110 ILE A CD1 1 ? 
ATOM   524  N N   . LYS A 1 88  ? -3.055  -12.626 1.497   1.000 78.334  ? 111 LYS A N   1 ? 
ATOM   525  C CA  . LYS A 1 88  ? -1.642  -12.277 1.813   1.000 79.112  ? 111 LYS A CA  1 ? 
ATOM   526  C C   . LYS A 1 88  ? -0.872  -12.184 0.483   1.000 74.685  ? 111 LYS A C   1 ? 
ATOM   527  O O   . LYS A 1 88  ? -0.548  -13.235 -0.095  1.000 73.032  ? 111 LYS A O   1 ? 
ATOM   528  C CB  . LYS A 1 88  ? -1.068  -13.296 2.808   1.000 81.653  ? 111 LYS A CB  1 ? 
ATOM   529  C CG  . LYS A 1 88  ? 0.326   -12.997 3.360   1.000 86.289  ? 111 LYS A CG  1 ? 
ATOM   530  C CD  . LYS A 1 88  ? 0.840   -14.047 4.354   1.000 91.867  ? 111 LYS A CD  1 ? 
ATOM   531  C CE  . LYS A 1 88  ? 2.276   -13.839 4.809   1.000 96.334  ? 111 LYS A CE  1 ? 
ATOM   532  N NZ  . LYS A 1 88  ? 2.751   -14.931 5.702   1.000 99.974  ? 111 LYS A NZ  1 ? 
ATOM   533  N N   . LEU A 1 89  ? -0.621  -10.967 -0.005  1.000 71.510  ? 112 LEU A N   1 ? 
ATOM   534  C CA  . LEU A 1 89  ? -0.057  -10.730 -1.361  1.000 69.750  ? 112 LEU A CA  1 ? 
ATOM   535  C C   . LEU A 1 89  ? 1.126   -9.776  -1.277  1.000 66.967  ? 112 LEU A C   1 ? 
ATOM   536  O O   . LEU A 1 89  ? 1.060   -8.795  -0.538  1.000 65.110  ? 112 LEU A O   1 ? 
ATOM   537  C CB  . LEU A 1 89  ? -1.163  -10.168 -2.259  1.000 72.820  ? 112 LEU A CB  1 ? 
ATOM   538  C CG  . LEU A 1 89  ? -2.318  -11.139 -2.529  1.000 80.186  ? 112 LEU A CG  1 ? 
ATOM   539  C CD1 . LEU A 1 89  ? -3.527  -10.407 -3.092  1.000 82.121  ? 112 LEU A CD1 1 ? 
ATOM   540  C CD2 . LEU A 1 89  ? -1.891  -12.290 -3.451  1.000 78.128  ? 112 LEU A CD2 1 ? 
ATOM   541  N N   . PRO A 1 90  ? 2.218   -10.023 -2.046  1.000 64.287  ? 113 PRO A N   1 ? 
ATOM   542  C CA  . PRO A 1 90  ? 3.339   -9.091  -2.116  1.000 58.891  ? 113 PRO A CA  1 ? 
ATOM   543  C C   . PRO A 1 90  ? 2.919   -7.746  -2.719  1.000 59.344  ? 113 PRO A C   1 ? 
ATOM   544  O O   . PRO A 1 90  ? 1.934   -7.701  -3.439  1.000 58.359  ? 113 PRO A O   1 ? 
ATOM   545  C CB  . PRO A 1 90  ? 4.373   -9.786  -3.018  1.000 61.586  ? 113 PRO A CB  1 ? 
ATOM   546  C CG  . PRO A 1 90  ? 3.552   -10.766 -3.837  1.000 59.271  ? 113 PRO A CG  1 ? 
ATOM   547  C CD  . PRO A 1 90  ? 2.440   -11.206 -2.903  1.000 60.274  ? 113 PRO A CD  1 ? 
ATOM   548  N N   . ILE A 1 91  ? 3.676   -6.697  -2.386  1.000 63.756  ? 114 ILE A N   1 ? 
ATOM   549  C CA  . ILE A 1 91  ? 3.486   -5.308  -2.892  1.000 62.747  ? 114 ILE A CA  1 ? 
ATOM   550  C C   . ILE A 1 91  ? 4.743   -4.965  -3.687  1.000 60.235  ? 114 ILE A C   1 ? 
ATOM   551  O O   . ILE A 1 91  ? 5.841   -5.063  -3.100  1.000 61.145  ? 114 ILE A O   1 ? 
ATOM   552  C CB  . ILE A 1 91  ? 3.214   -4.307  -1.743  1.000 61.874  ? 114 ILE A CB  1 ? 
ATOM   553  C CG1 . ILE A 1 91  ? 1.948   -4.681  -0.955  1.000 56.275  ? 114 ILE A CG1 1 ? 
ATOM   554  C CG2 . ILE A 1 91  ? 3.172   -2.864  -2.261  1.000 59.014  ? 114 ILE A CG2 1 ? 
ATOM   555  C CD1 . ILE A 1 91  ? 1.818   -3.986  0.391   1.000 54.617  ? 114 ILE A CD1 1 ? 
ATOM   556  N N   . TYR A 1 92  ? 4.557   -4.613  -4.964  1.000 57.839  ? 115 TYR A N   1 ? 
ATOM   557  C CA  . TYR A 1 92  ? 5.595   -4.130  -5.909  1.000 61.622  ? 115 TYR A CA  1 ? 
ATOM   558  C C   . TYR A 1 92  ? 5.455   -2.612  -6.024  1.000 57.692  ? 115 TYR A C   1 ? 
ATOM   559  O O   . TYR A 1 92  ? 4.300   -2.148  -5.913  1.000 49.737  ? 115 TYR A O   1 ? 
ATOM   560  C CB  . TYR A 1 92  ? 5.416   -4.782  -7.290  1.000 67.261  ? 115 TYR A CB  1 ? 
ATOM   561  C CG  . TYR A 1 92  ? 5.496   -6.291  -7.309  1.000 75.312  ? 115 TYR A CG  1 ? 
ATOM   562  C CD1 . TYR A 1 92  ? 4.431   -7.079  -6.880  1.000 77.496  ? 115 TYR A CD1 1 ? 
ATOM   563  C CD2 . TYR A 1 92  ? 6.639   -6.948  -7.759  1.000 80.341  ? 115 TYR A CD2 1 ? 
ATOM   564  C CE1 . TYR A 1 92  ? 4.500   -8.467  -6.897  1.000 78.951  ? 115 TYR A CE1 1 ? 
ATOM   565  C CE2 . TYR A 1 92  ? 6.723   -8.334  -7.788  1.000 76.969  ? 115 TYR A CE2 1 ? 
ATOM   566  C CZ  . TYR A 1 92  ? 5.648   -9.097  -7.356  1.000 76.278  ? 115 TYR A CZ  1 ? 
ATOM   567  O OH  . TYR A 1 92  ? 5.718   -10.460 -7.372  1.000 77.336  ? 115 TYR A OH  1 ? 
ATOM   568  N N   . TYR A 1 93  ? 6.544   -1.884  -6.317  1.000 58.203  ? 116 TYR A N   1 ? 
ATOM   569  C CA  . TYR A 1 93  ? 6.456   -0.490  -6.829  1.000 60.799  ? 116 TYR A CA  1 ? 
ATOM   570  C C   . TYR A 1 93  ? 5.974   -0.543  -8.290  1.000 59.482  ? 116 TYR A C   1 ? 
ATOM   571  O O   . TYR A 1 93  ? 6.481   -1.368  -9.055  1.000 59.030  ? 116 TYR A O   1 ? 
ATOM   572  C CB  . TYR A 1 93  ? 7.761   0.312   -6.726  1.000 60.978  ? 116 TYR A CB  1 ? 
ATOM   573  C CG  . TYR A 1 93  ? 7.608   1.682   -7.350  1.000 62.376  ? 116 TYR A CG  1 ? 
ATOM   574  C CD1 . TYR A 1 93  ? 8.195   2.010   -8.573  1.000 64.456  ? 116 TYR A CD1 1 ? 
ATOM   575  C CD2 . TYR A 1 93  ? 6.754   2.620   -6.780  1.000 63.081  ? 116 TYR A CD2 1 ? 
ATOM   576  C CE1 . TYR A 1 93  ? 7.997   3.255   -9.167  1.000 59.417  ? 116 TYR A CE1 1 ? 
ATOM   577  C CE2 . TYR A 1 93  ? 6.541   3.862   -7.362  1.000 65.519  ? 116 TYR A CE2 1 ? 
ATOM   578  C CZ  . TYR A 1 93  ? 7.164   4.182   -8.560  1.000 62.441  ? 116 TYR A CZ  1 ? 
ATOM   579  O OH  . TYR A 1 93  ? 6.936   5.413   -9.106  1.000 70.296  ? 116 TYR A OH  1 ? 
ATOM   580  N N   . GLY A 1 94  ? 4.993   0.291   -8.647  1.000 61.082  ? 117 GLY A N   1 ? 
ATOM   581  C CA  . GLY A 1 94  ? 4.539   0.503   -10.037 1.000 59.847  ? 117 GLY A CA  1 ? 
ATOM   582  C C   . GLY A 1 94  ? 3.512   -0.521  -10.500 1.000 63.679  ? 117 GLY A C   1 ? 
ATOM   583  O O   . GLY A 1 94  ? 3.231   -1.482  -9.748  1.000 62.053  ? 117 GLY A O   1 ? 
ATOM   584  N N   . THR A 1 95  ? 2.980   -0.320  -11.713 1.000 63.702  ? 118 THR A N   1 ? 
ATOM   585  C CA  . THR A 1 95  ? 1.855   -1.090  -12.310 1.000 70.529  ? 118 THR A CA  1 ? 
ATOM   586  C C   . THR A 1 95  ? 2.221   -1.476  -13.756 1.000 76.172  ? 118 THR A C   1 ? 
ATOM   587  O O   . THR A 1 95  ? 1.355   -1.322  -14.635 1.000 83.501  ? 118 THR A O   1 ? 
ATOM   588  C CB  . THR A 1 95  ? 0.547   -0.292  -12.140 1.000 67.705  ? 118 THR A CB  1 ? 
ATOM   589  O OG1 . THR A 1 95  ? 0.725   1.011   -12.696 1.000 65.256  ? 118 THR A OG1 1 ? 
ATOM   590  C CG2 . THR A 1 95  ? 0.118   -0.125  -10.697 1.000 71.545  ? 118 THR A CG2 1 ? 
ATOM   591  N N   . SER A 1 96  ? 3.439   -1.994  -13.986 1.000 90.148  ? 119 SER A N   1 ? 
ATOM   592  C CA  . SER A 1 96  ? 3.964   -2.427  -15.316 1.000 98.702  ? 119 SER A CA  1 ? 
ATOM   593  C C   . SER A 1 96  ? 3.480   -3.847  -15.643 1.000 115.433 ? 119 SER A C   1 ? 
ATOM   594  O O   . SER A 1 96  ? 3.311   -4.631  -14.695 1.000 132.168 ? 119 SER A O   1 ? 
ATOM   595  C CB  . SER A 1 96  ? 5.463   -2.327  -15.371 1.000 95.182  ? 119 SER A CB  1 ? 
ATOM   596  O OG  . SER A 1 96  ? 5.873   -0.982  -15.186 1.000 93.291  ? 119 SER A OG  1 ? 
ATOM   597  N N   . VAL A 1 97  ? 3.317   -4.167  -16.940 1.000 132.089 ? 120 VAL A N   1 ? 
ATOM   598  C CA  . VAL A 1 97  ? 2.513   -5.321  -17.470 1.000 138.249 ? 120 VAL A CA  1 ? 
ATOM   599  C C   . VAL A 1 97  ? 3.242   -6.653  -17.185 1.000 146.123 ? 120 VAL A C   1 ? 
ATOM   600  O O   . VAL A 1 97  ? 2.538   -7.629  -16.840 1.000 151.595 ? 120 VAL A O   1 ? 
ATOM   601  C CB  . VAL A 1 97  ? 2.175   -5.143  -18.973 1.000 136.853 ? 120 VAL A CB  1 ? 
ATOM   602  C CG1 . VAL A 1 97  ? 1.470   -6.364  -19.577 1.000 136.058 ? 120 VAL A CG1 1 ? 
ATOM   603  C CG2 . VAL A 1 97  ? 1.357   -3.872  -19.228 1.000 134.441 ? 120 VAL A CG2 1 ? 
ATOM   604  N N   . ASP A 1 98  ? 4.582   -6.703  -17.306 1.000 147.800 ? 121 ASP A N   1 ? 
ATOM   605  C CA  . ASP A 1 98  ? 5.432   -7.888  -16.962 1.000 141.783 ? 121 ASP A CA  1 ? 
ATOM   606  C C   . ASP A 1 98  ? 5.296   -8.218  -15.464 1.000 138.211 ? 121 ASP A C   1 ? 
ATOM   607  O O   . ASP A 1 98  ? 5.630   -9.361  -15.076 1.000 134.659 ? 121 ASP A O   1 ? 
ATOM   608  C CB  . ASP A 1 98  ? 6.916   -7.670  -17.315 1.000 138.885 ? 121 ASP A CB  1 ? 
ATOM   609  C CG  . ASP A 1 98  ? 7.299   -7.904  -18.772 1.000 135.465 ? 121 ASP A CG  1 ? 
ATOM   610  O OD1 . ASP A 1 98  ? 8.519   -7.962  -19.054 1.000 123.095 ? 121 ASP A OD1 1 ? 
ATOM   611  O OD2 . ASP A 1 98  ? 6.387   -8.026  -19.616 1.000 132.139 ? 121 ASP A OD2 1 ? 
ATOM   612  N N   . ILE A 1 99  ? 4.834   -7.250  -14.664 1.000 131.556 ? 122 ILE A N   1 ? 
ATOM   613  C CA  . ILE A 1 99  ? 4.700   -7.319  -13.177 1.000 127.794 ? 122 ILE A CA  1 ? 
ATOM   614  C C   . ILE A 1 99  ? 3.233   -7.609  -12.796 1.000 122.168 ? 122 ILE A C   1 ? 
ATOM   615  O O   . ILE A 1 99  ? 3.029   -8.281  -11.768 1.000 112.328 ? 122 ILE A O   1 ? 
ATOM   616  C CB  . ILE A 1 99  ? 5.280   -6.012  -12.573 1.000 124.697 ? 122 ILE A CB  1 ? 
ATOM   617  C CG1 . ILE A 1 99  ? 6.791   -5.912  -12.852 1.000 123.583 ? 122 ILE A CG1 1 ? 
ATOM   618  C CG2 . ILE A 1 99  ? 4.953   -5.858  -11.085 1.000 130.553 ? 122 ILE A CG2 1 ? 
ATOM   619  C CD1 . ILE A 1 99  ? 7.332   -4.503  -12.997 1.000 121.805 ? 122 ILE A CD1 1 ? 
ATOM   620  N N   . LEU A 1 100 ? 2.252   -7.215  -13.627 1.000 122.079 ? 123 LEU A N   1 ? 
ATOM   621  C CA  . LEU A 1 100 ? 0.800   -7.110  -13.267 1.000 126.743 ? 123 LEU A CA  1 ? 
ATOM   622  C C   . LEU A 1 100 ? 0.103   -8.489  -13.231 1.000 115.051 ? 123 LEU A C   1 ? 
ATOM   623  O O   . LEU A 1 100 ? -1.119  -8.504  -13.446 1.000 113.450 ? 123 LEU A O   1 ? 
ATOM   624  C CB  . LEU A 1 100 ? 0.089   -6.164  -14.260 1.000 136.719 ? 123 LEU A CB  1 ? 
ATOM   625  C CG  . LEU A 1 100 ? -0.076  -4.691  -13.849 1.000 142.294 ? 123 LEU A CG  1 ? 
ATOM   626  C CD1 . LEU A 1 100 ? -0.527  -3.832  -15.038 1.000 144.748 ? 123 LEU A CD1 1 ? 
ATOM   627  C CD2 . LEU A 1 100 ? -1.051  -4.528  -12.676 1.000 141.744 ? 123 LEU A CD2 1 ? 
ATOM   628  N N   . LYS A 1 101 ? 0.795   -9.600  -12.928 1.000 116.790 ? 124 LYS A N   1 ? 
ATOM   629  C CA  . LYS A 1 101 ? 0.187   -10.968 -12.901 1.000 118.663 ? 124 LYS A CA  1 ? 
ATOM   630  C C   . LYS A 1 101 ? 0.760   -11.794 -11.734 1.000 121.752 ? 124 LYS A C   1 ? 
ATOM   631  O O   . LYS A 1 101 ? 0.985   -13.009 -11.936 1.000 125.670 ? 124 LYS A O   1 ? 
ATOM   632  C CB  . LYS A 1 101 ? 0.393   -11.653 -14.263 1.000 121.282 ? 124 LYS A CB  1 ? 
ATOM   633  C CG  . LYS A 1 101 ? -0.230  -10.940 -15.465 1.000 128.201 ? 124 LYS A CG  1 ? 
ATOM   634  C CD  . LYS A 1 101 ? -0.105  -11.673 -16.805 1.000 132.567 ? 124 LYS A CD  1 ? 
ATOM   635  C CE  . LYS A 1 101 ? 1.320   -11.866 -17.298 1.000 138.093 ? 124 LYS A CE  1 ? 
ATOM   636  N NZ  . LYS A 1 101 ? 2.036   -10.582 -17.522 1.000 140.245 ? 124 LYS A NZ  1 ? 
ATOM   637  N N   . LYS A 1 102 ? 0.946   -11.185 -10.549 1.000 118.379 ? 125 LYS A N   1 ? 
ATOM   638  C CA  . LYS A 1 102 ? 1.686   -11.790 -9.399  1.000 113.021 ? 125 LYS A CA  1 ? 
ATOM   639  C C   . LYS A 1 102 ? 1.013   -11.436 -8.050  1.000 109.332 ? 125 LYS A C   1 ? 
ATOM   640  O O   . LYS A 1 102 ? 0.663   -12.389 -7.314  1.000 104.471 ? 125 LYS A O   1 ? 
ATOM   641  C CB  . LYS A 1 102 ? 3.168   -11.385 -9.512  1.000 114.621 ? 125 LYS A CB  1 ? 
ATOM   642  C CG  . LYS A 1 102 ? 3.960   -12.071 -10.639 1.000 112.288 ? 125 LYS A CG  1 ? 
ATOM   643  C CD  . LYS A 1 102 ? 4.922   -11.177 -11.453 1.000 110.925 ? 125 LYS A CD  1 ? 
ATOM   644  C CE  . LYS A 1 102 ? 6.325   -11.045 -10.881 1.000 107.699 ? 125 LYS A CE  1 ? 
ATOM   645  N NZ  . LYS A 1 102 ? 7.112   -9.972  -11.550 1.000 102.904 ? 125 LYS A NZ  1 ? 
ATOM   646  N N   . GLY A 1 103 ? 0.826   -10.139 -7.732  1.000 104.308 ? 126 GLY A N   1 ? 
ATOM   647  C CA  . GLY A 1 103 ? 0.342   -9.647  -6.417  1.000 95.090  ? 126 GLY A CA  1 ? 
ATOM   648  C C   . GLY A 1 103 ? -0.375  -8.291  -6.469  1.000 93.058  ? 126 GLY A C   1 ? 
ATOM   649  O O   . GLY A 1 103 ? -1.560  -8.272  -6.867  1.000 93.999  ? 126 GLY A O   1 ? 
ATOM   650  N N   . VAL A 1 104 ? 0.277   -7.204  -6.015  1.000 82.637  ? 127 VAL A N   1 ? 
ATOM   651  C CA  . VAL A 1 104 ? -0.304  -5.822  -5.894  1.000 80.959  ? 127 VAL A CA  1 ? 
ATOM   652  C C   . VAL A 1 104 ? 0.776   -4.783  -6.252  1.000 70.167  ? 127 VAL A C   1 ? 
ATOM   653  O O   . VAL A 1 104 ? 1.926   -4.986  -5.852  1.000 66.286  ? 127 VAL A O   1 ? 
ATOM   654  C CB  . VAL A 1 104 ? -0.876  -5.548  -4.480  1.000 84.593  ? 127 VAL A CB  1 ? 
ATOM   655  C CG1 . VAL A 1 104 ? -1.900  -4.416  -4.490  1.000 85.139  ? 127 VAL A CG1 1 ? 
ATOM   656  C CG2 . VAL A 1 104 ? -1.469  -6.796  -3.825  1.000 90.579  ? 127 VAL A CG2 1 ? 
ATOM   657  N N   . GLY A 1 105 ? 0.405   -3.690  -6.933  1.000 65.726  ? 128 GLY A N   1 ? 
ATOM   658  C CA  . GLY A 1 105 ? 1.330   -2.637  -7.405  1.000 62.374  ? 128 GLY A CA  1 ? 
ATOM   659  C C   . GLY A 1 105 ? 1.041   -1.281  -6.783  1.000 60.203  ? 128 GLY A C   1 ? 
ATOM   660  O O   . GLY A 1 105 ? -0.139  -0.903  -6.724  1.000 59.835  ? 128 GLY A O   1 ? 
ATOM   661  N N   . VAL A 1 106 ? 2.077   -0.549  -6.354  1.000 59.927  ? 129 VAL A N   1 ? 
ATOM   662  C CA  . VAL A 1 106 ? 1.944   0.850   -5.848  1.000 53.616  ? 129 VAL A CA  1 ? 
ATOM   663  C C   . VAL A 1 106 ? 1.729   1.761   -7.058  1.000 59.335  ? 129 VAL A C   1 ? 
ATOM   664  O O   . VAL A 1 106 ? 2.619   1.795   -7.919  1.000 58.785  ? 129 VAL A O   1 ? 
ATOM   665  C CB  . VAL A 1 106 ? 3.169   1.312   -5.040  1.000 52.236  ? 129 VAL A CB  1 ? 
ATOM   666  C CG1 . VAL A 1 106 ? 3.088   2.814   -4.731  1.000 52.571  ? 129 VAL A CG1 1 ? 
ATOM   667  C CG2 . VAL A 1 106 ? 3.364   0.484   -3.770  1.000 52.260  ? 129 VAL A CG2 1 ? 
ATOM   668  N N   . LEU A 1 107 ? 0.616   2.500   -7.094  1.000 61.339  ? 130 LEU A N   1 ? 
ATOM   669  C CA  . LEU A 1 107 ? 0.224   3.358   -8.249  1.000 61.665  ? 130 LEU A CA  1 ? 
ATOM   670  C C   . LEU A 1 107 ? 1.186   4.551   -8.364  1.000 63.001  ? 130 LEU A C   1 ? 
ATOM   671  O O   . LEU A 1 107 ? 1.230   5.391   -7.427  1.000 61.810  ? 130 LEU A O   1 ? 
ATOM   672  C CB  . LEU A 1 107 ? -1.228  3.816   -8.065  1.000 61.288  ? 130 LEU A CB  1 ? 
ATOM   673  C CG  . LEU A 1 107 ? -1.924  4.395   -9.301  1.000 60.054  ? 130 LEU A CG  1 ? 
ATOM   674  C CD1 . LEU A 1 107 ? -2.023  3.346   -10.417 1.000 61.406  ? 130 LEU A CD1 1 ? 
ATOM   675  C CD2 . LEU A 1 107 ? -3.305  4.951   -8.933  1.000 57.402  ? 130 LEU A CD2 1 ? 
ATOM   676  N N   . GLU A 1 108 ? 1.926   4.625   -9.477  1.000 64.007  ? 131 GLU A N   1 ? 
ATOM   677  C CA  . GLU A 1 108 ? 2.880   5.728   -9.793  1.000 67.293  ? 131 GLU A CA  1 ? 
ATOM   678  C C   . GLU A 1 108 ? 2.114   7.056   -9.679  1.000 65.956  ? 131 GLU A C   1 ? 
ATOM   679  O O   . GLU A 1 108 ? 1.032   7.158   -10.292 1.000 62.854  ? 131 GLU A O   1 ? 
ATOM   680  C CB  . GLU A 1 108 ? 3.507   5.553   -11.187 1.000 66.587  ? 131 GLU A CB  1 ? 
ATOM   681  C CG  . GLU A 1 108 ? 4.203   4.205   -11.411 1.000 65.922  ? 131 GLU A CG  1 ? 
ATOM   682  C CD  . GLU A 1 108 ? 3.375   3.086   -12.034 1.000 67.574  ? 131 GLU A CD  1 ? 
ATOM   683  O OE1 . GLU A 1 108 ? 2.133   3.093   -11.882 1.000 59.090  ? 131 GLU A OE1 1 ? 
ATOM   684  O OE2 . GLU A 1 108 ? 3.979   2.185   -12.658 1.000 69.324  ? 131 GLU A OE2 1 ? 
ATOM   685  N N   . GLY A 1 109 ? 2.630   8.011   -8.894  1.000 64.977  ? 132 GLY A N   1 ? 
ATOM   686  C CA  . GLY A 1 109 ? 1.996   9.324   -8.651  1.000 60.554  ? 132 GLY A CA  1 ? 
ATOM   687  C C   . GLY A 1 109 ? 1.315   9.392   -7.294  1.000 58.895  ? 132 GLY A C   1 ? 
ATOM   688  O O   . GLY A 1 109 ? 0.892   10.505  -6.925  1.000 55.328  ? 132 GLY A O   1 ? 
ATOM   689  N N   . THR A 1 110 ? 1.228   8.257   -6.575  1.000 58.801  ? 133 THR A N   1 ? 
ATOM   690  C CA  . THR A 1 110 ? 0.632   8.127   -5.214  1.000 52.895  ? 133 THR A CA  1 ? 
ATOM   691  C C   . THR A 1 110 ? 1.770   7.922   -4.209  1.000 53.039  ? 133 THR A C   1 ? 
ATOM   692  O O   . THR A 1 110 ? 2.863   7.505   -4.631  1.000 58.212  ? 133 THR A O   1 ? 
ATOM   693  C CB  . THR A 1 110 ? -0.441  7.020   -5.157  1.000 58.097  ? 133 THR A CB  1 ? 
ATOM   694  O OG1 . THR A 1 110 ? 0.126   5.702   -5.136  1.000 56.448  ? 133 THR A OG1 1 ? 
ATOM   695  C CG2 . THR A 1 110 ? -1.425  7.109   -6.309  1.000 56.936  ? 133 THR A CG2 1 ? 
ATOM   696  N N   . SER A 1 111 ? 1.518   8.215   -2.930  1.000 58.594  ? 134 SER A N   1 ? 
ATOM   697  C CA  . SER A 1 111 ? 2.493   8.071   -1.816  1.000 56.289  ? 134 SER A CA  1 ? 
ATOM   698  C C   . SER A 1 111 ? 3.031   6.637   -1.819  1.000 56.418  ? 134 SER A C   1 ? 
ATOM   699  O O   . SER A 1 111 ? 2.303   5.738   -2.257  1.000 59.292  ? 134 SER A O   1 ? 
ATOM   700  C CB  . SER A 1 111 ? 1.875   8.433   -0.481  1.000 59.384  ? 134 SER A CB  1 ? 
ATOM   701  O OG  . SER A 1 111 ? 1.326   9.741   -0.520  1.000 56.798  ? 134 SER A OG  1 ? 
ATOM   702  N N   . LEU A 1 112 ? 4.286   6.442   -1.418  1.000 59.178  ? 135 LEU A N   1 ? 
ATOM   703  C CA  . LEU A 1 112 ? 4.835   5.098   -1.126  1.000 57.868  ? 135 LEU A CA  1 ? 
ATOM   704  C C   . LEU A 1 112 ? 4.263   4.690   0.227   1.000 56.846  ? 135 LEU A C   1 ? 
ATOM   705  O O   . LEU A 1 112 ? 4.095   5.546   1.095   1.000 53.738  ? 135 LEU A O   1 ? 
ATOM   706  C CB  . LEU A 1 112 ? 6.368   5.140   -1.154  1.000 63.367  ? 135 LEU A CB  1 ? 
ATOM   707  C CG  . LEU A 1 112 ? 7.013   5.358   -2.534  1.000 64.765  ? 135 LEU A CG  1 ? 
ATOM   708  C CD1 . LEU A 1 112 ? 8.536   5.504   -2.423  1.000 70.181  ? 135 LEU A CD1 1 ? 
ATOM   709  C CD2 . LEU A 1 112 ? 6.660   4.234   -3.512  1.000 68.210  ? 135 LEU A CD2 1 ? 
ATOM   710  N N   . PRO A 1 113 ? 3.898   3.400   0.431   1.000 57.292  ? 136 PRO A N   1 ? 
ATOM   711  C CA  . PRO A 1 113 ? 3.131   2.992   1.609   1.000 59.604  ? 136 PRO A CA  1 ? 
ATOM   712  C C   . PRO A 1 113 ? 4.014   2.808   2.859   1.000 57.381  ? 136 PRO A C   1 ? 
ATOM   713  O O   . PRO A 1 113 ? 4.229   1.694   3.281   1.000 58.929  ? 136 PRO A O   1 ? 
ATOM   714  C CB  . PRO A 1 113 ? 2.468   1.706   1.086   1.000 60.926  ? 136 PRO A CB  1 ? 
ATOM   715  C CG  . PRO A 1 113 ? 3.532   1.082   0.222   1.000 58.826  ? 136 PRO A CG  1 ? 
ATOM   716  C CD  . PRO A 1 113 ? 4.195   2.265   -0.460  1.000 60.717  ? 136 PRO A CD  1 ? 
ATOM   717  N N   . VAL A 1 114 ? 4.521   3.915   3.408   1.000 58.120  ? 137 VAL A N   1 ? 
ATOM   718  C CA  . VAL A 1 114 ? 5.265   3.965   4.708   1.000 61.719  ? 137 VAL A CA  1 ? 
ATOM   719  C C   . VAL A 1 114 ? 4.462   4.800   5.724   1.000 58.223  ? 137 VAL A C   1 ? 
ATOM   720  O O   . VAL A 1 114 ? 4.998   5.049   6.808   1.000 66.084  ? 137 VAL A O   1 ? 
ATOM   721  C CB  . VAL A 1 114 ? 6.706   4.501   4.527   1.000 59.629  ? 137 VAL A CB  1 ? 
ATOM   722  C CG1 . VAL A 1 114 ? 7.565   3.564   3.679   1.000 59.973  ? 137 VAL A CG1 1 ? 
ATOM   723  C CG2 . VAL A 1 114 ? 6.732   5.931   3.976   1.000 62.055  ? 137 VAL A CG2 1 ? 
ATOM   724  N N   . GLY A 1 115 ? 3.231   5.214   5.397   1.000 59.416  ? 138 GLY A N   1 ? 
ATOM   725  C CA  . GLY A 1 115 ? 2.337   5.974   6.300   1.000 61.249  ? 138 GLY A CA  1 ? 
ATOM   726  C C   . GLY A 1 115 ? 2.765   7.419   6.486   1.000 58.855  ? 138 GLY A C   1 ? 
ATOM   727  O O   . GLY A 1 115 ? 3.711   7.850   5.799   1.000 62.494  ? 138 GLY A O   1 ? 
ATOM   728  N N   . GLY A 1 116 ? 2.089   8.140   7.391   1.000 61.485  ? 139 GLY A N   1 ? 
ATOM   729  C CA  . GLY A 1 116 ? 2.288   9.579   7.666   1.000 58.836  ? 139 GLY A CA  1 ? 
ATOM   730  C C   . GLY A 1 116 ? 1.115   10.445  7.223   1.000 59.212  ? 139 GLY A C   1 ? 
ATOM   731  O O   . GLY A 1 116 ? 0.488   10.118  6.205   1.000 54.168  ? 139 GLY A O   1 ? 
ATOM   732  N N   . GLU A 1 117 ? 0.859   11.542  7.947   1.000 62.834  ? 140 GLU A N   1 ? 
ATOM   733  C CA  . GLU A 1 117 ? -0.072  12.642  7.555   1.000 68.625  ? 140 GLU A CA  1 ? 
ATOM   734  C C   . GLU A 1 117 ? 0.298   13.121  6.140   1.000 66.646  ? 140 GLU A C   1 ? 
ATOM   735  O O   . GLU A 1 117 ? 1.510   13.138  5.812   1.000 61.163  ? 140 GLU A O   1 ? 
ATOM   736  C CB  . GLU A 1 117 ? 0.000   13.822  8.541   1.000 80.470  ? 140 GLU A CB  1 ? 
ATOM   737  C CG  . GLU A 1 117 ? -0.333  13.489  10.000  1.000 87.307  ? 140 GLU A CG  1 ? 
ATOM   738  C CD  . GLU A 1 117 ? -1.738  12.981  10.288  1.000 95.599  ? 140 GLU A CD  1 ? 
ATOM   739  O OE1 . GLU A 1 117 ? -1.943  12.417  11.380  1.000 90.688  ? 140 GLU A OE1 1 ? 
ATOM   740  O OE2 . GLU A 1 117 ? -2.629  13.159  9.428   1.000 102.582 ? 140 GLU A OE2 1 ? 
ATOM   741  N N   . ASN A 1 118 ? -0.695  13.507  5.333   1.000 65.261  ? 141 ASN A N   1 ? 
ATOM   742  C CA  . ASN A 1 118 ? -0.495  13.964  3.927   1.000 68.290  ? 141 ASN A CA  1 ? 
ATOM   743  C C   . ASN A 1 118 ? 0.184   12.837  3.123   1.000 64.781  ? 141 ASN A C   1 ? 
ATOM   744  O O   . ASN A 1 118 ? 1.192   13.098  2.441   1.000 61.462  ? 141 ASN A O   1 ? 
ATOM   745  C CB  . ASN A 1 118 ? 0.283   15.285  3.872   1.000 70.557  ? 141 ASN A CB  1 ? 
ATOM   746  C CG  . ASN A 1 118 ? -0.130  16.274  4.943   1.000 74.638  ? 141 ASN A CG  1 ? 
ATOM   747  O OD1 . ASN A 1 118 ? -1.236  16.814  4.910   1.000 73.233  ? 141 ASN A OD1 1 ? 
ATOM   748  N ND2 . ASN A 1 118 ? 0.749   16.502  5.905   1.000 72.646  ? 141 ASN A ND2 1 ? 
ATOM   749  N N   . THR A 1 119 ? -0.324  11.607  3.238   1.000 60.816  ? 142 THR A N   1 ? 
ATOM   750  C CA  . THR A 1 119 ? 0.043   10.473  2.350   1.000 63.487  ? 142 THR A CA  1 ? 
ATOM   751  C C   . THR A 1 119 ? -1.251  9.801   1.893   1.000 61.123  ? 142 THR A C   1 ? 
ATOM   752  O O   . THR A 1 119 ? -2.184  9.731   2.703   1.000 67.093  ? 142 THR A O   1 ? 
ATOM   753  C CB  . THR A 1 119 ? 1.033   9.501   3.014   1.000 60.638  ? 142 THR A CB  1 ? 
ATOM   754  O OG1 . THR A 1 119 ? 0.359   8.807   4.064   1.000 54.721  ? 142 THR A OG1 1 ? 
ATOM   755  C CG2 . THR A 1 119 ? 2.274   10.194  3.546   1.000 61.919  ? 142 THR A CG2 1 ? 
ATOM   756  N N   . HIS A 1 120 ? -1.306  9.391   0.625   1.000 58.764  ? 143 HIS A N   1 ? 
ATOM   757  C CA  . HIS A 1 120 ? -2.351  8.493   0.072   1.000 56.882  ? 143 HIS A CA  1 ? 
ATOM   758  C C   . HIS A 1 120 ? -1.679  7.553   -0.932  1.000 54.900  ? 143 HIS A C   1 ? 
ATOM   759  O O   . HIS A 1 120 ? -1.417  7.995   -2.067  1.000 57.335  ? 143 HIS A O   1 ? 
ATOM   760  C CB  . HIS A 1 120 ? -3.530  9.308   -0.496  1.000 56.945  ? 143 HIS A CB  1 ? 
ATOM   761  C CG  . HIS A 1 120 ? -4.714  8.476   -0.860  1.000 54.277  ? 143 HIS A CG  1 ? 
ATOM   762  N ND1 . HIS A 1 120 ? -5.778  8.982   -1.567  1.000 59.039  ? 143 HIS A ND1 1 ? 
ATOM   763  C CD2 . HIS A 1 120 ? -4.989  7.171   -0.634  1.000 55.241  ? 143 HIS A CD2 1 ? 
ATOM   764  C CE1 . HIS A 1 120 ? -6.673  8.029   -1.749  1.000 59.807  ? 143 HIS A CE1 1 ? 
ATOM   765  N NE2 . HIS A 1 120 ? -6.215  6.909   -1.182  1.000 56.933  ? 143 HIS A NE2 1 ? 
ATOM   766  N N   . SER A 1 121 ? -1.352  6.334   -0.498  1.000 50.096  ? 144 SER A N   1 ? 
ATOM   767  C CA  . SER A 1 121 ? -0.799  5.261   -1.357  1.000 51.371  ? 144 SER A CA  1 ? 
ATOM   768  C C   . SER A 1 121 ? -1.978  4.482   -1.957  1.000 55.427  ? 144 SER A C   1 ? 
ATOM   769  O O   . SER A 1 121 ? -2.889  4.116   -1.200  1.000 54.146  ? 144 SER A O   1 ? 
ATOM   770  C CB  . SER A 1 121 ? 0.139   4.379   -0.589  1.000 52.866  ? 144 SER A CB  1 ? 
ATOM   771  O OG  . SER A 1 121 ? 0.762   3.458   -1.463  1.000 54.445  ? 144 SER A OG  1 ? 
ATOM   772  N N   . VAL A 1 122 ? -2.003  4.308   -3.279  1.000 56.189  ? 145 VAL A N   1 ? 
ATOM   773  C CA  . VAL A 1 122 ? -3.021  3.471   -3.972  1.000 54.844  ? 145 VAL A CA  1 ? 
ATOM   774  C C   . VAL A 1 122 ? -2.332  2.159   -4.331  1.000 52.413  ? 145 VAL A C   1 ? 
ATOM   775  O O   . VAL A 1 122 ? -1.267  2.220   -4.952  1.000 52.199  ? 145 VAL A O   1 ? 
ATOM   776  C CB  . VAL A 1 122 ? -3.635  4.193   -5.188  1.000 58.522  ? 145 VAL A CB  1 ? 
ATOM   777  C CG1 . VAL A 1 122 ? -4.669  3.332   -5.924  1.000 59.409  ? 145 VAL A CG1 1 ? 
ATOM   778  C CG2 . VAL A 1 122 ? -4.244  5.532   -4.763  1.000 61.265  ? 145 VAL A CG2 1 ? 
ATOM   779  N N   . LEU A 1 123 ? -2.876  1.042   -3.845  1.000 53.370  ? 146 LEU A N   1 ? 
ATOM   780  C CA  . LEU A 1 123 ? -2.387  -0.331  -4.129  1.000 56.527  ? 146 LEU A CA  1 ? 
ATOM   781  C C   . LEU A 1 123 ? -3.333  -0.915  -5.185  1.000 60.652  ? 146 LEU A C   1 ? 
ATOM   782  O O   . LEU A 1 123 ? -4.520  -1.165  -4.857  1.000 60.306  ? 146 LEU A O   1 ? 
ATOM   783  C CB  . LEU A 1 123 ? -2.345  -1.161  -2.837  1.000 57.197  ? 146 LEU A CB  1 ? 
ATOM   784  C CG  . LEU A 1 123 ? -1.585  -0.553  -1.648  1.000 57.776  ? 146 LEU A CG  1 ? 
ATOM   785  C CD1 . LEU A 1 123 ? -1.418  -1.579  -0.517  1.000 57.134  ? 146 LEU A CD1 1 ? 
ATOM   786  C CD2 . LEU A 1 123 ? -0.224  0.010   -2.063  1.000 59.278  ? 146 LEU A CD2 1 ? 
ATOM   787  N N   . SER A 1 124 ? -2.838  -1.035  -6.419  1.000 62.605  ? 147 SER A N   1 ? 
ATOM   788  C CA  . SER A 1 124 ? -3.604  -1.451  -7.619  1.000 64.573  ? 147 SER A CA  1 ? 
ATOM   789  C C   . SER A 1 124 ? -3.472  -2.967  -7.769  1.000 59.132  ? 147 SER A C   1 ? 
ATOM   790  O O   . SER A 1 124 ? -2.333  -3.459  -7.741  1.000 58.132  ? 147 SER A O   1 ? 
ATOM   791  C CB  . SER A 1 124 ? -3.143  -0.704  -8.856  1.000 70.303  ? 147 SER A CB  1 ? 
ATOM   792  O OG  . SER A 1 124 ? -4.005  -0.956  -9.961  1.000 76.480  ? 147 SER A OG  1 ? 
ATOM   793  N N   . ALA A 1 125 ? -4.604  -3.661  -7.913  1.000 69.001  ? 148 ALA A N   1 ? 
ATOM   794  C CA  . ALA A 1 125 ? -4.728  -5.125  -8.115  1.000 75.172  ? 148 ALA A CA  1 ? 
ATOM   795  C C   . ALA A 1 125 ? -3.973  -5.543  -9.387  1.000 81.677  ? 148 ALA A C   1 ? 
ATOM   796  O O   . ALA A 1 125 ? -4.025  -4.782  -10.372 1.000 84.300  ? 148 ALA A O   1 ? 
ATOM   797  C CB  . ALA A 1 125 ? -6.193  -5.491  -8.198  1.000 78.898  ? 148 ALA A CB  1 ? 
ATOM   798  N N   . HIS A 1 126 ? -3.314  -6.709  -9.366  1.000 91.942  ? 149 HIS A N   1 ? 
ATOM   799  C CA  . HIS A 1 126 ? -2.644  -7.343  -10.539 1.000 97.743  ? 149 HIS A CA  1 ? 
ATOM   800  C C   . HIS A 1 126 ? -3.692  -8.164  -11.315 1.000 106.261 ? 149 HIS A C   1 ? 
ATOM   801  O O   . HIS A 1 126 ? -4.538  -8.809  -10.658 1.000 109.051 ? 149 HIS A O   1 ? 
ATOM   802  C CB  . HIS A 1 126 ? -1.386  -8.112  -10.078 1.000 98.144  ? 149 HIS A CB  1 ? 
ATOM   803  C CG  . HIS A 1 126 ? -0.213  -7.231  -9.770  1.000 97.718  ? 149 HIS A CG  1 ? 
ATOM   804  N ND1 . HIS A 1 126 ? 1.070   -7.724  -9.646  1.000 93.728  ? 149 HIS A ND1 1 ? 
ATOM   805  C CD2 . HIS A 1 126 ? -0.110  -5.890  -9.610  1.000 98.240  ? 149 HIS A CD2 1 ? 
ATOM   806  C CE1 . HIS A 1 126 ? 1.903   -6.734  -9.392  1.000 95.106  ? 149 HIS A CE1 1 ? 
ATOM   807  N NE2 . HIS A 1 126 ? 1.208   -5.596  -9.380  1.000 94.785  ? 149 HIS A NE2 1 ? 
ATOM   808  N N   . THR A 1 127 ? -3.636  -8.123  -12.658 1.000 110.692 ? 150 THR A N   1 ? 
ATOM   809  C CA  . THR A 1 127 ? -4.741  -8.475  -13.602 1.000 113.247 ? 150 THR A CA  1 ? 
ATOM   810  C C   . THR A 1 127 ? -4.392  -9.747  -14.401 1.000 124.823 ? 150 THR A C   1 ? 
ATOM   811  O O   . THR A 1 127 ? -3.912  -9.611  -15.551 1.000 132.645 ? 150 THR A O   1 ? 
ATOM   812  C CB  . THR A 1 127 ? -5.068  -7.264  -14.494 1.000 108.479 ? 150 THR A CB  1 ? 
ATOM   813  O OG1 . THR A 1 127 ? -3.855  -6.819  -15.103 1.000 100.344 ? 150 THR A OG1 1 ? 
ATOM   814  C CG2 . THR A 1 127 ? -5.694  -6.105  -13.744 1.000 108.419 ? 150 THR A CG2 1 ? 
ATOM   815  N N   . GLY A 1 128 ? -4.639  -10.932 -13.820 1.000 125.346 ? 151 GLY A N   1 ? 
ATOM   816  C CA  . GLY A 1 128 ? -4.540  -12.256 -14.478 1.000 124.524 ? 151 GLY A CA  1 ? 
ATOM   817  C C   . GLY A 1 128 ? -5.663  -13.185 -14.032 1.000 126.425 ? 151 GLY A C   1 ? 
ATOM   818  O O   . GLY A 1 128 ? -6.808  -12.955 -14.468 1.000 120.740 ? 151 GLY A O   1 ? 
ATOM   819  N N   . LEU A 1 129 ? -5.354  -14.195 -13.201 1.000 133.090 ? 152 LEU A N   1 ? 
ATOM   820  C CA  . LEU A 1 129 ? -6.341  -15.033 -12.452 1.000 138.680 ? 152 LEU A CA  1 ? 
ATOM   821  C C   . LEU A 1 129 ? -6.557  -14.454 -11.043 1.000 148.322 ? 152 LEU A C   1 ? 
ATOM   822  O O   . LEU A 1 129 ? -7.593  -14.797 -10.429 1.000 150.379 ? 152 LEU A O   1 ? 
ATOM   823  C CB  . LEU A 1 129 ? -5.853  -16.490 -12.374 1.000 135.698 ? 152 LEU A CB  1 ? 
ATOM   824  C CG  . LEU A 1 129 ? -5.954  -17.324 -13.661 1.000 133.581 ? 152 LEU A CG  1 ? 
ATOM   825  C CD1 . LEU A 1 129 ? -5.298  -18.698 -13.486 1.000 129.948 ? 152 LEU A CD1 1 ? 
ATOM   826  C CD2 . LEU A 1 129 ? -7.407  -17.473 -14.130 1.000 131.706 ? 152 LEU A CD2 1 ? 
ATOM   827  N N   . ALA A 1 130 ? -5.624  -13.619 -10.554 1.000 152.883 ? 153 ALA A N   1 ? 
ATOM   828  C CA  . ALA A 1 130 ? -5.608  -13.034 -9.188  1.000 151.588 ? 153 ALA A CA  1 ? 
ATOM   829  C C   . ALA A 1 130 ? -6.066  -11.563 -9.227  1.000 155.347 ? 153 ALA A C   1 ? 
ATOM   830  O O   . ALA A 1 130 ? -5.578  -10.764 -8.396  1.000 158.791 ? 153 ALA A O   1 ? 
ATOM   831  C CB  . ALA A 1 130 ? -4.232  -13.227 -8.579  1.000 148.167 ? 153 ALA A CB  1 ? 
ATOM   832  N N   . ASN A 1 131 ? -6.934  -11.219 -10.192 1.000 156.193 ? 154 ASN A N   1 ? 
ATOM   833  C CA  . ASN A 1 131 ? -7.946  -10.123 -10.113 1.000 153.259 ? 154 ASN A CA  1 ? 
ATOM   834  C C   . ASN A 1 131 ? -9.358  -10.731 -10.194 1.000 150.884 ? 154 ASN A C   1 ? 
ATOM   835  O O   . ASN A 1 131 ? -10.305 -10.053 -9.747  1.000 144.140 ? 154 ASN A O   1 ? 
ATOM   836  C CB  . ASN A 1 131 ? -7.747  -9.060  -11.205 1.000 153.266 ? 154 ASN A CB  1 ? 
ATOM   837  C CG  . ASN A 1 131 ? -7.787  -7.635  -10.680 1.000 148.427 ? 154 ASN A CG  1 ? 
ATOM   838  O OD1 . ASN A 1 131 ? -6.855  -6.863  -10.897 1.000 148.685 ? 154 ASN A OD1 1 ? 
ATOM   839  N ND2 . ASN A 1 131 ? -8.855  -7.280  -9.986  1.000 145.725 ? 154 ASN A ND2 1 ? 
ATOM   840  N N   . GLN A 1 132 ? -9.491  -11.944 -10.763 1.000 152.698 ? 155 GLN A N   1 ? 
ATOM   841  C CA  . GLN A 1 132 ? -10.754 -12.739 -10.851 1.000 152.066 ? 155 GLN A CA  1 ? 
ATOM   842  C C   . GLN A 1 132 ? -11.110 -13.309 -9.468  1.000 144.370 ? 155 GLN A C   1 ? 
ATOM   843  O O   . GLN A 1 132 ? -12.309 -13.594 -9.252  1.000 156.437 ? 155 GLN A O   1 ? 
ATOM   844  C CB  . GLN A 1 132 ? -10.628 -13.868 -11.882 1.000 153.006 ? 155 GLN A CB  1 ? 
ATOM   845  C CG  . GLN A 1 132 ? -10.414 -13.385 -13.316 1.000 153.286 ? 155 GLN A CG  1 ? 
ATOM   846  C CD  . GLN A 1 132 ? -10.268 -14.513 -14.310 1.000 156.903 ? 155 GLN A CD  1 ? 
ATOM   847  O OE1 . GLN A 1 132 ? -10.150 -15.684 -13.948 1.000 156.315 ? 155 GLN A OE1 1 ? 
ATOM   848  N NE2 . GLN A 1 132 ? -10.271 -14.163 -15.586 1.000 157.894 ? 155 GLN A NE2 1 ? 
ATOM   849  N N   . LYS A 1 133 ? -10.120 -13.498 -8.584  1.000 127.955 ? 156 LYS A N   1 ? 
ATOM   850  C CA  . LYS A 1 133 ? -10.342 -13.741 -7.130  1.000 119.399 ? 156 LYS A CA  1 ? 
ATOM   851  C C   . LYS A 1 133 ? -10.366 -12.377 -6.415  1.000 103.550 ? 156 LYS A C   1 ? 
ATOM   852  O O   . LYS A 1 133 ? -11.356 -12.119 -5.702  1.000 102.803 ? 156 LYS A O   1 ? 
ATOM   853  C CB  . LYS A 1 133 ? -9.324  -14.743 -6.556  1.000 124.763 ? 156 LYS A CB  1 ? 
ATOM   854  C CG  . LYS A 1 133 ? -7.922  -14.220 -6.237  1.000 126.260 ? 156 LYS A CG  1 ? 
ATOM   855  C CD  . LYS A 1 133 ? -7.011  -15.207 -5.499  1.000 129.285 ? 156 LYS A CD  1 ? 
ATOM   856  C CE  . LYS A 1 133 ? -6.557  -16.407 -6.312  1.000 131.655 ? 156 LYS A CE  1 ? 
ATOM   857  N NZ  . LYS A 1 133 ? -5.536  -16.053 -7.333  1.000 135.704 ? 156 LYS A NZ  1 ? 
ATOM   858  N N   . LEU A 1 134 ? -9.363  -11.513 -6.651  1.000 93.242  ? 157 LEU A N   1 ? 
ATOM   859  C CA  . LEU A 1 134 ? -9.073  -10.306 -5.815  1.000 90.536  ? 157 LEU A CA  1 ? 
ATOM   860  C C   . LEU A 1 134 ? -10.210 -9.282  -5.898  1.000 86.467  ? 157 LEU A C   1 ? 
ATOM   861  O O   . LEU A 1 134 ? -10.448 -8.612  -4.865  1.000 78.134  ? 157 LEU A O   1 ? 
ATOM   862  C CB  . LEU A 1 134 ? -7.761  -9.625  -6.229  1.000 92.756  ? 157 LEU A CB  1 ? 
ATOM   863  C CG  . LEU A 1 134 ? -7.116  -8.778  -5.123  1.000 93.748  ? 157 LEU A CG  1 ? 
ATOM   864  C CD1 . LEU A 1 134 ? -6.282  -9.660  -4.204  1.000 95.030  ? 157 LEU A CD1 1 ? 
ATOM   865  C CD2 . LEU A 1 134 ? -6.288  -7.620  -5.679  1.000 90.747  ? 157 LEU A CD2 1 ? 
ATOM   866  N N   . PHE A 1 135 ? -10.825 -9.104  -7.079  1.000 89.507  ? 158 PHE A N   1 ? 
ATOM   867  C CA  . PHE A 1 135 ? -11.931 -8.128  -7.293  1.000 87.768  ? 158 PHE A CA  1 ? 
ATOM   868  C C   . PHE A 1 135 ? -13.067 -8.466  -6.319  1.000 84.928  ? 158 PHE A C   1 ? 
ATOM   869  O O   . PHE A 1 135 ? -13.445 -7.580  -5.524  1.000 88.651  ? 158 PHE A O   1 ? 
ATOM   870  C CB  . PHE A 1 135 ? -12.443 -8.086  -8.740  1.000 88.634  ? 158 PHE A CB  1 ? 
ATOM   871  C CG  . PHE A 1 135 ? -13.660 -7.202  -8.916  1.000 83.612  ? 158 PHE A CG  1 ? 
ATOM   872  C CD1 . PHE A 1 135 ? -13.520 -5.828  -9.080  1.000 80.317  ? 158 PHE A CD1 1 ? 
ATOM   873  C CD2 . PHE A 1 135 ? -14.950 -7.726  -8.849  1.000 85.337  ? 158 PHE A CD2 1 ? 
ATOM   874  C CE1 . PHE A 1 135 ? -14.633 -5.006  -9.206  1.000 83.604  ? 158 PHE A CE1 1 ? 
ATOM   875  C CE2 . PHE A 1 135 ? -16.062 -6.902  -8.974  1.000 85.891  ? 158 PHE A CE2 1 ? 
ATOM   876  C CZ  . PHE A 1 135 ? -15.903 -5.544  -9.156  1.000 85.358  ? 158 PHE A CZ  1 ? 
ATOM   877  N N   . THR A 1 136 ? -13.568 -9.708  -6.367  1.000 84.237  ? 159 THR A N   1 ? 
ATOM   878  C CA  . THR A 1 136 ? -14.687 -10.209 -5.515  1.000 84.373  ? 159 THR A CA  1 ? 
ATOM   879  C C   . THR A 1 136 ? -14.227 -10.246 -4.047  1.000 86.040  ? 159 THR A C   1 ? 
ATOM   880  O O   . THR A 1 136 ? -15.086 -10.047 -3.161  1.000 86.428  ? 159 THR A O   1 ? 
ATOM   881  C CB  . THR A 1 136 ? -15.216 -11.567 -6.012  1.000 83.208  ? 159 THR A CB  1 ? 
ATOM   882  O OG1 . THR A 1 136 ? -14.093 -12.423 -6.225  1.000 87.830  ? 159 THR A OG1 1 ? 
ATOM   883  C CG2 . THR A 1 136 ? -16.032 -11.473 -7.286  1.000 82.191  ? 159 THR A CG2 1 ? 
ATOM   884  N N   . ASP A 1 137 ? -12.929 -10.474 -3.793  1.000 82.344  ? 160 ASP A N   1 ? 
ATOM   885  C CA  . ASP A 1 137 ? -12.366 -10.590 -2.419  1.000 81.174  ? 160 ASP A CA  1 ? 
ATOM   886  C C   . ASP A 1 137 ? -12.351 -9.208  -1.743  1.000 77.399  ? 160 ASP A C   1 ? 
ATOM   887  O O   . ASP A 1 137 ? -12.861 -9.120  -0.608  1.000 78.821  ? 160 ASP A O   1 ? 
ATOM   888  C CB  . ASP A 1 137 ? -11.002 -11.286 -2.421  1.000 85.743  ? 160 ASP A CB  1 ? 
ATOM   889  C CG  . ASP A 1 137 ? -11.037 -12.781 -2.727  1.000 90.379  ? 160 ASP A CG  1 ? 
ATOM   890  O OD1 . ASP A 1 137 ? -12.083 -13.421 -2.477  1.000 80.138  ? 160 ASP A OD1 1 ? 
ATOM   891  O OD2 . ASP A 1 137 ? -10.004 -13.302 -3.203  1.000 95.372  ? 160 ASP A OD2 1 ? 
ATOM   892  N N   . ILE A 1 138 ? -11.848 -8.148  -2.389  1.000 77.083  ? 161 ILE A N   1 ? 
ATOM   893  C CA  . ILE A 1 138 ? -11.875 -6.779  -1.774  1.000 78.000  ? 161 ILE A CA  1 ? 
ATOM   894  C C   . ILE A 1 138 ? -13.286 -6.182  -1.953  1.000 76.557  ? 161 ILE A C   1 ? 
ATOM   895  O O   . ILE A 1 138 ? -13.594 -5.194  -1.253  1.000 75.902  ? 161 ILE A O   1 ? 
ATOM   896  C CB  . ILE A 1 138 ? -10.715 -5.850  -2.240  1.000 72.610  ? 161 ILE A CB  1 ? 
ATOM   897  C CG1 . ILE A 1 138 ? -10.958 -5.138  -3.578  1.000 72.516  ? 161 ILE A CG1 1 ? 
ATOM   898  C CG2 . ILE A 1 138 ? -9.369  -6.580  -2.216  1.000 68.585  ? 161 ILE A CG2 1 ? 
ATOM   899  C CD1 . ILE A 1 138 ? -10.070 -3.919  -3.778  1.000 76.614  ? 161 ILE A CD1 1 ? 
ATOM   900  N N   . ASP A 1 139 ? -14.131 -6.788  -2.805  1.000 77.552  ? 162 ASP A N   1 ? 
ATOM   901  C CA  . ASP A 1 139 ? -15.601 -6.524  -2.884  1.000 76.994  ? 162 ASP A CA  1 ? 
ATOM   902  C C   . ASP A 1 139 ? -16.270 -6.938  -1.557  1.000 72.832  ? 162 ASP A C   1 ? 
ATOM   903  O O   . ASP A 1 139 ? -17.282 -6.304  -1.206  1.000 69.502  ? 162 ASP A O   1 ? 
ATOM   904  C CB  . ASP A 1 139 ? -16.239 -7.224  -4.097  1.000 80.702  ? 162 ASP A CB  1 ? 
ATOM   905  C CG  . ASP A 1 139 ? -17.579 -6.678  -4.572  1.000 84.504  ? 162 ASP A CG  1 ? 
ATOM   906  O OD1 . ASP A 1 139 ? -18.534 -7.478  -4.665  1.000 93.730  ? 162 ASP A OD1 1 ? 
ATOM   907  O OD2 . ASP A 1 139 ? -17.646 -5.472  -4.896  1.000 84.864  ? 162 ASP A OD2 1 ? 
ATOM   908  N N   . LYS A 1 140 ? -15.726 -7.937  -0.841  1.000 71.406  ? 163 LYS A N   1 ? 
ATOM   909  C CA  . LYS A 1 140 ? -16.270 -8.460  0.452   1.000 81.746  ? 163 LYS A CA  1 ? 
ATOM   910  C C   . LYS A 1 140 ? -15.918 -7.545  1.643   1.000 86.302  ? 163 LYS A C   1 ? 
ATOM   911  O O   . LYS A 1 140 ? -16.467 -7.806  2.735   1.000 93.205  ? 163 LYS A O   1 ? 
ATOM   912  C CB  . LYS A 1 140 ? -15.761 -9.882  0.744   1.000 84.708  ? 163 LYS A CB  1 ? 
ATOM   913  C CG  . LYS A 1 140 ? -16.374 -11.001 -0.096  1.000 88.332  ? 163 LYS A CG  1 ? 
ATOM   914  C CD  . LYS A 1 140 ? -15.699 -12.365 0.085   1.000 92.329  ? 163 LYS A CD  1 ? 
ATOM   915  C CE  . LYS A 1 140 ? -16.220 -13.442 -0.851  1.000 94.818  ? 163 LYS A CE  1 ? 
ATOM   916  N NZ  . LYS A 1 140 ? -15.555 -14.751 -0.627  1.000 100.411 ? 163 LYS A NZ  1 ? 
ATOM   917  N N   . LEU A 1 141 ? -15.045 -6.534  1.484   1.000 80.486  ? 164 LEU A N   1 ? 
ATOM   918  C CA  . LEU A 1 141 ? -14.566 -5.673  2.610   1.000 79.870  ? 164 LEU A CA  1 ? 
ATOM   919  C C   . LEU A 1 141 ? -15.602 -4.578  2.909   1.000 79.893  ? 164 LEU A C   1 ? 
ATOM   920  O O   . LEU A 1 141 ? -16.176 -4.041  1.947   1.000 72.303  ? 164 LEU A O   1 ? 
ATOM   921  C CB  . LEU A 1 141 ? -13.190 -5.075  2.274   1.000 79.866  ? 164 LEU A CB  1 ? 
ATOM   922  C CG  . LEU A 1 141 ? -12.007 -6.054  2.327   1.000 74.283  ? 164 LEU A CG  1 ? 
ATOM   923  C CD1 . LEU A 1 141 ? -10.786 -5.503  1.587   1.000 74.218  ? 164 LEU A CD1 1 ? 
ATOM   924  C CD2 . LEU A 1 141 ? -11.652 -6.413  3.773   1.000 73.720  ? 164 LEU A CD2 1 ? 
ATOM   925  N N   . LYS A 1 142 ? -15.818 -4.264  4.196   1.000 84.958  ? 165 LYS A N   1 ? 
ATOM   926  C CA  . LYS A 1 142 ? -16.799 -3.247  4.688   1.000 87.745  ? 165 LYS A CA  1 ? 
ATOM   927  C C   . LYS A 1 142 ? -16.120 -2.303  5.691   1.000 81.430  ? 165 LYS A C   1 ? 
ATOM   928  O O   . LYS A 1 142 ? -15.053 -2.683  6.215   1.000 71.787  ? 165 LYS A O   1 ? 
ATOM   929  C CB  . LYS A 1 142 ? -18.026 -3.934  5.308   1.000 91.920  ? 165 LYS A CB  1 ? 
ATOM   930  C CG  . LYS A 1 142 ? -17.765 -4.875  6.487   1.000 97.105  ? 165 LYS A CG  1 ? 
ATOM   931  C CD  . LYS A 1 142 ? -19.041 -5.341  7.203   1.000 108.172 ? 165 LYS A CD  1 ? 
ATOM   932  C CE  . LYS A 1 142 ? -18.802 -6.263  8.387   1.000 111.035 ? 165 LYS A CE  1 ? 
ATOM   933  N NZ  . LYS A 1 142 ? -18.305 -7.601  7.970   1.000 111.727 ? 165 LYS A NZ  1 ? 
ATOM   934  N N   . ASP A 1 143 ? -16.733 -1.134  5.947   1.000 78.891  ? 166 ASP A N   1 ? 
ATOM   935  C CA  . ASP A 1 143 ? -16.309 -0.142  6.979   1.000 76.956  ? 166 ASP A CA  1 ? 
ATOM   936  C C   . ASP A 1 143 ? -15.975 -0.891  8.280   1.000 77.599  ? 166 ASP A C   1 ? 
ATOM   937  O O   . ASP A 1 143 ? -16.762 -1.786  8.670   1.000 79.544  ? 166 ASP A O   1 ? 
ATOM   938  C CB  . ASP A 1 143 ? -17.375 0.940   7.219   1.000 77.258  ? 166 ASP A CB  1 ? 
ATOM   939  C CG  . ASP A 1 143 ? -17.470 2.030   6.156   1.000 81.333  ? 166 ASP A CG  1 ? 
ATOM   940  O OD1 . ASP A 1 143 ? -16.595 2.077   5.262   1.000 82.387  ? 166 ASP A OD1 1 ? 
ATOM   941  O OD2 . ASP A 1 143 ? -18.420 2.837   6.233   1.000 74.351  ? 166 ASP A OD2 1 ? 
ATOM   942  N N   . GLY A 1 144 ? -14.837 -0.564  8.906   1.000 77.056  ? 167 GLY A N   1 ? 
ATOM   943  C CA  . GLY A 1 144 ? -14.371 -1.157  10.177  1.000 78.040  ? 167 GLY A CA  1 ? 
ATOM   944  C C   . GLY A 1 144 ? -13.422 -2.330  9.973   1.000 78.665  ? 167 GLY A C   1 ? 
ATOM   945  O O   . GLY A 1 144 ? -12.754 -2.696  10.963  1.000 68.837  ? 167 GLY A O   1 ? 
ATOM   946  N N   . ASP A 1 145 ? -13.354 -2.912  8.759   1.000 79.038  ? 168 ASP A N   1 ? 
ATOM   947  C CA  . ASP A 1 145 ? -12.382 -3.991  8.412   1.000 78.226  ? 168 ASP A CA  1 ? 
ATOM   948  C C   . ASP A 1 145 ? -10.972 -3.385  8.401   1.000 75.213  ? 168 ASP A C   1 ? 
ATOM   949  O O   . ASP A 1 145 ? -10.840 -2.211  8.012   1.000 72.501  ? 168 ASP A O   1 ? 
ATOM   950  C CB  . ASP A 1 145 ? -12.718 -4.689  7.084   1.000 78.945  ? 168 ASP A CB  1 ? 
ATOM   951  C CG  . ASP A 1 145 ? -13.948 -5.586  7.123   1.000 82.744  ? 168 ASP A CG  1 ? 
ATOM   952  O OD1 . ASP A 1 145 ? -14.158 -6.264  8.157   1.000 79.426  ? 168 ASP A OD1 1 ? 
ATOM   953  O OD2 . ASP A 1 145 ? -14.675 -5.626  6.105   1.000 84.300  ? 168 ASP A OD2 1 ? 
ATOM   954  N N   . VAL A 1 146 ? -9.972  -4.163  8.822   1.000 71.766  ? 169 VAL A N   1 ? 
ATOM   955  C CA  . VAL A 1 146 ? -8.554  -3.724  8.988   1.000 72.918  ? 169 VAL A CA  1 ? 
ATOM   956  C C   . VAL A 1 146 ? -7.683  -4.527  8.013   1.000 72.158  ? 169 VAL A C   1 ? 
ATOM   957  O O   . VAL A 1 146 ? -7.917  -5.750  7.886   1.000 72.896  ? 169 VAL A O   1 ? 
ATOM   958  C CB  . VAL A 1 146 ? -8.082  -3.868  10.456  1.000 83.328  ? 169 VAL A CB  1 ? 
ATOM   959  C CG1 . VAL A 1 146 ? -8.185  -5.306  10.979  1.000 90.566  ? 169 VAL A CG1 1 ? 
ATOM   960  C CG2 . VAL A 1 146 ? -6.673  -3.304  10.683  1.000 81.322  ? 169 VAL A CG2 1 ? 
ATOM   961  N N   . PHE A 1 147 ? -6.732  -3.864  7.341   1.000 67.192  ? 170 PHE A N   1 ? 
ATOM   962  C CA  . PHE A 1 147 ? -5.613  -4.519  6.607   1.000 66.445  ? 170 PHE A CA  1 ? 
ATOM   963  C C   . PHE A 1 147 ? -4.288  -4.025  7.187   1.000 63.447  ? 170 PHE A C   1 ? 
ATOM   964  O O   . PHE A 1 147 ? -4.233  -2.891  7.713   1.000 60.429  ? 170 PHE A O   1 ? 
ATOM   965  C CB  . PHE A 1 147 ? -5.715  -4.338  5.087   1.000 63.914  ? 170 PHE A CB  1 ? 
ATOM   966  C CG  . PHE A 1 147 ? -5.805  -2.922  4.559   1.000 64.428  ? 170 PHE A CG  1 ? 
ATOM   967  C CD1 . PHE A 1 147 ? -4.657  -2.187  4.284   1.000 62.242  ? 170 PHE A CD1 1 ? 
ATOM   968  C CD2 . PHE A 1 147 ? -7.038  -2.343  4.270   1.000 60.770  ? 170 PHE A CD2 1 ? 
ATOM   969  C CE1 . PHE A 1 147 ? -4.741  -0.907  3.752   1.000 63.773  ? 170 PHE A CE1 1 ? 
ATOM   970  C CE2 . PHE A 1 147 ? -7.119  -1.058  3.749   1.000 64.710  ? 170 PHE A CE2 1 ? 
ATOM   971  C CZ  . PHE A 1 147 ? -5.968  -0.339  3.492   1.000 62.147  ? 170 PHE A CZ  1 ? 
ATOM   972  N N   . TYR A 1 148 ? -3.279  -4.894  7.113   1.000 65.880  ? 171 TYR A N   1 ? 
ATOM   973  C CA  . TYR A 1 148 ? -1.906  -4.702  7.646   1.000 69.183  ? 171 TYR A CA  1 ? 
ATOM   974  C C   . TYR A 1 148 ? -0.960  -4.617  6.452   1.000 66.466  ? 171 TYR A C   1 ? 
ATOM   975  O O   . TYR A 1 148 ? -1.014  -5.523  5.610   1.000 69.319  ? 171 TYR A O   1 ? 
ATOM   976  C CB  . TYR A 1 148 ? -1.536  -5.834  8.616   1.000 71.784  ? 171 TYR A CB  1 ? 
ATOM   977  C CG  . TYR A 1 148 ? -2.496  -5.973  9.775   1.000 73.257  ? 171 TYR A CG  1 ? 
ATOM   978  C CD1 . TYR A 1 148 ? -2.404  -5.132  10.880  1.000 77.168  ? 171 TYR A CD1 1 ? 
ATOM   979  C CD2 . TYR A 1 148 ? -3.527  -6.906  9.754   1.000 72.131  ? 171 TYR A CD2 1 ? 
ATOM   980  C CE1 . TYR A 1 148 ? -3.290  -5.229  11.945  1.000 79.616  ? 171 TYR A CE1 1 ? 
ATOM   981  C CE2 . TYR A 1 148 ? -4.423  -7.014  10.812  1.000 75.834  ? 171 TYR A CE2 1 ? 
ATOM   982  C CZ  . TYR A 1 148 ? -4.305  -6.172  11.909  1.000 81.582  ? 171 TYR A CZ  1 ? 
ATOM   983  O OH  . TYR A 1 148 ? -5.179  -6.263  12.953  1.000 84.158  ? 171 TYR A OH  1 ? 
ATOM   984  N N   . LEU A 1 149 ? -0.174  -3.540  6.372   1.000 64.294  ? 172 LEU A N   1 ? 
ATOM   985  C CA  . LEU A 1 149 ? 0.990   -3.406  5.459   1.000 64.014  ? 172 LEU A CA  1 ? 
ATOM   986  C C   . LEU A 1 149 ? 2.256   -3.786  6.239   1.000 64.565  ? 172 LEU A C   1 ? 
ATOM   987  O O   . LEU A 1 149 ? 2.386   -3.331  7.392   1.000 64.751  ? 172 LEU A O   1 ? 
ATOM   988  C CB  . LEU A 1 149 ? 1.058   -1.968  4.922   1.000 60.984  ? 172 LEU A CB  1 ? 
ATOM   989  C CG  . LEU A 1 149 ? -0.169  -1.479  4.139   1.000 61.204  ? 172 LEU A CG  1 ? 
ATOM   990  C CD1 . LEU A 1 149 ? 0.059   -0.083  3.551   1.000 64.422  ? 172 LEU A CD1 1 ? 
ATOM   991  C CD2 . LEU A 1 149 ? -0.563  -2.461  3.034   1.000 66.693  ? 172 LEU A CD2 1 ? 
ATOM   992  N N   . HIS A 1 150 ? 3.119   -4.607  5.630   1.000 65.407  ? 173 HIS A N   1 ? 
ATOM   993  C CA  . HIS A 1 150 ? 4.518   -4.894  6.050   1.000 63.345  ? 173 HIS A CA  1 ? 
ATOM   994  C C   . HIS A 1 150 ? 5.457   -4.382  4.945   1.000 63.087  ? 173 HIS A C   1 ? 
ATOM   995  O O   . HIS A 1 150 ? 5.626   -5.084  3.926   1.000 69.358  ? 173 HIS A O   1 ? 
ATOM   996  C CB  . HIS A 1 150 ? 4.671   -6.386  6.392   1.000 69.472  ? 173 HIS A CB  1 ? 
ATOM   997  C CG  . HIS A 1 150 ? 3.637   -6.877  7.354   1.000 73.595  ? 173 HIS A CG  1 ? 
ATOM   998  N ND1 . HIS A 1 150 ? 3.800   -6.792  8.719   1.000 77.906  ? 173 HIS A ND1 1 ? 
ATOM   999  C CD2 . HIS A 1 150 ? 2.418   -7.425  7.154   1.000 76.305  ? 173 HIS A CD2 1 ? 
ATOM   1000 C CE1 . HIS A 1 150 ? 2.735   -7.279  9.322   1.000 78.869  ? 173 HIS A CE1 1 ? 
ATOM   1001 N NE2 . HIS A 1 150 ? 1.872   -7.673  8.384   1.000 74.628  ? 173 HIS A NE2 1 ? 
ATOM   1002 N N   . ILE A 1 151 ? 6.021   -3.187  5.135   1.000 61.321  ? 174 ILE A N   1 ? 
ATOM   1003 C CA  . ILE A 1 151 ? 6.846   -2.441  4.137   1.000 63.102  ? 174 ILE A CA  1 ? 
ATOM   1004 C C   . ILE A 1 151 ? 8.229   -2.190  4.743   1.000 62.175  ? 174 ILE A C   1 ? 
ATOM   1005 O O   . ILE A 1 151 ? 8.285   -1.420  5.710   1.000 67.448  ? 174 ILE A O   1 ? 
ATOM   1006 C CB  . ILE A 1 151 ? 6.123   -1.130  3.735   1.000 62.045  ? 174 ILE A CB  1 ? 
ATOM   1007 C CG1 . ILE A 1 151 ? 4.772   -1.417  3.060   1.000 65.387  ? 174 ILE A CG1 1 ? 
ATOM   1008 C CG2 . ILE A 1 151 ? 7.013   -0.217  2.885   1.000 64.016  ? 174 ILE A CG2 1 ? 
ATOM   1009 C CD1 . ILE A 1 151 ? 4.855   -2.199  1.753   1.000 65.034  ? 174 ILE A CD1 1 ? 
ATOM   1010 N N   . LEU A 1 152 ? 9.294   -2.787  4.183   1.000 59.454  ? 175 LEU A N   1 ? 
ATOM   1011 C CA  . LEU A 1 152 ? 10.709  -2.491  4.553   1.000 63.923  ? 175 LEU A CA  1 ? 
ATOM   1012 C C   . LEU A 1 152 ? 10.906  -2.680  6.071   1.000 63.927  ? 175 LEU A C   1 ? 
ATOM   1013 O O   . LEU A 1 152 ? 11.637  -1.865  6.673   1.000 69.022  ? 175 LEU A O   1 ? 
ATOM   1014 C CB  . LEU A 1 152 ? 11.029  -1.058  4.087   1.000 60.372  ? 175 LEU A CB  1 ? 
ATOM   1015 C CG  . LEU A 1 152 ? 11.520  -0.857  2.645   1.000 64.090  ? 175 LEU A CG  1 ? 
ATOM   1016 C CD1 . LEU A 1 152 ? 10.933  -1.862  1.661   1.000 68.632  ? 175 LEU A CD1 1 ? 
ATOM   1017 C CD2 . LEU A 1 152 ? 11.242  0.573   2.170   1.000 63.873  ? 175 LEU A CD2 1 ? 
ATOM   1018 N N   . LYS A 1 153 ? 10.261  -3.703  6.660   1.000 68.656  ? 176 LYS A N   1 ? 
ATOM   1019 C CA  . LYS A 1 153 ? 10.274  -4.097  8.112   1.000 71.044  ? 176 LYS A CA  1 ? 
ATOM   1020 C C   . LYS A 1 153 ? 9.376   -3.177  8.968   1.000 68.107  ? 176 LYS A C   1 ? 
ATOM   1021 O O   . LYS A 1 153 ? 9.213   -3.488  10.157  1.000 70.539  ? 176 LYS A O   1 ? 
ATOM   1022 C CB  . LYS A 1 153 ? 11.703  -4.170  8.674   1.000 72.639  ? 176 LYS A CB  1 ? 
ATOM   1023 C CG  . LYS A 1 153 ? 12.622  -5.182  7.994   1.000 81.610  ? 176 LYS A CG  1 ? 
ATOM   1024 C CD  . LYS A 1 153 ? 13.960  -5.433  8.706   1.000 83.756  ? 176 LYS A CD  1 ? 
ATOM   1025 C CE  . LYS A 1 153 ? 14.883  -4.228  8.764   1.000 85.326  ? 176 LYS A CE  1 ? 
ATOM   1026 N NZ  . LYS A 1 153 ? 16.224  -4.573  9.305   1.000 90.693  ? 176 LYS A NZ  1 ? 
ATOM   1027 N N   . LYS A 1 154 ? 8.783   -2.115  8.407   1.000 66.181  ? 177 LYS A N   1 ? 
ATOM   1028 C CA  . LYS A 1 154 ? 7.763   -1.259  9.081   1.000 63.846  ? 177 LYS A CA  1 ? 
ATOM   1029 C C   . LYS A 1 154 ? 6.403   -1.968  9.008   1.000 67.661  ? 177 LYS A C   1 ? 
ATOM   1030 O O   . LYS A 1 154 ? 6.025   -2.415  7.901   1.000 66.026  ? 177 LYS A O   1 ? 
ATOM   1031 C CB  . LYS A 1 154 ? 7.695   0.145   8.456   1.000 64.952  ? 177 LYS A CB  1 ? 
ATOM   1032 C CG  . LYS A 1 154 ? 6.917   1.194   9.253   1.000 70.680  ? 177 LYS A CG  1 ? 
ATOM   1033 C CD  . LYS A 1 154 ? 6.939   2.620   8.672   1.000 70.832  ? 177 LYS A CD  1 ? 
ATOM   1034 C CE  . LYS A 1 154 ? 6.096   3.621   9.454   1.000 69.074  ? 177 LYS A CE  1 ? 
ATOM   1035 N NZ  . LYS A 1 154 ? 6.382   5.034   9.075   1.000 66.430  ? 177 LYS A NZ  1 ? 
ATOM   1036 N N   . ASP A 1 155 ? 5.711   -2.075  10.148  1.000 66.265  ? 178 ASP A N   1 ? 
ATOM   1037 C CA  . ASP A 1 155 ? 4.317   -2.586  10.269  1.000 68.311  ? 178 ASP A CA  1 ? 
ATOM   1038 C C   . ASP A 1 155 ? 3.379   -1.366  10.312  1.000 60.651  ? 178 ASP A C   1 ? 
ATOM   1039 O O   . ASP A 1 155 ? 3.739   -0.401  10.995  1.000 65.125  ? 178 ASP A O   1 ? 
ATOM   1040 C CB  . ASP A 1 155 ? 4.198   -3.528  11.474  1.000 69.864  ? 178 ASP A CB  1 ? 
ATOM   1041 C CG  . ASP A 1 155 ? 5.253   -4.633  11.492  1.000 81.735  ? 178 ASP A CG  1 ? 
ATOM   1042 O OD1 . ASP A 1 155 ? 5.343   -5.379  10.495  1.000 88.305  ? 178 ASP A OD1 1 ? 
ATOM   1043 O OD2 . ASP A 1 155 ? 5.993   -4.729  12.493  1.000 87.953  ? 178 ASP A OD2 1 ? 
ATOM   1044 N N   . LEU A 1 156 ? 2.270   -1.388  9.552   1.000 58.642  ? 179 LEU A N   1 ? 
ATOM   1045 C CA  . LEU A 1 156 ? 1.192   -0.350  9.540   1.000 55.892  ? 179 LEU A CA  1 ? 
ATOM   1046 C C   . LEU A 1 156 ? -0.178  -1.037  9.467   1.000 54.290  ? 179 LEU A C   1 ? 
ATOM   1047 O O   . LEU A 1 156 ? -0.286  -2.038  8.740   1.000 58.003  ? 179 LEU A O   1 ? 
ATOM   1048 C CB  . LEU A 1 156 ? 1.343   0.590   8.337   1.000 57.384  ? 179 LEU A CB  1 ? 
ATOM   1049 C CG  . LEU A 1 156 ? 2.726   1.202   8.093   1.000 60.477  ? 179 LEU A CG  1 ? 
ATOM   1050 C CD1 . LEU A 1 156 ? 3.588   0.307   7.196   1.000 61.671  ? 179 LEU A CD1 1 ? 
ATOM   1051 C CD2 . LEU A 1 156 ? 2.591   2.600   7.482   1.000 64.476  ? 179 LEU A CD2 1 ? 
ATOM   1052 N N   . ALA A 1 157 ? -1.175  -0.491  10.168  1.000 52.751  ? 180 ALA A N   1 ? 
ATOM   1053 C CA  . ALA A 1 157 ? -2.583  -0.947  10.185  1.000 55.377  ? 180 ALA A CA  1 ? 
ATOM   1054 C C   . ALA A 1 157 ? -3.437  0.140   9.542   1.000 57.349  ? 180 ALA A C   1 ? 
ATOM   1055 O O   . ALA A 1 157 ? -3.112  1.315   9.755   1.000 55.509  ? 180 ALA A O   1 ? 
ATOM   1056 C CB  . ALA A 1 157 ? -3.038  -1.236  11.597  1.000 58.546  ? 180 ALA A CB  1 ? 
ATOM   1057 N N   . TYR A 1 158 ? -4.477  -0.253  8.798   1.000 59.731  ? 181 TYR A N   1 ? 
ATOM   1058 C CA  . TYR A 1 158 ? -5.436  0.658   8.112   1.000 60.581  ? 181 TYR A CA  1 ? 
ATOM   1059 C C   . TYR A 1 158 ? -6.859  0.127   8.318   1.000 61.320  ? 181 TYR A C   1 ? 
ATOM   1060 O O   . TYR A 1 158 ? -7.076  -1.073  8.070   1.000 66.199  ? 181 TYR A O   1 ? 
ATOM   1061 C CB  . TYR A 1 158 ? -5.019  0.797   6.640   1.000 61.459  ? 181 TYR A CB  1 ? 
ATOM   1062 C CG  . TYR A 1 158 ? -3.850  1.731   6.447   1.000 53.017  ? 181 TYR A CG  1 ? 
ATOM   1063 C CD1 . TYR A 1 158 ? -4.062  3.090   6.257   1.000 54.418  ? 181 TYR A CD1 1 ? 
ATOM   1064 C CD2 . TYR A 1 158 ? -2.537  1.284   6.524   1.000 52.667  ? 181 TYR A CD2 1 ? 
ATOM   1065 C CE1 . TYR A 1 158 ? -3.004  3.977   6.118   1.000 55.313  ? 181 TYR A CE1 1 ? 
ATOM   1066 C CE2 . TYR A 1 158 ? -1.466  2.161   6.391   1.000 52.247  ? 181 TYR A CE2 1 ? 
ATOM   1067 C CZ  . TYR A 1 158 ? -1.703  3.513   6.187   1.000 50.414  ? 181 TYR A CZ  1 ? 
ATOM   1068 O OH  . TYR A 1 158 ? -0.684  4.406   6.060   1.000 49.079  ? 181 TYR A OH  1 ? 
ATOM   1069 N N   . LYS A 1 159 ? -7.785  0.982   8.771   1.000 69.007  ? 182 LYS A N   1 ? 
ATOM   1070 C CA  . LYS A 1 159 ? -9.216  0.625   9.005   1.000 69.996  ? 182 LYS A CA  1 ? 
ATOM   1071 C C   . LYS A 1 159 ? -10.039 1.234   7.869   1.000 64.728  ? 182 LYS A C   1 ? 
ATOM   1072 O O   . LYS A 1 159 ? -9.924  2.444   7.663   1.000 59.374  ? 182 LYS A O   1 ? 
ATOM   1073 C CB  . LYS A 1 159 ? -9.675  1.086   10.394  1.000 78.359  ? 182 LYS A CB  1 ? 
ATOM   1074 C CG  . LYS A 1 159 ? -11.027 0.559   10.882  1.000 88.258  ? 182 LYS A CG  1 ? 
ATOM   1075 C CD  . LYS A 1 159 ? -11.151 0.418   12.413  1.000 93.388  ? 182 LYS A CD  1 ? 
ATOM   1076 C CE  . LYS A 1 159 ? -11.006 1.718   13.189  1.000 99.189  ? 182 LYS A CE  1 ? 
ATOM   1077 N NZ  . LYS A 1 159 ? -10.864 1.493   14.655  1.000 100.585 ? 182 LYS A NZ  1 ? 
ATOM   1078 N N   . VAL A 1 160 ? -10.835 0.411   7.177   1.000 65.504  ? 183 VAL A N   1 ? 
ATOM   1079 C CA  . VAL A 1 160 ? -11.660 0.787   5.985   1.000 65.995  ? 183 VAL A CA  1 ? 
ATOM   1080 C C   . VAL A 1 160 ? -12.727 1.788   6.456   1.000 62.941  ? 183 VAL A C   1 ? 
ATOM   1081 O O   . VAL A 1 160 ? -13.292 1.546   7.526   1.000 70.292  ? 183 VAL A O   1 ? 
ATOM   1082 C CB  . VAL A 1 160 ? -12.275 -0.463  5.306   1.000 63.812  ? 183 VAL A CB  1 ? 
ATOM   1083 C CG1 . VAL A 1 160 ? -13.178 -0.111  4.125   1.000 62.801  ? 183 VAL A CG1 1 ? 
ATOM   1084 C CG2 . VAL A 1 160 ? -11.201 -1.473  4.879   1.000 62.862  ? 183 VAL A CG2 1 ? 
ATOM   1085 N N   . ASN A 1 161 ? -12.921 2.908   5.743   1.000 66.141  ? 184 ASN A N   1 ? 
ATOM   1086 C CA  . ASN A 1 161 ? -13.939 3.941   6.090   1.000 64.404  ? 184 ASN A CA  1 ? 
ATOM   1087 C C   . ASN A 1 161 ? -14.604 4.543   4.839   1.000 68.878  ? 184 ASN A C   1 ? 
ATOM   1088 O O   . ASN A 1 161 ? -15.355 5.520   5.014   1.000 71.931  ? 184 ASN A O   1 ? 
ATOM   1089 C CB  . ASN A 1 161 ? -13.339 5.016   7.011   1.000 65.228  ? 184 ASN A CB  1 ? 
ATOM   1090 C CG  . ASN A 1 161 ? -12.268 5.881   6.376   1.000 71.778  ? 184 ASN A CG  1 ? 
ATOM   1091 O OD1 . ASN A 1 161 ? -11.917 5.719   5.204   1.000 72.283  ? 184 ASN A OD1 1 ? 
ATOM   1092 N ND2 . ASN A 1 161 ? -11.757 6.830   7.144   1.000 65.626  ? 184 ASN A ND2 1 ? 
ATOM   1093 N N   . GLN A 1 162 ? -14.361 4.009   3.631   1.000 71.293  ? 185 GLN A N   1 ? 
ATOM   1094 C CA  . GLN A 1 162 ? -15.018 4.486   2.377   1.000 72.170  ? 185 GLN A CA  1 ? 
ATOM   1095 C C   . GLN A 1 162 ? -14.852 3.440   1.260   1.000 76.578  ? 185 GLN A C   1 ? 
ATOM   1096 O O   . GLN A 1 162 ? -13.707 3.262   0.783   1.000 78.295  ? 185 GLN A O   1 ? 
ATOM   1097 C CB  . GLN A 1 162 ? -14.466 5.854   1.953   1.000 72.393  ? 185 GLN A CB  1 ? 
ATOM   1098 C CG  . GLN A 1 162 ? -15.317 6.568   0.904   1.000 73.369  ? 185 GLN A CG  1 ? 
ATOM   1099 C CD  . GLN A 1 162 ? -14.701 7.856   0.422   1.000 76.633  ? 185 GLN A CD  1 ? 
ATOM   1100 O OE1 . GLN A 1 162 ? -15.211 8.946   0.677   1.000 79.557  ? 185 GLN A OE1 1 ? 
ATOM   1101 N NE2 . GLN A 1 162 ? -13.584 7.737   -0.278  1.000 76.165  ? 185 GLN A NE2 1 ? 
ATOM   1102 N N   . ILE A 1 163 ? -15.949 2.773   0.870   1.000 78.447  ? 186 ILE A N   1 ? 
ATOM   1103 C CA  . ILE A 1 163 ? -16.020 1.876   -0.325  1.000 79.159  ? 186 ILE A CA  1 ? 
ATOM   1104 C C   . ILE A 1 163 ? -16.788 2.650   -1.403  1.000 84.672  ? 186 ILE A C   1 ? 
ATOM   1105 O O   . ILE A 1 163 ? -17.914 3.119   -1.120  1.000 90.361  ? 186 ILE A O   1 ? 
ATOM   1106 C CB  . ILE A 1 163 ? -16.645 0.498   -0.003  1.000 82.713  ? 186 ILE A CB  1 ? 
ATOM   1107 C CG1 . ILE A 1 163 ? -15.981 -0.165  1.213   1.000 86.166  ? 186 ILE A CG1 1 ? 
ATOM   1108 C CG2 . ILE A 1 163 ? -16.622 -0.422  -1.229  1.000 84.287  ? 186 ILE A CG2 1 ? 
ATOM   1109 C CD1 . ILE A 1 163 ? -16.656 0.126   2.546   1.000 91.804  ? 186 ILE A CD1 1 ? 
ATOM   1110 N N   . LYS A 1 164 ? -16.185 2.780   -2.587  1.000 81.970  ? 187 LYS A N   1 ? 
ATOM   1111 C CA  . LYS A 1 164 ? -16.575 3.757   -3.634  1.000 74.334  ? 187 LYS A CA  1 ? 
ATOM   1112 C C   . LYS A 1 164 ? -16.370 3.080   -4.998  1.000 76.743  ? 187 LYS A C   1 ? 
ATOM   1113 O O   . LYS A 1 164 ? -15.264 2.547   -5.225  1.000 73.913  ? 187 LYS A O   1 ? 
ATOM   1114 C CB  . LYS A 1 164 ? -15.736 5.028   -3.436  1.000 77.228  ? 187 LYS A CB  1 ? 
ATOM   1115 C CG  . LYS A 1 164 ? -16.306 6.331   -3.995  1.000 83.763  ? 187 LYS A CG  1 ? 
ATOM   1116 C CD  . LYS A 1 164 ? -17.279 7.048   -3.058  1.000 87.425  ? 187 LYS A CD  1 ? 
ATOM   1117 C CE  . LYS A 1 164 ? -17.841 8.340   -3.627  1.000 91.251  ? 187 LYS A CE  1 ? 
ATOM   1118 N NZ  . LYS A 1 164 ? -18.741 9.032   -2.665  1.000 94.392  ? 187 LYS A NZ  1 ? 
ATOM   1119 N N   . VAL A 1 165 ? -17.407 3.050   -5.844  1.000 77.533  ? 188 VAL A N   1 ? 
ATOM   1120 C CA  . VAL A 1 165 ? -17.341 2.587   -7.264  1.000 70.750  ? 188 VAL A CA  1 ? 
ATOM   1121 C C   . VAL A 1 165 ? -17.239 3.845   -8.137  1.000 69.577  ? 188 VAL A C   1 ? 
ATOM   1122 O O   . VAL A 1 165 ? -18.056 4.774   -7.945  1.000 70.764  ? 188 VAL A O   1 ? 
ATOM   1123 C CB  . VAL A 1 165 ? -18.545 1.684   -7.623  1.000 73.747  ? 188 VAL A CB  1 ? 
ATOM   1124 C CG1 . VAL A 1 165 ? -18.556 1.259   -9.095  1.000 77.303  ? 188 VAL A CG1 1 ? 
ATOM   1125 C CG2 . VAL A 1 165 ? -18.616 0.462   -6.704  1.000 74.463  ? 188 VAL A CG2 1 ? 
ATOM   1126 N N   . VAL A 1 166 ? -16.266 3.877   -9.052  1.000 66.626  ? 189 VAL A N   1 ? 
ATOM   1127 C CA  . VAL A 1 166 ? -15.736 5.125   -9.681  1.000 71.393  ? 189 VAL A CA  1 ? 
ATOM   1128 C C   . VAL A 1 166 ? -15.522 4.878   -11.177 1.000 69.633  ? 189 VAL A C   1 ? 
ATOM   1129 O O   . VAL A 1 166 ? -15.274 3.719   -11.543 1.000 68.117  ? 189 VAL A O   1 ? 
ATOM   1130 C CB  . VAL A 1 166 ? -14.447 5.568   -8.940  1.000 74.601  ? 189 VAL A CB  1 ? 
ATOM   1131 C CG1 . VAL A 1 166 ? -13.280 5.913   -9.866  1.000 77.655  ? 189 VAL A CG1 1 ? 
ATOM   1132 C CG2 . VAL A 1 166 ? -14.719 6.704   -7.949  1.000 73.264  ? 189 VAL A CG2 1 ? 
ATOM   1133 N N   . HIS A 1 167 ? -15.578 5.942   -11.990 1.000 75.693  ? 190 HIS A N   1 ? 
ATOM   1134 C CA  . HIS A 1 167 ? -15.323 5.926   -13.461 1.000 79.632  ? 190 HIS A CA  1 ? 
ATOM   1135 C C   . HIS A 1 167 ? -13.814 5.986   -13.687 1.000 79.910  ? 190 HIS A C   1 ? 
ATOM   1136 O O   . HIS A 1 167 ? -13.098 6.543   -12.859 1.000 73.202  ? 190 HIS A O   1 ? 
ATOM   1137 C CB  . HIS A 1 167 ? -16.109 7.050   -14.169 1.000 79.365  ? 190 HIS A CB  1 ? 
ATOM   1138 C CG  . HIS A 1 167 ? -17.556 7.064   -13.804 1.000 89.892  ? 190 HIS A CG  1 ? 
ATOM   1139 N ND1 . HIS A 1 167 ? -18.403 6.020   -14.125 1.000 99.822  ? 190 HIS A ND1 1 ? 
ATOM   1140 C CD2 . HIS A 1 167 ? -18.298 7.954   -13.108 1.000 96.019  ? 190 HIS A CD2 1 ? 
ATOM   1141 C CE1 . HIS A 1 167 ? -19.609 6.276   -13.661 1.000 99.598  ? 190 HIS A CE1 1 ? 
ATOM   1142 N NE2 . HIS A 1 167 ? -19.570 7.457   -13.032 1.000 97.438  ? 190 HIS A NE2 1 ? 
ATOM   1143 N N   . PRO A 1 168 ? -13.281 5.427   -14.803 1.000 83.263  ? 191 PRO A N   1 ? 
ATOM   1144 C CA  . PRO A 1 168 ? -11.831 5.285   -14.981 1.000 88.198  ? 191 PRO A CA  1 ? 
ATOM   1145 C C   . PRO A 1 168 ? -11.073 6.609   -15.199 1.000 85.358  ? 191 PRO A C   1 ? 
ATOM   1146 O O   . PRO A 1 168 ? -9.856  6.606   -15.042 1.000 82.889  ? 191 PRO A O   1 ? 
ATOM   1147 C CB  . PRO A 1 168 ? -11.712 4.357   -16.206 1.000 93.067  ? 191 PRO A CB  1 ? 
ATOM   1148 C CG  . PRO A 1 168 ? -12.982 4.618   -17.000 1.000 90.828  ? 191 PRO A CG  1 ? 
ATOM   1149 C CD  . PRO A 1 168 ? -14.042 4.913   -15.956 1.000 88.874  ? 191 PRO A CD  1 ? 
ATOM   1150 N N   . ASP A 1 169 ? -11.786 7.680   -15.581 1.000 86.327  ? 192 ASP A N   1 ? 
ATOM   1151 C CA  . ASP A 1 169 ? -11.254 9.069   -15.683 1.000 96.259  ? 192 ASP A CA  1 ? 
ATOM   1152 C C   . ASP A 1 169 ? -11.771 9.840   -14.458 1.000 96.707  ? 192 ASP A C   1 ? 
ATOM   1153 O O   . ASP A 1 169 ? -12.658 10.704  -14.626 1.000 113.581 ? 192 ASP A O   1 ? 
ATOM   1154 C CB  . ASP A 1 169 ? -11.576 9.692   -17.055 1.000 98.918  ? 192 ASP A CB  1 ? 
ATOM   1155 C CG  . ASP A 1 169 ? -10.777 9.130   -18.231 1.000 104.017 ? 192 ASP A CG  1 ? 
ATOM   1156 O OD1 . ASP A 1 169 ? -11.032 9.569   -19.375 1.000 104.294 ? 192 ASP A OD1 1 ? 
ATOM   1157 O OD2 . ASP A 1 169 ? -9.892  8.265   -18.009 1.000 95.861  ? 192 ASP A OD2 1 ? 
ATOM   1158 N N   . GLU A 1 170 ? -11.249 9.485   -13.274 1.000 87.940  ? 193 GLU A N   1 ? 
ATOM   1159 C CA  . GLU A 1 170 ? -11.603 10.051  -11.940 1.000 88.636  ? 193 GLU A CA  1 ? 
ATOM   1160 C C   . GLU A 1 170 ? -10.326 10.146  -11.085 1.000 89.798  ? 193 GLU A C   1 ? 
ATOM   1161 O O   . GLU A 1 170 ? -9.508  9.196   -11.120 1.000 85.412  ? 193 GLU A O   1 ? 
ATOM   1162 C CB  . GLU A 1 170 ? -12.701 9.197   -11.293 1.000 90.462  ? 193 GLU A CB  1 ? 
ATOM   1163 C CG  . GLU A 1 170 ? -13.416 9.847   -10.109 1.000 93.263  ? 193 GLU A CG  1 ? 
ATOM   1164 C CD  . GLU A 1 170 ? -12.673 9.852   -8.780  1.000 96.638  ? 193 GLU A CD  1 ? 
ATOM   1165 O OE1 . GLU A 1 170 ? -11.806 8.978   -8.583  1.000 106.422 ? 193 GLU A OE1 1 ? 
ATOM   1166 O OE2 . GLU A 1 170 ? -12.966 10.726  -7.938  1.000 88.624  ? 193 GLU A OE2 1 ? 
ATOM   1167 N N   . ILE A 1 171 ? -10.178 11.253  -10.347 1.000 86.229  ? 194 ILE A N   1 ? 
ATOM   1168 C CA  . ILE A 1 171 ? -8.899  11.728  -9.730  1.000 81.828  ? 194 ILE A CA  1 ? 
ATOM   1169 C C   . ILE A 1 171 ? -9.094  11.926  -8.220  1.000 78.188  ? 194 ILE A C   1 ? 
ATOM   1170 O O   . ILE A 1 171 ? -8.256  11.414  -7.448  1.000 75.869  ? 194 ILE A O   1 ? 
ATOM   1171 C CB  . ILE A 1 171 ? -8.433  13.032  -10.429 1.000 85.698  ? 194 ILE A CB  1 ? 
ATOM   1172 C CG1 . ILE A 1 171 ? -8.353  12.882  -11.956 1.000 82.053  ? 194 ILE A CG1 1 ? 
ATOM   1173 C CG2 . ILE A 1 171 ? -7.121  13.565  -9.840  1.000 93.144  ? 194 ILE A CG2 1 ? 
ATOM   1174 C CD1 . ILE A 1 171 ? -7.434  11.776  -12.448 1.000 80.478  ? 194 ILE A CD1 1 ? 
ATOM   1175 N N   . ASP A 1 172 ? -10.147 12.656  -7.825  1.000 77.027  ? 195 ASP A N   1 ? 
ATOM   1176 C CA  . ASP A 1 172 ? -10.309 13.281  -6.481  1.000 74.667  ? 195 ASP A CA  1 ? 
ATOM   1177 C C   . ASP A 1 172 ? -10.185 12.214  -5.386  1.000 71.093  ? 195 ASP A C   1 ? 
ATOM   1178 O O   . ASP A 1 172 ? -9.564  12.511  -4.352  1.000 75.375  ? 195 ASP A O   1 ? 
ATOM   1179 C CB  . ASP A 1 172 ? -11.618 14.077  -6.384  1.000 78.188  ? 195 ASP A CB  1 ? 
ATOM   1180 C CG  . ASP A 1 172 ? -11.721 15.231  -7.377  1.000 86.697  ? 195 ASP A CG  1 ? 
ATOM   1181 O OD1 . ASP A 1 172 ? -10.680 15.601  -7.966  1.000 83.074  ? 195 ASP A OD1 1 ? 
ATOM   1182 O OD2 . ASP A 1 172 ? -12.848 15.748  -7.565  1.000 98.088  ? 195 ASP A OD2 1 ? 
ATOM   1183 N N   . GLU A 1 173 ? -10.701 11.002  -5.610  1.000 68.661  ? 196 GLU A N   1 ? 
ATOM   1184 C CA  . GLU A 1 173 ? -10.759 9.942   -4.564  1.000 68.901  ? 196 GLU A CA  1 ? 
ATOM   1185 C C   . GLU A 1 173 ? -9.398  9.238   -4.445  1.000 66.991  ? 196 GLU A C   1 ? 
ATOM   1186 O O   . GLU A 1 173 ? -9.264  8.422   -3.525  1.000 68.036  ? 196 GLU A O   1 ? 
ATOM   1187 C CB  . GLU A 1 173 ? -11.914 8.975   -4.853  1.000 73.017  ? 196 GLU A CB  1 ? 
ATOM   1188 C CG  . GLU A 1 173 ? -13.298 9.626   -4.804  1.000 76.376  ? 196 GLU A CG  1 ? 
ATOM   1189 C CD  . GLU A 1 173 ? -13.710 10.255  -3.480  1.000 86.007  ? 196 GLU A CD  1 ? 
ATOM   1190 O OE1 . GLU A 1 173 ? -14.613 11.124  -3.498  1.000 97.360  ? 196 GLU A OE1 1 ? 
ATOM   1191 O OE2 . GLU A 1 173 ? -13.134 9.876   -2.430  1.000 80.514  ? 196 GLU A OE2 1 ? 
ATOM   1192 N N   . LEU A 1 174 ? -8.444  9.527   -5.343  1.000 67.053  ? 197 LEU A N   1 ? 
ATOM   1193 C CA  . LEU A 1 174 ? -7.061  8.976   -5.340  1.000 66.437  ? 197 LEU A CA  1 ? 
ATOM   1194 C C   . LEU A 1 174 ? -6.053  10.046  -4.878  1.000 68.051  ? 197 LEU A C   1 ? 
ATOM   1195 O O   . LEU A 1 174 ? -4.881  9.687   -4.715  1.000 69.326  ? 197 LEU A O   1 ? 
ATOM   1196 C CB  . LEU A 1 174 ? -6.729  8.456   -6.748  1.000 63.680  ? 197 LEU A CB  1 ? 
ATOM   1197 C CG  . LEU A 1 174 ? -7.623  7.330   -7.292  1.000 63.301  ? 197 LEU A CG  1 ? 
ATOM   1198 C CD1 . LEU A 1 174 ? -7.121  6.825   -8.653  1.000 60.756  ? 197 LEU A CD1 1 ? 
ATOM   1199 C CD2 . LEU A 1 174 ? -7.741  6.166   -6.304  1.000 62.942  ? 197 LEU A CD2 1 ? 
ATOM   1200 N N   . LYS A 1 175 ? -6.487  11.293  -4.649  1.000 67.773  ? 198 LYS A N   1 ? 
ATOM   1201 C CA  . LYS A 1 175 ? -5.602  12.425  -4.260  1.000 72.764  ? 198 LYS A CA  1 ? 
ATOM   1202 C C   . LYS A 1 175 ? -5.215  12.287  -2.779  1.000 71.164  ? 198 LYS A C   1 ? 
ATOM   1203 O O   . LYS A 1 175 ? -5.989  11.682  -2.010  1.000 71.383  ? 198 LYS A O   1 ? 
ATOM   1204 C CB  . LYS A 1 175 ? -6.262  13.789  -4.522  1.000 74.675  ? 198 LYS A CB  1 ? 
ATOM   1205 C CG  . LYS A 1 175 ? -6.407  14.188  -5.993  1.000 87.041  ? 198 LYS A CG  1 ? 
ATOM   1206 C CD  . LYS A 1 175 ? -6.560  15.698  -6.253  1.000 94.471  ? 198 LYS A CD  1 ? 
ATOM   1207 C CE  . LYS A 1 175 ? -7.565  16.407  -5.358  1.000 93.441  ? 198 LYS A CE  1 ? 
ATOM   1208 N NZ  . LYS A 1 175 ? -7.825  17.807  -5.785  1.000 94.900  ? 198 LYS A NZ  1 ? 
ATOM   1209 N N   . ILE A 1 176 ? -4.061  12.853  -2.412  1.000 65.473  ? 199 ILE A N   1 ? 
ATOM   1210 C CA  . ILE A 1 176 ? -3.620  13.071  -1.000  1.000 72.079  ? 199 ILE A CA  1 ? 
ATOM   1211 C C   . ILE A 1 176 ? -4.578  14.097  -0.381  1.000 69.218  ? 199 ILE A C   1 ? 
ATOM   1212 O O   . ILE A 1 176 ? -4.689  15.202  -0.955  1.000 73.189  ? 199 ILE A O   1 ? 
ATOM   1213 C CB  . ILE A 1 176 ? -2.142  13.539  -0.930  1.000 69.179  ? 199 ILE A CB  1 ? 
ATOM   1214 C CG1 . ILE A 1 176 ? -1.180  12.530  -1.581  1.000 65.708  ? 199 ILE A CG1 1 ? 
ATOM   1215 C CG2 . ILE A 1 176 ? -1.733  13.864  0.511   1.000 71.185  ? 199 ILE A CG2 1 ? 
ATOM   1216 C CD1 . ILE A 1 176 ? 0.177   13.098  -1.952  1.000 66.238  ? 199 ILE A CD1 1 ? 
ATOM   1217 N N   . SER A 1 177 ? -5.253  13.748  0.720   1.000 65.231  ? 200 SER A N   1 ? 
ATOM   1218 C CA  . SER A 1 177 ? -6.045  14.700  1.555   1.000 68.491  ? 200 SER A CA  1 ? 
ATOM   1219 C C   . SER A 1 177 ? -5.134  15.328  2.624   1.000 65.793  ? 200 SER A C   1 ? 
ATOM   1220 O O   . SER A 1 177 ? -4.283  14.606  3.193   1.000 67.188  ? 200 SER A O   1 ? 
ATOM   1221 C CB  . SER A 1 177 ? -7.260  14.043  2.175   1.000 67.234  ? 200 SER A CB  1 ? 
ATOM   1222 O OG  . SER A 1 177 ? -8.298  13.892  1.218   1.000 69.445  ? 200 SER A OG  1 ? 
ATOM   1223 N N   . ASP A 1 178 ? -5.310  16.623  2.894   1.000 67.748  ? 201 ASP A N   1 ? 
ATOM   1224 C CA  . ASP A 1 178 ? -4.584  17.356  3.968   1.000 72.125  ? 201 ASP A CA  1 ? 
ATOM   1225 C C   . ASP A 1 178 ? -4.923  16.709  5.317   1.000 68.504  ? 201 ASP A C   1 ? 
ATOM   1226 O O   . ASP A 1 178 ? -6.126  16.528  5.576   1.000 73.108  ? 201 ASP A O   1 ? 
ATOM   1227 C CB  . ASP A 1 178 ? -4.944  18.847  3.994   1.000 75.502  ? 201 ASP A CB  1 ? 
ATOM   1228 C CG  . ASP A 1 178 ? -4.607  19.584  2.712   1.000 76.284  ? 201 ASP A CG  1 ? 
ATOM   1229 O OD1 . ASP A 1 178 ? -3.448  19.482  2.272   1.000 81.555  ? 201 ASP A OD1 1 ? 
ATOM   1230 O OD2 . ASP A 1 178 ? -5.513  20.240  2.162   1.000 86.075  ? 201 ASP A OD2 1 ? 
ATOM   1231 N N   . ASP A 1 179 ? -3.905  16.378  6.126   1.000 68.550  ? 202 ASP A N   1 ? 
ATOM   1232 C CA  . ASP A 1 179 ? -4.030  15.977  7.557   1.000 70.412  ? 202 ASP A CA  1 ? 
ATOM   1233 C C   . ASP A 1 179 ? -4.592  14.550  7.618   1.000 75.739  ? 202 ASP A C   1 ? 
ATOM   1234 O O   . ASP A 1 179 ? -5.183  14.182  8.663   1.000 82.912  ? 202 ASP A O   1 ? 
ATOM   1235 C CB  . ASP A 1 179 ? -4.868  16.990  8.361   1.000 72.095  ? 202 ASP A CB  1 ? 
ATOM   1236 C CG  . ASP A 1 179 ? -4.671  18.453  7.974   1.000 80.793  ? 202 ASP A CG  1 ? 
ATOM   1237 O OD1 . ASP A 1 179 ? -3.583  18.791  7.457   1.000 78.853  ? 202 ASP A OD1 1 ? 
ATOM   1238 O OD2 . ASP A 1 179 ? -5.622  19.250  8.169   1.000 94.348  ? 202 ASP A OD2 1 ? 
ATOM   1239 N N   . LYS A 1 180 ? -4.396  13.770  6.545   1.000 76.107  ? 203 LYS A N   1 ? 
ATOM   1240 C CA  . LYS A 1 180 ? -4.951  12.399  6.369   1.000 67.744  ? 203 LYS A CA  1 ? 
ATOM   1241 C C   . LYS A 1 180 ? -3.814  11.438  6.005   1.000 66.236  ? 203 LYS A C   1 ? 
ATOM   1242 O O   . LYS A 1 180 ? -2.918  11.838  5.232   1.000 64.005  ? 203 LYS A O   1 ? 
ATOM   1243 C CB  . LYS A 1 180 ? -6.051  12.406  5.298   1.000 70.402  ? 203 LYS A CB  1 ? 
ATOM   1244 C CG  . LYS A 1 180 ? -7.280  13.252  5.624   1.000 70.180  ? 203 LYS A CG  1 ? 
ATOM   1245 C CD  . LYS A 1 180 ? -8.087  12.756  6.832   1.000 76.023  ? 203 LYS A CD  1 ? 
ATOM   1246 C CE  . LYS A 1 180 ? -9.373  13.529  7.073   1.000 73.797  ? 203 LYS A CE  1 ? 
ATOM   1247 N NZ  . LYS A 1 180 ? -10.244 12.851  8.064   1.000 77.586  ? 203 LYS A NZ  1 ? 
ATOM   1248 N N   . ASP A 1 181 ? -3.852  10.233  6.580   1.000 64.560  ? 204 ASP A N   1 ? 
ATOM   1249 C CA  . ASP A 1 181 ? -2.981  9.079   6.245   1.000 61.856  ? 204 ASP A CA  1 ? 
ATOM   1250 C C   . ASP A 1 181 ? -3.901  7.976   5.689   1.000 61.643  ? 204 ASP A C   1 ? 
ATOM   1251 O O   . ASP A 1 181 ? -4.507  7.255   6.511   1.000 62.954  ? 204 ASP A O   1 ? 
ATOM   1252 C CB  . ASP A 1 181 ? -2.146  8.714   7.483   1.000 60.296  ? 204 ASP A CB  1 ? 
ATOM   1253 C CG  . ASP A 1 181 ? -1.183  7.552   7.307   1.000 61.386  ? 204 ASP A CG  1 ? 
ATOM   1254 O OD1 . ASP A 1 181 ? -0.501  7.204   8.302   1.000 61.371  ? 204 ASP A OD1 1 ? 
ATOM   1255 O OD2 . ASP A 1 181 ? -1.145  6.978   6.194   1.000 63.125  ? 204 ASP A OD2 1 ? 
ATOM   1256 N N   . TYR A 1 182 ? -4.042  7.883   4.357   1.000 61.045  ? 205 TYR A N   1 ? 
ATOM   1257 C CA  . TYR A 1 182 ? -4.947  6.934   3.640   1.000 61.725  ? 205 TYR A CA  1 ? 
ATOM   1258 C C   . TYR A 1 182 ? -4.143  5.883   2.855   1.000 60.869  ? 205 TYR A C   1 ? 
ATOM   1259 O O   . TYR A 1 182 ? -3.007  6.171   2.453   1.000 60.667  ? 205 TYR A O   1 ? 
ATOM   1260 C CB  . TYR A 1 182 ? -5.859  7.653   2.638   1.000 61.344  ? 205 TYR A CB  1 ? 
ATOM   1261 C CG  . TYR A 1 182 ? -6.923  8.580   3.187   1.000 59.952  ? 205 TYR A CG  1 ? 
ATOM   1262 C CD1 . TYR A 1 182 ? -7.638  8.296   4.345   1.000 60.657  ? 205 TYR A CD1 1 ? 
ATOM   1263 C CD2 . TYR A 1 182 ? -7.277  9.728   2.483   1.000 59.950  ? 205 TYR A CD2 1 ? 
ATOM   1264 C CE1 . TYR A 1 182 ? -8.633  9.147   4.811   1.000 60.859  ? 205 TYR A CE1 1 ? 
ATOM   1265 C CE2 . TYR A 1 182 ? -8.267  10.588  2.934   1.000 59.393  ? 205 TYR A CE2 1 ? 
ATOM   1266 C CZ  . TYR A 1 182 ? -8.953  10.295  4.099   1.000 59.956  ? 205 TYR A CZ  1 ? 
ATOM   1267 O OH  . TYR A 1 182 ? -9.928  11.152  4.526   1.000 57.805  ? 205 TYR A OH  1 ? 
ATOM   1268 N N   . VAL A 1 183 ? -4.733  4.696   2.654   1.000 63.814  ? 206 VAL A N   1 ? 
ATOM   1269 C CA  . VAL A 1 183 ? -4.315  3.676   1.642   1.000 63.566  ? 206 VAL A CA  1 ? 
ATOM   1270 C C   . VAL A 1 183 ? -5.579  3.143   0.955   1.000 63.707  ? 206 VAL A C   1 ? 
ATOM   1271 O O   . VAL A 1 183 ? -6.503  2.698   1.672   1.000 59.110  ? 206 VAL A O   1 ? 
ATOM   1272 C CB  . VAL A 1 183 ? -3.470  2.539   2.258   1.000 64.334  ? 206 VAL A CB  1 ? 
ATOM   1273 C CG1 . VAL A 1 183 ? -3.260  1.380   1.279   1.000 63.949  ? 206 VAL A CG1 1 ? 
ATOM   1274 C CG2 . VAL A 1 183 ? -2.125  3.048   2.783   1.000 64.578  ? 206 VAL A CG2 1 ? 
ATOM   1275 N N   . THR A 1 184 ? -5.619  3.192   -0.381  1.000 64.741  ? 207 THR A N   1 ? 
ATOM   1276 C CA  . THR A 1 184 ? -6.764  2.733   -1.213  1.000 62.238  ? 207 THR A CA  1 ? 
ATOM   1277 C C   . THR A 1 184 ? -6.354  1.444   -1.927  1.000 59.407  ? 207 THR A C   1 ? 
ATOM   1278 O O   . THR A 1 184 ? -5.314  1.448   -2.593  1.000 56.072  ? 207 THR A O   1 ? 
ATOM   1279 C CB  . THR A 1 184 ? -7.245  3.845   -2.157  1.000 63.030  ? 207 THR A CB  1 ? 
ATOM   1280 O OG1 . THR A 1 184 ? -7.801  4.854   -1.317  1.000 57.674  ? 207 THR A OG1 1 ? 
ATOM   1281 C CG2 . THR A 1 184 ? -8.286  3.398   -3.165  1.000 64.853  ? 207 THR A CG2 1 ? 
ATOM   1282 N N   . LEU A 1 185 ? -7.147  0.384   -1.765  1.000 62.802  ? 208 LEU A N   1 ? 
ATOM   1283 C CA  . LEU A 1 185 ? -7.049  -0.864  -2.560  1.000 60.514  ? 208 LEU A CA  1 ? 
ATOM   1284 C C   . LEU A 1 185 ? -7.905  -0.648  -3.812  1.000 64.963  ? 208 LEU A C   1 ? 
ATOM   1285 O O   . LEU A 1 185 ? -9.150  -0.508  -3.665  1.000 59.590  ? 208 LEU A O   1 ? 
ATOM   1286 C CB  . LEU A 1 185 ? -7.512  -2.054  -1.713  1.000 59.014  ? 208 LEU A CB  1 ? 
ATOM   1287 C CG  . LEU A 1 185 ? -6.839  -2.177  -0.340  1.000 58.132  ? 208 LEU A CG  1 ? 
ATOM   1288 C CD1 . LEU A 1 185 ? -7.516  -3.248  0.522   1.000 58.250  ? 208 LEU A CD1 1 ? 
ATOM   1289 C CD2 . LEU A 1 185 ? -5.336  -2.440  -0.471  1.000 57.723  ? 208 LEU A CD2 1 ? 
ATOM   1290 N N   . LEU A 1 186 ? -7.249  -0.534  -4.973  1.000 62.645  ? 209 LEU A N   1 ? 
ATOM   1291 C CA  . LEU A 1 186 ? -7.890  -0.245  -6.281  1.000 64.259  ? 209 LEU A CA  1 ? 
ATOM   1292 C C   . LEU A 1 186 ? -7.975  -1.562  -7.053  1.000 67.929  ? 209 LEU A C   1 ? 
ATOM   1293 O O   . LEU A 1 186 ? -6.918  -2.161  -7.295  1.000 63.874  ? 209 LEU A O   1 ? 
ATOM   1294 C CB  . LEU A 1 186 ? -7.067  0.813   -7.028  1.000 65.627  ? 209 LEU A CB  1 ? 
ATOM   1295 C CG  . LEU A 1 186 ? -7.604  1.276   -8.393  1.000 65.788  ? 209 LEU A CG  1 ? 
ATOM   1296 C CD1 . LEU A 1 186 ? -7.087  2.680   -8.734  1.000 65.233  ? 209 LEU A CD1 1 ? 
ATOM   1297 C CD2 . LEU A 1 186 ? -7.255  0.289   -9.514  1.000 63.840  ? 209 LEU A CD2 1 ? 
ATOM   1298 N N   . THR A 1 187 ? -9.186  -1.993  -7.407  1.000 69.044  ? 210 THR A N   1 ? 
ATOM   1299 C CA  . THR A 1 187 ? -9.424  -3.170  -8.280  1.000 72.274  ? 210 THR A CA  1 ? 
ATOM   1300 C C   . THR A 1 187 ? -10.386 -2.762  -9.396  1.000 70.175  ? 210 THR A C   1 ? 
ATOM   1301 O O   . THR A 1 187 ? -11.282 -1.950  -9.126  1.000 76.704  ? 210 THR A O   1 ? 
ATOM   1302 C CB  . THR A 1 187 ? -9.888  -4.368  -7.441  1.000 73.798  ? 210 THR A CB  1 ? 
ATOM   1303 O OG1 . THR A 1 187 ? -9.750  -5.518  -8.274  1.000 82.189  ? 210 THR A OG1 1 ? 
ATOM   1304 C CG2 . THR A 1 187 ? -11.304 -4.238  -6.918  1.000 72.283  ? 210 THR A CG2 1 ? 
ATOM   1305 N N   . CYS A 1 188 ? -10.178 -3.291  -10.603 1.000 74.919  ? 211 CYS A N   1 ? 
ATOM   1306 C CA  . CYS A 1 188 ? -11.047 -3.117  -11.803 1.000 75.016  ? 211 CYS A CA  1 ? 
ATOM   1307 C C   . CYS A 1 188 ? -11.939 -4.357  -11.907 1.000 67.824  ? 211 CYS A C   1 ? 
ATOM   1308 O O   . CYS A 1 188 ? -11.419 -5.452  -11.633 1.000 69.715  ? 211 CYS A O   1 ? 
ATOM   1309 C CB  . CYS A 1 188 ? -10.209 -2.967  -13.074 1.000 71.308  ? 211 CYS A CB  1 ? 
ATOM   1310 S SG  . CYS A 1 188 ? -8.535  -2.345  -12.758 1.000 99.221  ? 211 CYS A SG  1 ? 
ATOM   1311 N N   . TYR A 1 189 ? -13.215 -4.213  -12.281 1.000 65.830  ? 212 TYR A N   1 ? 
ATOM   1312 C CA  . TYR A 1 189 ? -14.024 -5.343  -12.818 1.000 68.588  ? 212 TYR A CA  1 ? 
ATOM   1313 C C   . TYR A 1 189 ? -13.190 -5.960  -13.947 1.000 69.008  ? 212 TYR A C   1 ? 
ATOM   1314 O O   . TYR A 1 189 ? -12.748 -5.225  -14.829 1.000 66.623  ? 212 TYR A O   1 ? 
ATOM   1315 C CB  . TYR A 1 189 ? -15.436 -4.897  -13.231 1.000 70.994  ? 212 TYR A CB  1 ? 
ATOM   1316 C CG  . TYR A 1 189 ? -16.337 -6.023  -13.692 1.000 68.580  ? 212 TYR A CG  1 ? 
ATOM   1317 C CD1 . TYR A 1 189 ? -16.549 -6.273  -15.041 1.000 67.831  ? 212 TYR A CD1 1 ? 
ATOM   1318 C CD2 . TYR A 1 189 ? -16.934 -6.883  -12.778 1.000 69.410  ? 212 TYR A CD2 1 ? 
ATOM   1319 C CE1 . TYR A 1 189 ? -17.346 -7.328  -15.466 1.000 64.955  ? 212 TYR A CE1 1 ? 
ATOM   1320 C CE2 . TYR A 1 189 ? -17.735 -7.939  -13.188 1.000 68.023  ? 212 TYR A CE2 1 ? 
ATOM   1321 C CZ  . TYR A 1 189 ? -17.938 -8.165  -14.538 1.000 66.509  ? 212 TYR A CZ  1 ? 
ATOM   1322 O OH  . TYR A 1 189 ? -18.726 -9.205  -14.941 1.000 70.672  ? 212 TYR A OH  1 ? 
ATOM   1323 N N   . PRO A 1 190 ? -12.872 -7.286  -13.916 1.000 67.054  ? 213 PRO A N   1 ? 
ATOM   1324 C CA  . PRO A 1 190 ? -11.791 -7.852  -14.736 1.000 66.341  ? 213 PRO A CA  1 ? 
ATOM   1325 C C   . PRO A 1 190 ? -12.145 -8.170  -16.200 1.000 63.125  ? 213 PRO A C   1 ? 
ATOM   1326 O O   . PRO A 1 190 ? -11.253 -8.593  -16.916 1.000 66.563  ? 213 PRO A O   1 ? 
ATOM   1327 C CB  . PRO A 1 190 ? -11.457 -9.153  -13.979 1.000 64.818  ? 213 PRO A CB  1 ? 
ATOM   1328 C CG  . PRO A 1 190 ? -12.798 -9.605  -13.435 1.000 66.687  ? 213 PRO A CG  1 ? 
ATOM   1329 C CD  . PRO A 1 190 ? -13.525 -8.317  -13.085 1.000 66.117  ? 213 PRO A CD  1 ? 
ATOM   1330 N N   . TYR A 1 191 ? -13.407 -7.977  -16.598 1.000 64.569  ? 214 TYR A N   1 ? 
ATOM   1331 C CA  . TYR A 1 191 ? -13.934 -8.235  -17.968 1.000 67.093  ? 214 TYR A CA  1 ? 
ATOM   1332 C C   . TYR A 1 191 ? -14.340 -6.902  -18.608 1.000 67.655  ? 214 TYR A C   1 ? 
ATOM   1333 O O   . TYR A 1 191 ? -14.964 -6.091  -17.901 1.000 78.659  ? 214 TYR A O   1 ? 
ATOM   1334 C CB  . TYR A 1 191 ? -15.099 -9.229  -17.908 1.000 64.648  ? 214 TYR A CB  1 ? 
ATOM   1335 C CG  . TYR A 1 191 ? -14.716 -10.612 -17.434 1.000 63.985  ? 214 TYR A CG  1 ? 
ATOM   1336 C CD1 . TYR A 1 191 ? -15.307 -11.188 -16.313 1.000 65.537  ? 214 TYR A CD1 1 ? 
ATOM   1337 C CD2 . TYR A 1 191 ? -13.740 -11.344 -18.102 1.000 68.556  ? 214 TYR A CD2 1 ? 
ATOM   1338 C CE1 . TYR A 1 191 ? -14.941 -12.454 -15.875 1.000 68.309  ? 214 TYR A CE1 1 ? 
ATOM   1339 C CE2 . TYR A 1 191 ? -13.366 -12.612 -17.679 1.000 71.233  ? 214 TYR A CE2 1 ? 
ATOM   1340 C CZ  . TYR A 1 191 ? -13.970 -13.169 -16.563 1.000 70.688  ? 214 TYR A CZ  1 ? 
ATOM   1341 O OH  . TYR A 1 191 ? -13.595 -14.414 -16.151 1.000 70.583  ? 214 TYR A OH  1 ? 
ATOM   1342 N N   . GLY A 1 192 ? -13.995 -6.691  -19.884 1.000 67.525  ? 215 GLY A N   1 ? 
ATOM   1343 C CA  . GLY A 1 192 ? -14.281 -5.452  -20.639 1.000 68.392  ? 215 GLY A CA  1 ? 
ATOM   1344 C C   . GLY A 1 192 ? -13.149 -4.435  -20.541 1.000 71.138  ? 215 GLY A C   1 ? 
ATOM   1345 O O   . GLY A 1 192 ? -12.062 -4.788  -20.023 1.000 71.663  ? 215 GLY A O   1 ? 
ATOM   1346 N N   . ILE A 1 193 ? -13.396 -3.222  -21.048 1.000 79.532  ? 216 ILE A N   1 ? 
ATOM   1347 C CA  . ILE A 1 193 ? -12.447 -2.063  -21.097 1.000 85.410  ? 216 ILE A CA  1 ? 
ATOM   1348 C C   . ILE A 1 193 ? -13.184 -0.832  -20.539 1.000 80.012  ? 216 ILE A C   1 ? 
ATOM   1349 O O   . ILE A 1 193 ? -14.434 -0.871  -20.509 1.000 64.041  ? 216 ILE A O   1 ? 
ATOM   1350 C CB  . ILE A 1 193 ? -11.921 -1.889  -22.551 1.000 93.097  ? 216 ILE A CB  1 ? 
ATOM   1351 C CG1 . ILE A 1 193 ? -11.041 -3.074  -22.985 1.000 96.974  ? 216 ILE A CG1 1 ? 
ATOM   1352 C CG2 . ILE A 1 193 ? -11.212 -0.554  -22.784 1.000 96.990  ? 216 ILE A CG2 1 ? 
ATOM   1353 C CD1 . ILE A 1 193 ? -9.766  -3.282  -22.170 1.000 96.978  ? 216 ILE A CD1 1 ? 
ATOM   1354 N N   . ASN A 1 194 ? -12.449 0.195   -20.073 1.000 84.836  ? 217 ASN A N   1 ? 
ATOM   1355 C CA  . ASN A 1 194 ? -13.010 1.450   -19.488 1.000 82.627  ? 217 ASN A CA  1 ? 
ATOM   1356 C C   . ASN A 1 194 ? -13.960 1.054   -18.350 1.000 78.535  ? 217 ASN A C   1 ? 
ATOM   1357 O O   . ASN A 1 194 ? -15.084 1.600   -18.274 1.000 77.762  ? 217 ASN A O   1 ? 
ATOM   1358 C CB  . ASN A 1 194 ? -13.690 2.330   -20.548 1.000 84.062  ? 217 ASN A CB  1 ? 
ATOM   1359 C CG  . ASN A 1 194 ? -12.835 2.551   -21.778 1.000 85.562  ? 217 ASN A CG  1 ? 
ATOM   1360 O OD1 . ASN A 1 194 ? -11.610 2.625   -21.676 1.000 82.865  ? 217 ASN A OD1 1 ? 
ATOM   1361 N ND2 . ASN A 1 194 ? -13.471 2.623   -22.940 1.000 78.385  ? 217 ASN A ND2 1 ? 
ATOM   1362 N N   . THR A 1 195 ? -13.497 0.131   -17.504 1.000 74.922  ? 218 THR A N   1 ? 
ATOM   1363 C CA  . THR A 1 195 ? -14.294 -0.635  -16.506 1.000 78.483  ? 218 THR A CA  1 ? 
ATOM   1364 C C   . THR A 1 195 ? -14.351 0.156   -15.186 1.000 74.364  ? 218 THR A C   1 ? 
ATOM   1365 O O   . THR A 1 195 ? -13.351 0.825   -14.854 1.000 70.974  ? 218 THR A O   1 ? 
ATOM   1366 C CB  . THR A 1 195 ? -13.724 -2.060  -16.372 1.000 81.175  ? 218 THR A CB  1 ? 
ATOM   1367 O OG1 . THR A 1 195 ? -14.620 -2.842  -15.587 1.000 93.513  ? 218 THR A OG1 1 ? 
ATOM   1368 C CG2 . THR A 1 195 ? -12.346 -2.126  -15.745 1.000 81.882  ? 218 THR A CG2 1 ? 
ATOM   1369 N N   . GLU A 1 196 ? -15.474 0.076   -14.459 1.000 72.375  ? 219 GLU A N   1 ? 
ATOM   1370 C CA  . GLU A 1 196 ? -15.667 0.721   -13.129 1.000 75.569  ? 219 GLU A CA  1 ? 
ATOM   1371 C C   . GLU A 1 196 ? -14.622 0.157   -12.151 1.000 78.503  ? 219 GLU A C   1 ? 
ATOM   1372 O O   . GLU A 1 196 ? -14.512 -1.084  -12.062 1.000 82.386  ? 219 GLU A O   1 ? 
ATOM   1373 C CB  . GLU A 1 196 ? -17.092 0.493   -12.598 1.000 73.209  ? 219 GLU A CB  1 ? 
ATOM   1374 C CG  . GLU A 1 196 ? -18.193 1.181   -13.396 1.000 70.657  ? 219 GLU A CG  1 ? 
ATOM   1375 C CD  . GLU A 1 196 ? -18.163 2.701   -13.385 1.000 72.364  ? 219 GLU A CD  1 ? 
ATOM   1376 O OE1 . GLU A 1 196 ? -17.299 3.267   -14.074 1.000 69.270  ? 219 GLU A OE1 1 ? 
ATOM   1377 O OE2 . GLU A 1 196 ? -18.998 3.310   -12.684 1.000 76.082  ? 219 GLU A OE2 1 ? 
ATOM   1378 N N   . ARG A 1 197 ? -13.878 1.031   -11.461 1.000 78.033  ? 220 ARG A N   1 ? 
ATOM   1379 C CA  . ARG A 1 197 ? -12.846 0.644   -10.455 1.000 76.225  ? 220 ARG A CA  1 ? 
ATOM   1380 C C   . ARG A 1 197 ? -13.478 0.737   -9.063  1.000 69.711  ? 220 ARG A C   1 ? 
ATOM   1381 O O   . ARG A 1 197 ? -14.204 1.721   -8.821  1.000 72.405  ? 220 ARG A O   1 ? 
ATOM   1382 C CB  . ARG A 1 197 ? -11.588 1.510   -10.615 1.000 77.309  ? 220 ARG A CB  1 ? 
ATOM   1383 C CG  . ARG A 1 197 ? -10.922 1.380   -11.983 1.000 80.172  ? 220 ARG A CG  1 ? 
ATOM   1384 C CD  . ARG A 1 197 ? -9.771  2.344   -12.230 1.000 85.364  ? 220 ARG A CD  1 ? 
ATOM   1385 N NE  . ARG A 1 197 ? -10.189 3.747   -12.158 1.000 91.055  ? 220 ARG A NE  1 ? 
ATOM   1386 C CZ  . ARG A 1 197 ? -9.378  4.810   -12.212 1.000 84.352  ? 220 ARG A CZ  1 ? 
ATOM   1387 N NH1 . ARG A 1 197 ? -9.897  6.027   -12.134 1.000 86.409  ? 220 ARG A NH1 1 ? 
ATOM   1388 N NH2 . ARG A 1 197 ? -8.067  4.658   -12.353 1.000 80.470  ? 220 ARG A NH2 1 ? 
ATOM   1389 N N   . LEU A 1 198 ? -13.243 -0.271  -8.210  1.000 67.227  ? 221 LEU A N   1 ? 
ATOM   1390 C CA  . LEU A 1 198 ? -13.655 -0.300  -6.777  1.000 68.479  ? 221 LEU A CA  1 ? 
ATOM   1391 C C   . LEU A 1 198 ? -12.502 0.250   -5.911  1.000 66.598  ? 221 LEU A C   1 ? 
ATOM   1392 O O   . LEU A 1 198 ? -11.401 -0.353  -5.930  1.000 68.751  ? 221 LEU A O   1 ? 
ATOM   1393 C CB  . LEU A 1 198 ? -14.040 -1.737  -6.379  1.000 66.434  ? 221 LEU A CB  1 ? 
ATOM   1394 C CG  . LEU A 1 198 ? -14.431 -1.954  -4.905  1.000 64.686  ? 221 LEU A CG  1 ? 
ATOM   1395 C CD1 . LEU A 1 198 ? -15.788 -1.322  -4.584  1.000 63.038  ? 221 LEU A CD1 1 ? 
ATOM   1396 C CD2 . LEU A 1 198 ? -14.413 -3.436  -4.523  1.000 63.455  ? 221 LEU A CD2 1 ? 
ATOM   1397 N N   . LEU A 1 199 ? -12.759 1.336   -5.168  1.000 63.396  ? 222 LEU A N   1 ? 
ATOM   1398 C CA  . LEU A 1 199 ? -11.807 2.005   -4.237  1.000 61.880  ? 222 LEU A CA  1 ? 
ATOM   1399 C C   . LEU A 1 199 ? -12.205 1.662   -2.798  1.000 64.646  ? 222 LEU A C   1 ? 
ATOM   1400 O O   . LEU A 1 199 ? -13.210 2.237   -2.315  1.000 67.711  ? 222 LEU A O   1 ? 
ATOM   1401 C CB  . LEU A 1 199 ? -11.823 3.524   -4.460  1.000 60.527  ? 222 LEU A CB  1 ? 
ATOM   1402 C CG  . LEU A 1 199 ? -11.507 4.014   -5.877  1.000 66.740  ? 222 LEU A CG  1 ? 
ATOM   1403 C CD1 . LEU A 1 199 ? -11.487 5.543   -5.922  1.000 70.806  ? 222 LEU A CD1 1 ? 
ATOM   1404 C CD2 . LEU A 1 199 ? -10.195 3.432   -6.417  1.000 70.380  ? 222 LEU A CD2 1 ? 
ATOM   1405 N N   . VAL A 1 200 ? -11.466 0.745   -2.165  1.000 63.439  ? 223 VAL A N   1 ? 
ATOM   1406 C CA  . VAL A 1 200 ? -11.566 0.420   -0.709  1.000 65.264  ? 223 VAL A CA  1 ? 
ATOM   1407 C C   . VAL A 1 200 ? -10.497 1.253   0.008   1.000 65.269  ? 223 VAL A C   1 ? 
ATOM   1408 O O   . VAL A 1 200 ? -9.309  0.853   -0.020  1.000 63.879  ? 223 VAL A O   1 ? 
ATOM   1409 C CB  . VAL A 1 200 ? -11.417 -1.095  -0.444  1.000 63.629  ? 223 VAL A CB  1 ? 
ATOM   1410 C CG1 . VAL A 1 200 ? -11.426 -1.431  1.052   1.000 65.734  ? 223 VAL A CG1 1 ? 
ATOM   1411 C CG2 . VAL A 1 200 ? -12.474 -1.897  -1.202  1.000 64.625  ? 223 VAL A CG2 1 ? 
ATOM   1412 N N   . ARG A 1 201 ? -10.911 2.376   0.602   1.000 64.979  ? 224 ARG A N   1 ? 
ATOM   1413 C CA  . ARG A 1 201 ? -10.029 3.329   1.327   1.000 63.285  ? 224 ARG A CA  1 ? 
ATOM   1414 C C   . ARG A 1 201 ? -9.938  2.898   2.793   1.000 60.611  ? 224 ARG A C   1 ? 
ATOM   1415 O O   . ARG A 1 201 ? -11.004 2.793   3.431   1.000 59.274  ? 224 ARG A O   1 ? 
ATOM   1416 C CB  . ARG A 1 201 ? -10.540 4.769   1.198   1.000 63.070  ? 224 ARG A CB  1 ? 
ATOM   1417 C CG  . ARG A 1 201 ? -9.510  5.838   1.547   1.000 64.636  ? 224 ARG A CG  1 ? 
ATOM   1418 C CD  . ARG A 1 201 ? -10.093 7.241   1.564   1.000 67.445  ? 224 ARG A CD  1 ? 
ATOM   1419 N NE  . ARG A 1 201 ? -11.068 7.409   2.645   1.000 70.603  ? 224 ARG A NE  1 ? 
ATOM   1420 C CZ  . ARG A 1 201 ? -11.797 8.505   2.863   1.000 76.220  ? 224 ARG A CZ  1 ? 
ATOM   1421 N NH1 . ARG A 1 201 ? -11.671 9.567   2.078   1.000 74.458  ? 224 ARG A NH1 1 ? 
ATOM   1422 N NH2 . ARG A 1 201 ? -12.659 8.526   3.869   1.000 81.736  ? 224 ARG A NH2 1 ? 
ATOM   1423 N N   . GLY A 1 202 ? -8.714  2.627   3.270   1.000 63.163  ? 225 GLY A N   1 ? 
ATOM   1424 C CA  . GLY A 1 202 ? -8.343  2.540   4.697   1.000 61.347  ? 225 GLY A CA  1 ? 
ATOM   1425 C C   . GLY A 1 202 ? -7.782  3.868   5.186   1.000 67.409  ? 225 GLY A C   1 ? 
ATOM   1426 O O   . GLY A 1 202 ? -7.169  4.579   4.352   1.000 63.118  ? 225 GLY A O   1 ? 
ATOM   1427 N N   . GLU A 1 203 ? -8.042  4.221   6.457   1.000 68.166  ? 226 GLU A N   1 ? 
ATOM   1428 C CA  . GLU A 1 203 ? -7.359  5.312   7.205   1.000 67.220  ? 226 GLU A CA  1 ? 
ATOM   1429 C C   . GLU A 1 203 ? -6.555  4.678   8.350   1.000 62.003  ? 226 GLU A C   1 ? 
ATOM   1430 O O   . GLU A 1 203 ? -7.008  3.657   8.891   1.000 59.484  ? 226 GLU A O   1 ? 
ATOM   1431 C CB  . GLU A 1 203 ? -8.348  6.377   7.700   1.000 75.917  ? 226 GLU A CB  1 ? 
ATOM   1432 C CG  . GLU A 1 203 ? -7.676  7.627   8.283   1.000 78.340  ? 226 GLU A CG  1 ? 
ATOM   1433 C CD  . GLU A 1 203 ? -8.579  8.807   8.624   1.000 78.817  ? 226 GLU A CD  1 ? 
ATOM   1434 O OE1 . GLU A 1 203 ? -9.775  8.764   8.266   1.000 84.017  ? 226 GLU A OE1 1 ? 
ATOM   1435 O OE2 . GLU A 1 203 ? -8.077  9.777   9.240   1.000 75.852  ? 226 GLU A OE2 1 ? 
ATOM   1436 N N   . ARG A 1 204 ? -5.409  5.286   8.681   1.000 60.991  ? 227 ARG A N   1 ? 
ATOM   1437 C CA  . ARG A 1 204 ? -4.357  4.760   9.595   1.000 63.972  ? 227 ARG A CA  1 ? 
ATOM   1438 C C   . ARG A 1 204 ? -4.961  4.520   10.987  1.000 62.268  ? 227 ARG A C   1 ? 
ATOM   1439 O O   . ARG A 1 204 ? -5.655  5.426   11.463  1.000 59.388  ? 227 ARG A O   1 ? 
ATOM   1440 C CB  . ARG A 1 204 ? -3.189  5.758   9.673   1.000 60.073  ? 227 ARG A CB  1 ? 
ATOM   1441 C CG  . ARG A 1 204 ? -1.941  5.240   10.377  1.000 58.184  ? 227 ARG A CG  1 ? 
ATOM   1442 C CD  . ARG A 1 204 ? -1.208  4.158   9.607   1.000 60.203  ? 227 ARG A CD  1 ? 
ATOM   1443 N NE  . ARG A 1 204 ? -0.013  3.722   10.317  1.000 63.252  ? 227 ARG A NE  1 ? 
ATOM   1444 C CZ  . ARG A 1 204 ? 1.144   4.387   10.365  1.000 63.734  ? 227 ARG A CZ  1 ? 
ATOM   1445 N NH1 . ARG A 1 204 ? 1.293   5.541   9.725   1.000 65.221  ? 227 ARG A NH1 1 ? 
ATOM   1446 N NH2 . ARG A 1 204 ? 2.149   3.882   11.063  1.000 65.800  ? 227 ARG A NH2 1 ? 
ATOM   1447 N N   . THR A 1 205 ? -4.696  3.355   11.592  1.000 63.851  ? 228 THR A N   1 ? 
ATOM   1448 C CA  . THR A 1 205 ? -5.145  2.945   12.957  1.000 70.119  ? 228 THR A CA  1 ? 
ATOM   1449 C C   . THR A 1 205 ? -3.941  2.374   13.718  1.000 67.050  ? 228 THR A C   1 ? 
ATOM   1450 O O   . THR A 1 205 ? -2.867  2.236   13.106  1.000 67.010  ? 228 THR A O   1 ? 
ATOM   1451 C CB  . THR A 1 205 ? -6.294  1.922   12.884  1.000 74.914  ? 228 THR A CB  1 ? 
ATOM   1452 O OG1 . THR A 1 205 ? -7.172  2.365   11.848  1.000 83.858  ? 228 THR A OG1 1 ? 
ATOM   1453 C CG2 . THR A 1 205 ? -7.069  1.745   14.179  1.000 76.575  ? 228 THR A CG2 1 ? 
ATOM   1454 N N   . ASP A 1 206 ? -4.126  2.045   14.995  1.000 64.681  ? 229 ASP A N   1 ? 
ATOM   1455 C CA  . ASP A 1 206 ? -3.104  1.396   15.857  1.000 71.332  ? 229 ASP A CA  1 ? 
ATOM   1456 C C   . ASP A 1 206 ? -2.961  -0.063  15.412  1.000 71.552  ? 229 ASP A C   1 ? 
ATOM   1457 O O   . ASP A 1 206 ? -3.972  -0.623  14.937  1.000 66.862  ? 229 ASP A O   1 ? 
ATOM   1458 C CB  . ASP A 1 206 ? -3.485  1.513   17.340  1.000 72.799  ? 229 ASP A CB  1 ? 
ATOM   1459 C CG  . ASP A 1 206 ? -3.736  2.944   17.787  1.000 71.511  ? 229 ASP A CG  1 ? 
ATOM   1460 O OD1 . ASP A 1 206 ? -4.851  3.218   18.256  1.000 77.883  ? 229 ASP A OD1 1 ? 
ATOM   1461 O OD2 . ASP A 1 206 ? -2.819  3.775   17.634  1.000 74.571  ? 229 ASP A OD2 1 ? 
ATOM   1462 N N   . LEU A 1 207 ? -1.755  -0.631  15.558  1.000 71.101  ? 230 LEU A N   1 ? 
ATOM   1463 C CA  . LEU A 1 207 ? -1.475  -2.091  15.461  1.000 77.641  ? 230 LEU A CA  1 ? 
ATOM   1464 C C   . LEU A 1 207 ? -2.050  -2.783  16.708  1.000 82.297  ? 230 LEU A C   1 ? 
ATOM   1465 O O   . LEU A 1 207 ? -2.721  -3.825  16.537  1.000 84.873  ? 230 LEU A O   1 ? 
ATOM   1466 C CB  . LEU A 1 207 ? 0.039   -2.333  15.336  1.000 80.466  ? 230 LEU A CB  1 ? 
ATOM   1467 C CG  . LEU A 1 207 ? 0.662   -2.169  13.942  1.000 85.956  ? 230 LEU A CG  1 ? 
ATOM   1468 C CD1 . LEU A 1 207 ? 0.161   -0.914  13.227  1.000 90.707  ? 230 LEU A CD1 1 ? 
ATOM   1469 C CD2 . LEU A 1 207 ? 2.190   -2.162  14.027  1.000 91.605  ? 230 LEU A CD2 1 ? 
ATOM   1470 N N   . SER A 1 208 ? -1.809  -2.214  17.903  1.000 82.429  ? 231 SER A N   1 ? 
ATOM   1471 C CA  . SER A 1 208 ? -2.246  -2.742  19.229  1.000 85.362  ? 231 SER A CA  1 ? 
ATOM   1472 C C   . SER A 1 208 ? -3.768  -2.883  19.272  1.000 86.321  ? 231 SER A C   1 ? 
ATOM   1473 O O   . SER A 1 208 ? -4.473  -1.948  18.891  1.000 75.635  ? 231 SER A O   1 ? 
ATOM   1474 C CB  . SER A 1 208 ? -1.767  -1.867  20.367  1.000 80.131  ? 231 SER A CB  1 ? 
ATOM   1475 O OG  . SER A 1 208 ? -0.353  -1.799  20.384  1.000 88.409  ? 231 SER A OG  1 ? 
ATOM   1476 N N   . PRO A 1 209 ? -4.318  -4.027  19.765  1.000 95.077  ? 232 PRO A N   1 ? 
ATOM   1477 C CA  . PRO A 1 209 ? -5.761  -4.155  19.995  1.000 98.782  ? 232 PRO A CA  1 ? 
ATOM   1478 C C   . PRO A 1 209 ? -6.197  -3.231  21.147  1.000 103.084 ? 232 PRO A C   1 ? 
ATOM   1479 O O   . PRO A 1 209 ? -5.407  -3.031  22.054  1.000 98.932  ? 232 PRO A O   1 ? 
ATOM   1480 C CB  . PRO A 1 209 ? -5.961  -5.648  20.313  1.000 100.420 ? 232 PRO A CB  1 ? 
ATOM   1481 C CG  . PRO A 1 209 ? -4.621  -6.092  20.878  1.000 99.109  ? 232 PRO A CG  1 ? 
ATOM   1482 C CD  . PRO A 1 209 ? -3.588  -5.251  20.150  1.000 99.487  ? 232 PRO A CD  1 ? 
ATOM   1483 N N   . SER A 1 210 ? -7.427  -2.703  21.077  1.000 108.581 ? 233 SER A N   1 ? 
ATOM   1484 C CA  . SER A 1 210 ? -7.940  -1.572  21.902  1.000 121.079 ? 233 SER A CA  1 ? 
ATOM   1485 C C   . SER A 1 210 ? -8.306  -2.036  23.323  1.000 130.368 ? 233 SER A C   1 ? 
ATOM   1486 O O   . SER A 1 210 ? -8.350  -1.158  24.219  1.000 128.920 ? 233 SER A O   1 ? 
ATOM   1487 C CB  . SER A 1 210 ? -9.111  -0.895  21.216  1.000 124.873 ? 233 SER A CB  1 ? 
ATOM   1488 O OG  . SER A 1 210 ? -10.097 -1.846  20.841  1.000 126.187 ? 233 SER A OG  1 ? 
ATOM   1489 N N   . ASN A 1 211 ? -8.563  -3.340  23.529  1.000 142.524 ? 234 ASN A N   1 ? 
ATOM   1490 C CA  . ASN A 1 211 ? -8.936  -3.917  24.857  1.000 145.587 ? 234 ASN A CA  1 ? 
ATOM   1491 C C   . ASN A 1 211 ? -7.694  -3.862  25.767  1.000 144.563 ? 234 ASN A C   1 ? 
ATOM   1492 O O   . ASN A 1 211 ? -7.738  -3.102  26.759  1.000 152.803 ? 234 ASN A O   1 ? 
ATOM   1493 C CB  . ASN A 1 211 ? -9.629  -5.294  24.761  1.000 145.911 ? 234 ASN A CB  1 ? 
ATOM   1494 C CG  . ASN A 1 211 ? -8.864  -6.368  24.010  1.000 147.380 ? 234 ASN A CG  1 ? 
ATOM   1495 O OD1 . ASN A 1 211 ? -8.396  -6.147  22.895  1.000 145.464 ? 234 ASN A OD1 1 ? 
ATOM   1496 N ND2 . ASN A 1 211 ? -8.759  -7.547  24.601  1.000 144.780 ? 234 ASN A ND2 1 ? 
ATOM   1497 N N   . GLY A 1 212 ? -6.610  -4.570  25.416  1.000 135.381 ? 235 GLY A N   1 ? 
ATOM   1498 C CA  . GLY A 1 212 ? -5.305  -4.490  26.107  1.000 132.745 ? 235 GLY A CA  1 ? 
ATOM   1499 C C   . GLY A 1 212 ? -4.659  -3.125  25.906  1.000 130.077 ? 235 GLY A C   1 ? 
ATOM   1500 O O   . GLY A 1 212 ? -4.688  -2.635  24.759  1.000 123.618 ? 235 GLY A O   1 ? 
ATOM   1501 N N   . ALA A 1 213 ? -4.130  -2.511  26.976  1.000 127.894 ? 236 ALA A N   1 ? 
ATOM   1502 C CA  . ALA A 1 213 ? -3.468  -1.178  26.968  1.000 129.257 ? 236 ALA A CA  1 ? 
ATOM   1503 C C   . ALA A 1 213 ? -2.503  -1.063  28.164  1.000 127.610 ? 236 ALA A C   1 ? 
ATOM   1504 O O   . ALA A 1 213 ? -2.150  -2.118  28.735  1.000 120.060 ? 236 ALA A O   1 ? 
ATOM   1505 C CB  . ALA A 1 213 ? -4.525  -0.086  26.962  1.000 132.373 ? 236 ALA A CB  1 ? 
ATOM   1506 N N   . GLY A 1 214 ? -2.077  0.160   28.519  1.000 121.940 ? 237 GLY A N   1 ? 
ATOM   1507 C CA  . GLY A 1 214 ? -1.234  0.448   29.699  1.000 121.154 ? 237 GLY A CA  1 ? 
ATOM   1508 C C   . GLY A 1 214 ? 0.244   0.261   29.387  1.000 119.956 ? 237 GLY A C   1 ? 
ATOM   1509 O O   . GLY A 1 214 ? 0.728   -0.883  29.519  1.000 115.741 ? 237 GLY A O   1 ? 
ATOM   1510 N N   . PHE A 1 215 ? 0.925   1.334   28.960  1.000 113.765 ? 238 PHE A N   1 ? 
ATOM   1511 C CA  . PHE A 1 215 ? 2.375   1.364   28.614  1.000 107.279 ? 238 PHE A CA  1 ? 
ATOM   1512 C C   . PHE A 1 215 ? 2.975   2.716   29.040  1.000 100.262 ? 238 PHE A C   1 ? 
ATOM   1513 O O   . PHE A 1 215 ? 2.457   3.761   28.594  1.000 95.700  ? 238 PHE A O   1 ? 
ATOM   1514 C CB  . PHE A 1 215 ? 2.563   1.055   27.121  1.000 106.137 ? 238 PHE A CB  1 ? 
ATOM   1515 C CG  . PHE A 1 215 ? 3.885   1.475   26.515  1.000 104.214 ? 238 PHE A CG  1 ? 
ATOM   1516 C CD1 . PHE A 1 215 ? 5.086   1.238   27.176  1.000 99.534  ? 238 PHE A CD1 1 ? 
ATOM   1517 C CD2 . PHE A 1 215 ? 3.933   2.095   25.268  1.000 99.809  ? 238 PHE A CD2 1 ? 
ATOM   1518 C CE1 . PHE A 1 215 ? 6.293   1.635   26.618  1.000 96.781  ? 238 PHE A CE1 1 ? 
ATOM   1519 C CE2 . PHE A 1 215 ? 5.142   2.477   24.705  1.000 94.251  ? 238 PHE A CE2 1 ? 
ATOM   1520 C CZ  . PHE A 1 215 ? 6.321   2.246   25.381  1.000 98.231  ? 238 PHE A CZ  1 ? 
ATOM   1521 N N   . SER A 1 216 ? 4.034   2.680   29.866  1.000 90.616  ? 239 SER A N   1 ? 
ATOM   1522 C CA  . SER A 1 216 ? 4.724   3.855   30.472  1.000 91.498  ? 239 SER A CA  1 ? 
ATOM   1523 C C   . SER A 1 216 ? 6.235   3.773   30.211  1.000 88.506  ? 239 SER A C   1 ? 
ATOM   1524 O O   . SER A 1 216 ? 6.774   2.644   30.208  1.000 81.293  ? 239 SER A O   1 ? 
ATOM   1525 C CB  . SER A 1 216 ? 4.429   3.956   31.957  1.000 90.114  ? 239 SER A CB  1 ? 
ATOM   1526 O OG  . SER A 1 216 ? 3.062   4.264   32.174  1.000 87.270  ? 239 SER A OG  1 ? 
ATOM   1527 N N   . LEU A 1 217 ? 6.885   4.930   30.026  1.000 84.151  ? 240 LEU A N   1 ? 
ATOM   1528 C CA  . LEU A 1 217 ? 8.352   5.058   29.786  1.000 90.404  ? 240 LEU A CA  1 ? 
ATOM   1529 C C   . LEU A 1 217 ? 9.077   4.922   31.127  1.000 90.732  ? 240 LEU A C   1 ? 
ATOM   1530 O O   . LEU A 1 217 ? 8.445   5.029   32.179  1.000 90.104  ? 240 LEU A O   1 ? 
ATOM   1531 C CB  . LEU A 1 217 ? 8.661   6.408   29.113  1.000 95.297  ? 240 LEU A CB  1 ? 
ATOM   1532 C CG  . LEU A 1 217 ? 8.323   6.561   27.618  1.000 95.232  ? 240 LEU A CG  1 ? 
ATOM   1533 C CD1 . LEU A 1 217 ? 9.019   5.496   26.765  1.000 94.441  ? 240 LEU A CD1 1 ? 
ATOM   1534 C CD2 . LEU A 1 217 ? 6.811   6.576   27.361  1.000 96.036  ? 240 LEU A CD2 1 ? 
ATOM   1535 N N   . PRO A 1 218 ? 10.414  4.677   31.143  1.000 92.893  ? 241 PRO A N   1 ? 
ATOM   1536 C CA  . PRO A 1 218 ? 11.178  4.665   32.396  1.000 98.003  ? 241 PRO A CA  1 ? 
ATOM   1537 C C   . PRO A 1 218 ? 11.224  6.064   33.049  1.000 105.694 ? 241 PRO A C   1 ? 
ATOM   1538 O O   . PRO A 1 218 ? 11.299  7.041   32.317  1.000 106.737 ? 241 PRO A O   1 ? 
ATOM   1539 C CB  . PRO A 1 218 ? 12.581  4.159   31.998  1.000 93.874  ? 241 PRO A CB  1 ? 
ATOM   1540 C CG  . PRO A 1 218 ? 12.434  3.641   30.571  1.000 91.524  ? 241 PRO A CG  1 ? 
ATOM   1541 C CD  . PRO A 1 218 ? 11.259  4.386   29.972  1.000 87.312  ? 241 PRO A CD  1 ? 
ATOM   1542 N N   . SER A 1 219 ? 11.149  6.129   34.390  1.000 120.405 ? 242 SER A N   1 ? 
ATOM   1543 C CA  . SER A 1 219 ? 11.093  7.376   35.210  1.000 125.380 ? 242 SER A CA  1 ? 
ATOM   1544 C C   . SER A 1 219 ? 11.641  7.116   36.624  1.000 135.030 ? 242 SER A C   1 ? 
ATOM   1545 O O   . SER A 1 219 ? 11.072  6.247   37.321  1.000 139.728 ? 242 SER A O   1 ? 
ATOM   1546 C CB  . SER A 1 219 ? 9.682   7.939   35.273  1.000 120.657 ? 242 SER A CB  1 ? 
ATOM   1547 O OG  . SER A 1 219 ? 9.385   8.694   34.110  1.000 126.359 ? 242 SER A OG  1 ? 
ATOM   1548 N N   . THR A 1 220 ? 12.690  7.851   37.028  1.000 144.446 ? 243 THR A N   1 ? 
ATOM   1549 C CA  . THR A 1 220 ? 13.291  7.831   38.395  1.000 155.121 ? 243 THR A CA  1 ? 
ATOM   1550 C C   . THR A 1 220 ? 14.078  9.134   38.615  1.000 163.747 ? 243 THR A C   1 ? 
ATOM   1551 O O   . THR A 1 220 ? 14.882  9.254   39.540  1.000 175.127 ? 243 THR A O   1 ? 
ATOM   1552 C CB  . THR A 1 220 ? 14.115  6.547   38.607  1.000 156.837 ? 243 THR A CB  1 ? 
ATOM   1553 O OG1 . THR A 1 220 ? 14.425  6.417   39.996  1.000 158.637 ? 243 THR A OG1 1 ? 
ATOM   1554 C CG2 . THR A 1 220 ? 15.401  6.490   37.802  1.000 151.696 ? 243 THR A CG2 1 ? 
ATOM   1555 O OXT . THR A 1 220 ? 13.927  10.105  37.867  1.000 167.846 ? 243 THR A OXT 1 ? 
HETATM 1556 S S   . SO4 B 2 .   ? 12.585  1.997   -13.679 1.000 102.848 ? 401 SO4 A S   1 ? 
HETATM 1557 O O1  . SO4 B 2 .   ? 12.105  1.639   -14.986 1.000 104.821 ? 401 SO4 A O1  1 ? 
HETATM 1558 O O2  . SO4 B 2 .   ? 11.518  1.877   -12.723 1.000 101.581 ? 401 SO4 A O2  1 ? 
HETATM 1559 O O3  . SO4 B 2 .   ? 13.051  3.358   -13.691 1.000 96.737  ? 401 SO4 A O3  1 ? 
HETATM 1560 O O4  . SO4 B 2 .   ? 13.663  1.111   -13.311 1.000 96.355  ? 401 SO4 A O4  1 ? 
HETATM 1561 C C1  . GOL C 3 .   ? 12.688  9.186   8.965   1.000 61.715  ? 402 GOL A C1  1 ? 
HETATM 1562 O O1  . GOL C 3 .   ? 12.044  7.917   8.963   1.000 56.194  ? 402 GOL A O1  1 ? 
HETATM 1563 C C2  . GOL C 3 .   ? 11.829  10.317  8.415   1.000 61.633  ? 402 GOL A C2  1 ? 
HETATM 1564 O O2  . GOL C 3 .   ? 11.683  11.325  9.407   1.000 63.729  ? 402 GOL A O2  1 ? 
HETATM 1565 C C3  . GOL C 3 .   ? 12.392  10.997  7.183   1.000 68.817  ? 402 GOL A C3  1 ? 
HETATM 1566 O O3  . GOL C 3 .   ? 11.720  12.212  6.851   1.000 76.098  ? 402 GOL A O3  1 ? 
HETATM 1567 O O   . HOH D 4 .   ? 2.717   11.976  0.272   1.000 55.432  ? 501 HOH A O   1 ? 
HETATM 1568 O O   . HOH D 4 .   ? -10.827 0.734   -15.176 1.000 78.048  ? 502 HOH A O   1 ? 
HETATM 1569 O O   . HOH D 4 .   ? -12.162 3.623   15.459  1.000 81.628  ? 503 HOH A O   1 ? 
HETATM 1570 O O   . HOH D 4 .   ? -0.433  6.626   2.786   1.000 52.210  ? 504 HOH A O   1 ? 
HETATM 1571 O O   . HOH D 4 .   ? 17.896  5.431   -0.903  1.000 62.882  ? 505 HOH A O   1 ? 
HETATM 1572 O O   . HOH D 4 .   ? 18.394  7.907   8.401   1.000 56.716  ? 506 HOH A O   1 ? 
HETATM 1573 O O   . HOH D 4 .   ? -2.817  -10.950 -10.254 1.000 75.935  ? 507 HOH A O   1 ? 
HETATM 1574 O O   . HOH D 4 .   ? 5.608   9.511   4.498   1.000 55.704  ? 508 HOH A O   1 ? 
HETATM 1575 O O   . HOH D 4 .   ? -3.971  11.890  2.408   1.000 63.287  ? 509 HOH A O   1 ? 
HETATM 1576 O O   . HOH D 4 .   ? -5.786  -12.196 -5.952  1.000 82.050  ? 510 HOH A O   1 ? 
HETATM 1577 O O   . HOH D 4 .   ? -2.489  -10.838 -7.765  1.000 77.975  ? 511 HOH A O   1 ? 
HETATM 1578 O O   . HOH D 4 .   ? 1.038   4.463   3.562   1.000 50.891  ? 512 HOH A O   1 ? 
HETATM 1579 O O   . HOH D 4 .   ? -9.655  4.263   14.531  1.000 91.765  ? 513 HOH A O   1 ? 
HETATM 1580 O O   . HOH D 4 .   ? -9.034  15.976  -2.741  1.000 79.210  ? 514 HOH A O   1 ? 
# 
loop_
_pdbx_poly_seq_scheme.asym_id 
_pdbx_poly_seq_scheme.entity_id 
_pdbx_poly_seq_scheme.seq_id 
_pdbx_poly_seq_scheme.mon_id 
_pdbx_poly_seq_scheme.ndb_seq_num 
_pdbx_poly_seq_scheme.pdb_seq_num 
_pdbx_poly_seq_scheme.auth_seq_num 
_pdbx_poly_seq_scheme.pdb_mon_id 
_pdbx_poly_seq_scheme.auth_mon_id 
_pdbx_poly_seq_scheme.pdb_strand_id 
_pdbx_poly_seq_scheme.pdb_ins_code 
_pdbx_poly_seq_scheme.hetero 
A 1 1   MET 1   24  ?   ?   ?   A . n 
A 1 2   ASN 2   25  ?   ?   ?   A . n 
A 1 3   HIS 3   26  ?   ?   ?   A . n 
A 1 4   LYS 4   27  ?   ?   ?   A . n 
A 1 5   VAL 5   28  ?   ?   ?   A . n 
A 1 6   HIS 6   29  ?   ?   ?   A . n 
A 1 7   HIS 7   30  ?   ?   ?   A . n 
A 1 8   HIS 8   31  ?   ?   ?   A . n 
A 1 9   HIS 9   32  ?   ?   ?   A . n 
A 1 10  HIS 10  33  ?   ?   ?   A . n 
A 1 11  HIS 11  34  ?   ?   ?   A . n 
A 1 12  ILE 12  35  ?   ?   ?   A . n 
A 1 13  GLU 13  36  ?   ?   ?   A . n 
A 1 14  GLY 14  37  ?   ?   ?   A . n 
A 1 15  ARG 15  38  ?   ?   ?   A . n 
A 1 16  HIS 16  39  ?   ?   ?   A . n 
A 1 17  MET 17  40  ?   ?   ?   A . n 
A 1 18  ILE 18  41  ?   ?   ?   A . n 
A 1 19  ASN 19  42  ?   ?   ?   A . n 
A 1 20  ASN 20  43  ?   ?   ?   A . n 
A 1 21  LYS 21  44  ?   ?   ?   A . n 
A 1 22  PHE 22  45  ?   ?   ?   A . n 
A 1 23  ALA 23  46  46  ALA ALA A . n 
A 1 24  VAL 24  47  47  VAL VAL A . n 
A 1 25  SER 25  48  48  SER SER A . n 
A 1 26  THR 26  49  49  THR THR A . n 
A 1 27  ILE 27  50  50  ILE ILE A . n 
A 1 28  SER 28  51  51  SER SER A . n 
A 1 29  ASP 29  52  52  ASP ASP A . n 
A 1 30  TYR 30  53  53  TYR TYR A . n 
A 1 31  THR 31  54  54  THR THR A . n 
A 1 32  GLU 32  55  55  GLU GLU A . n 
A 1 33  LYS 33  56  56  LYS LYS A . n 
A 1 34  ILE 34  57  57  ILE ILE A . n 
A 1 35  ASN 35  58  58  ASN ASN A . n 
A 1 36  ASN 36  59  59  ASN ASN A . n 
A 1 37  VAL 37  60  60  VAL VAL A . n 
A 1 38  LYS 38  61  61  LYS LYS A . n 
A 1 39  ASP 39  62  62  ASP ASP A . n 
A 1 40  GLU 40  63  63  GLU GLU A . n 
A 1 41  GLU 41  64  64  GLU GLU A . n 
A 1 42  VAL 42  65  65  VAL VAL A . n 
A 1 43  ASP 43  66  66  ASP ASP A . n 
A 1 44  ASP 44  67  67  ASP ASP A . n 
A 1 45  LEU 45  68  68  LEU LEU A . n 
A 1 46  ILE 46  69  69  ILE ILE A . n 
A 1 47  LYS 47  70  70  LYS LYS A . n 
A 1 48  ASN 48  71  71  ASN ASN A . n 
A 1 49  ILE 49  72  72  ILE ILE A . n 
A 1 50  ASN 50  73  73  ASN ASN A . n 
A 1 51  LYS 51  74  74  LYS LYS A . n 
A 1 52  TYR 52  75  75  TYR TYR A . n 
A 1 53  ASN 53  76  76  ASN ASN A . n 
A 1 54  TYR 54  77  77  TYR TYR A . n 
A 1 55  ASP 55  78  78  ASP ASP A . n 
A 1 56  LEU 56  79  79  LEU LEU A . n 
A 1 57  PHE 57  80  80  PHE PHE A . n 
A 1 58  ASN 58  81  81  ASN ASN A . n 
A 1 59  GLY 59  82  82  GLY GLY A . n 
A 1 60  THR 60  83  83  THR THR A . n 
A 1 61  ALA 61  84  84  ALA ALA A . n 
A 1 62  GLU 62  85  85  GLU GLU A . n 
A 1 63  ASN 63  86  86  ASN ASN A . n 
A 1 64  GLN 64  87  87  GLN GLN A . n 
A 1 65  LEU 65  88  88  LEU LEU A . n 
A 1 66  PRO 66  89  89  PRO PRO A . n 
A 1 67  ASP 67  90  90  ASP ASP A . n 
A 1 68  TYR 68  91  91  TYR TYR A . n 
A 1 69  LEU 69  92  92  LEU LEU A . n 
A 1 70  ASN 70  93  93  ASN ASN A . n 
A 1 71  ILE 71  94  94  ILE ILE A . n 
A 1 72  HIS 72  95  95  HIS HIS A . n 
A 1 73  GLU 73  96  96  GLU GLU A . n 
A 1 74  GLY 74  97  97  GLY GLY A . n 
A 1 75  ASP 75  98  98  ASP ASP A . n 
A 1 76  VAL 76  99  99  VAL VAL A . n 
A 1 77  LEU 77  100 100 LEU LEU A . n 
A 1 78  GLY 78  101 101 GLY GLY A . n 
A 1 79  TYR 79  102 102 TYR TYR A . n 
A 1 80  ILE 80  103 103 ILE ILE A . n 
A 1 81  GLU 81  104 104 GLU GLU A . n 
A 1 82  ILE 82  105 105 ILE ILE A . n 
A 1 83  PRO 83  106 106 PRO PRO A . n 
A 1 84  SER 84  107 107 SER SER A . n 
A 1 85  ILE 85  108 108 ILE ILE A . n 
A 1 86  ASN 86  109 109 ASN ASN A . n 
A 1 87  ILE 87  110 110 ILE ILE A . n 
A 1 88  LYS 88  111 111 LYS LYS A . n 
A 1 89  LEU 89  112 112 LEU LEU A . n 
A 1 90  PRO 90  113 113 PRO PRO A . n 
A 1 91  ILE 91  114 114 ILE ILE A . n 
A 1 92  TYR 92  115 115 TYR TYR A . n 
A 1 93  TYR 93  116 116 TYR TYR A . n 
A 1 94  GLY 94  117 117 GLY GLY A . n 
A 1 95  THR 95  118 118 THR THR A . n 
A 1 96  SER 96  119 119 SER SER A . n 
A 1 97  VAL 97  120 120 VAL VAL A . n 
A 1 98  ASP 98  121 121 ASP ASP A . n 
A 1 99  ILE 99  122 122 ILE ILE A . n 
A 1 100 LEU 100 123 123 LEU LEU A . n 
A 1 101 LYS 101 124 124 LYS LYS A . n 
A 1 102 LYS 102 125 125 LYS LYS A . n 
A 1 103 GLY 103 126 126 GLY GLY A . n 
A 1 104 VAL 104 127 127 VAL VAL A . n 
A 1 105 GLY 105 128 128 GLY GLY A . n 
A 1 106 VAL 106 129 129 VAL VAL A . n 
A 1 107 LEU 107 130 130 LEU LEU A . n 
A 1 108 GLU 108 131 131 GLU GLU A . n 
A 1 109 GLY 109 132 132 GLY GLY A . n 
A 1 110 THR 110 133 133 THR THR A . n 
A 1 111 SER 111 134 134 SER SER A . n 
A 1 112 LEU 112 135 135 LEU LEU A . n 
A 1 113 PRO 113 136 136 PRO PRO A . n 
A 1 114 VAL 114 137 137 VAL VAL A . n 
A 1 115 GLY 115 138 138 GLY GLY A . n 
A 1 116 GLY 116 139 139 GLY GLY A . n 
A 1 117 GLU 117 140 140 GLU GLU A . n 
A 1 118 ASN 118 141 141 ASN ASN A . n 
A 1 119 THR 119 142 142 THR THR A . n 
A 1 120 HIS 120 143 143 HIS HIS A . n 
A 1 121 SER 121 144 144 SER SER A . n 
A 1 122 VAL 122 145 145 VAL VAL A . n 
A 1 123 LEU 123 146 146 LEU LEU A . n 
A 1 124 SER 124 147 147 SER SER A . n 
A 1 125 ALA 125 148 148 ALA ALA A . n 
A 1 126 HIS 126 149 149 HIS HIS A . n 
A 1 127 THR 127 150 150 THR THR A . n 
A 1 128 GLY 128 151 151 GLY GLY A . n 
A 1 129 LEU 129 152 152 LEU LEU A . n 
A 1 130 ALA 130 153 153 ALA ALA A . n 
A 1 131 ASN 131 154 154 ASN ASN A . n 
A 1 132 GLN 132 155 155 GLN GLN A . n 
A 1 133 LYS 133 156 156 LYS LYS A . n 
A 1 134 LEU 134 157 157 LEU LEU A . n 
A 1 135 PHE 135 158 158 PHE PHE A . n 
A 1 136 THR 136 159 159 THR THR A . n 
A 1 137 ASP 137 160 160 ASP ASP A . n 
A 1 138 ILE 138 161 161 ILE ILE A . n 
A 1 139 ASP 139 162 162 ASP ASP A . n 
A 1 140 LYS 140 163 163 LYS LYS A . n 
A 1 141 LEU 141 164 164 LEU LEU A . n 
A 1 142 LYS 142 165 165 LYS LYS A . n 
A 1 143 ASP 143 166 166 ASP ASP A . n 
A 1 144 GLY 144 167 167 GLY GLY A . n 
A 1 145 ASP 145 168 168 ASP ASP A . n 
A 1 146 VAL 146 169 169 VAL VAL A . n 
A 1 147 PHE 147 170 170 PHE PHE A . n 
A 1 148 TYR 148 171 171 TYR TYR A . n 
A 1 149 LEU 149 172 172 LEU LEU A . n 
A 1 150 HIS 150 173 173 HIS HIS A . n 
A 1 151 ILE 151 174 174 ILE ILE A . n 
A 1 152 LEU 152 175 175 LEU LEU A . n 
A 1 153 LYS 153 176 176 LYS LYS A . n 
A 1 154 LYS 154 177 177 LYS LYS A . n 
A 1 155 ASP 155 178 178 ASP ASP A . n 
A 1 156 LEU 156 179 179 LEU LEU A . n 
A 1 157 ALA 157 180 180 ALA ALA A . n 
A 1 158 TYR 158 181 181 TYR TYR A . n 
A 1 159 LYS 159 182 182 LYS LYS A . n 
A 1 160 VAL 160 183 183 VAL VAL A . n 
A 1 161 ASN 161 184 184 ASN ASN A . n 
A 1 162 GLN 162 185 185 GLN GLN A . n 
A 1 163 ILE 163 186 186 ILE ILE A . n 
A 1 164 LYS 164 187 187 LYS LYS A . n 
A 1 165 VAL 165 188 188 VAL VAL A . n 
A 1 166 VAL 166 189 189 VAL VAL A . n 
A 1 167 HIS 167 190 190 HIS HIS A . n 
A 1 168 PRO 168 191 191 PRO PRO A . n 
A 1 169 ASP 169 192 192 ASP ASP A . n 
A 1 170 GLU 170 193 193 GLU GLU A . n 
A 1 171 ILE 171 194 194 ILE ILE A . n 
A 1 172 ASP 172 195 195 ASP ASP A . n 
A 1 173 GLU 173 196 196 GLU GLU A . n 
A 1 174 LEU 174 197 197 LEU LEU A . n 
A 1 175 LYS 175 198 198 LYS LYS A . n 
A 1 176 ILE 176 199 199 ILE ILE A . n 
A 1 177 SER 177 200 200 SER SER A . n 
A 1 178 ASP 178 201 201 ASP ASP A . n 
A 1 179 ASP 179 202 202 ASP ASP A . n 
A 1 180 LYS 180 203 203 LYS LYS A . n 
A 1 181 ASP 181 204 204 ASP ASP A . n 
A 1 182 TYR 182 205 205 TYR TYR A . n 
A 1 183 VAL 183 206 206 VAL VAL A . n 
A 1 184 THR 184 207 207 THR THR A . n 
A 1 185 LEU 185 208 208 LEU LEU A . n 
A 1 186 LEU 186 209 209 LEU LEU A . n 
A 1 187 THR 187 210 210 THR THR A . n 
A 1 188 CYS 188 211 211 CYS CYS A . n 
A 1 189 TYR 189 212 212 TYR TYR A . n 
A 1 190 PRO 190 213 213 PRO PRO A . n 
A 1 191 TYR 191 214 214 TYR TYR A . n 
A 1 192 GLY 192 215 215 GLY GLY A . n 
A 1 193 ILE 193 216 216 ILE ILE A . n 
A 1 194 ASN 194 217 217 ASN ASN A . n 
A 1 195 THR 195 218 218 THR THR A . n 
A 1 196 GLU 196 219 219 GLU GLU A . n 
A 1 197 ARG 197 220 220 ARG ARG A . n 
A 1 198 LEU 198 221 221 LEU LEU A . n 
A 1 199 LEU 199 222 222 LEU LEU A . n 
A 1 200 VAL 200 223 223 VAL VAL A . n 
A 1 201 ARG 201 224 224 ARG ARG A . n 
A 1 202 GLY 202 225 225 GLY GLY A . n 
A 1 203 GLU 203 226 226 GLU GLU A . n 
A 1 204 ARG 204 227 227 ARG ARG A . n 
A 1 205 THR 205 228 228 THR THR A . n 
A 1 206 ASP 206 229 229 ASP ASP A . n 
A 1 207 LEU 207 230 230 LEU LEU A . n 
A 1 208 SER 208 231 231 SER SER A . n 
A 1 209 PRO 209 232 232 PRO PRO A . n 
A 1 210 SER 210 233 233 SER SER A . n 
A 1 211 ASN 211 234 234 ASN ASN A . n 
A 1 212 GLY 212 235 235 GLY GLY A . n 
A 1 213 ALA 213 236 236 ALA ALA A . n 
A 1 214 GLY 214 237 237 GLY GLY A . n 
A 1 215 PHE 215 238 238 PHE PHE A . n 
A 1 216 SER 216 239 239 SER SER A . n 
A 1 217 LEU 217 240 240 LEU LEU A . n 
A 1 218 PRO 218 241 241 PRO PRO A . n 
A 1 219 SER 219 242 242 SER SER A . n 
A 1 220 THR 220 243 243 THR THR A . n 
# 
loop_
_pdbx_nonpoly_scheme.asym_id 
_pdbx_nonpoly_scheme.entity_id 
_pdbx_nonpoly_scheme.mon_id 
_pdbx_nonpoly_scheme.ndb_seq_num 
_pdbx_nonpoly_scheme.pdb_seq_num 
_pdbx_nonpoly_scheme.auth_seq_num 
_pdbx_nonpoly_scheme.pdb_mon_id 
_pdbx_nonpoly_scheme.auth_mon_id 
_pdbx_nonpoly_scheme.pdb_strand_id 
_pdbx_nonpoly_scheme.pdb_ins_code 
B 2 SO4 1  401 401 SO4 SO4 A . 
C 3 GOL 1  402 501 GOL GOL A . 
D 4 HOH 1  501 1   HOH HOH A . 
D 4 HOH 2  502 6   HOH HOH A . 
D 4 HOH 3  503 12  HOH HOH A . 
D 4 HOH 4  504 8   HOH HOH A . 
D 4 HOH 5  505 14  HOH HOH A . 
D 4 HOH 6  506 9   HOH HOH A . 
D 4 HOH 7  507 11  HOH HOH A . 
D 4 HOH 8  508 10  HOH HOH A . 
D 4 HOH 9  509 2   HOH HOH A . 
D 4 HOH 10 510 4   HOH HOH A . 
D 4 HOH 11 511 3   HOH HOH A . 
D 4 HOH 12 512 5   HOH HOH A . 
D 4 HOH 13 513 7   HOH HOH A . 
D 4 HOH 14 514 13  HOH HOH A . 
# 
_pdbx_struct_assembly.id                   1 
_pdbx_struct_assembly.details              author_and_software_defined_assembly 
_pdbx_struct_assembly.method_details       PISA 
_pdbx_struct_assembly.oligomeric_details   monomeric 
_pdbx_struct_assembly.oligomeric_count     1 
# 
_pdbx_struct_assembly_gen.assembly_id       1 
_pdbx_struct_assembly_gen.oper_expression   1 
_pdbx_struct_assembly_gen.asym_id_list      A,B,C,D 
# 
loop_
_pdbx_struct_assembly_prop.biol_id 
_pdbx_struct_assembly_prop.type 
_pdbx_struct_assembly_prop.value 
_pdbx_struct_assembly_prop.details 
1 'ABSA (A^2)' 180   ? 
1 MORE         -11   ? 
1 'SSA (A^2)'  11140 ? 
# 
_pdbx_struct_oper_list.id                   1 
_pdbx_struct_oper_list.type                 'identity operation' 
_pdbx_struct_oper_list.name                 1_555 
_pdbx_struct_oper_list.symmetry_operation   x,y,z 
_pdbx_struct_oper_list.matrix[1][1]         1.0000000000 
_pdbx_struct_oper_list.matrix[1][2]         0.0000000000 
_pdbx_struct_oper_list.matrix[1][3]         0.0000000000 
_pdbx_struct_oper_list.vector[1]            0.0000000000 
_pdbx_struct_oper_list.matrix[2][1]         0.0000000000 
_pdbx_struct_oper_list.matrix[2][2]         1.0000000000 
_pdbx_struct_oper_list.matrix[2][3]         0.0000000000 
_pdbx_struct_oper_list.vector[2]            0.0000000000 
_pdbx_struct_oper_list.matrix[3][1]         0.0000000000 
_pdbx_struct_oper_list.matrix[3][2]         0.0000000000 
_pdbx_struct_oper_list.matrix[3][3]         1.0000000000 
_pdbx_struct_oper_list.vector[3]            0.0000000000 
# 
loop_
_pdbx_audit_revision_history.ordinal 
_pdbx_audit_revision_history.data_content_type 
_pdbx_audit_revision_history.major_revision 
_pdbx_audit_revision_history.minor_revision 
_pdbx_audit_revision_history.revision_date 
1 'Structure model' 1 0 2021-06-02 
2 'Structure model' 1 1 2023-11-29 
# 
_pdbx_audit_revision_details.ordinal             1 
_pdbx_audit_revision_details.revision_ordinal    1 
_pdbx_audit_revision_details.data_content_type   'Structure model' 
_pdbx_audit_revision_details.provider            repository 
_pdbx_audit_revision_details.type                'Initial release' 
_pdbx_audit_revision_details.description         ? 
_pdbx_audit_revision_details.details             ? 
# 
loop_
_pdbx_audit_revision_group.ordinal 
_pdbx_audit_revision_group.revision_ordinal 
_pdbx_audit_revision_group.data_content_type 
_pdbx_audit_revision_group.group 
1 2 'Structure model' 'Data collection'        
2 2 'Structure model' 'Database references'    
3 2 'Structure model' 'Derived calculations'   
4 2 'Structure model' 'Refinement description' 
# 
loop_
_pdbx_audit_revision_category.ordinal 
_pdbx_audit_revision_category.revision_ordinal 
_pdbx_audit_revision_category.data_content_type 
_pdbx_audit_revision_category.category 
1 2 'Structure model' atom_type                     
2 2 'Structure model' chem_comp_atom                
3 2 'Structure model' chem_comp_bond                
4 2 'Structure model' database_2                    
5 2 'Structure model' pdbx_initial_refinement_model 
# 
loop_
_pdbx_audit_revision_item.ordinal 
_pdbx_audit_revision_item.revision_ordinal 
_pdbx_audit_revision_item.data_content_type 
_pdbx_audit_revision_item.item 
1 2 'Structure model' '_atom_type.pdbx_N_electrons'         
2 2 'Structure model' '_atom_type.pdbx_scat_Z'              
3 2 'Structure model' '_database_2.pdbx_DOI'                
4 2 'Structure model' '_database_2.pdbx_database_accession' 
# 
loop_
_software.citation_id 
_software.classification 
_software.compiler_name 
_software.compiler_version 
_software.contact_author 
_software.contact_author_email 
_software.date 
_software.description 
_software.dependencies 
_software.hardware 
_software.language 
_software.location 
_software.mods 
_software.name 
_software.os 
_software.os_version 
_software.type 
_software.version 
_software.pdbx_ordinal 
? refinement       ? ? ? ? ? ? ? ? ? ? ? REFMAC ? ? ? 5.8.0258 1 
? 'data reduction' ? ? ? ? ? ? ? ? ? ? ? XDS    ? ? ? .        2 
? 'data scaling'   ? ? ? ? ? ? ? ? ? ? ? XDS    ? ? ? .        3 
? phasing          ? ? ? ? ? ? ? ? ? ? ? MOLREP ? ? ? .        4 
# 
_pdbx_entry_details.entry_id                 7D6P 
_pdbx_entry_details.has_ligand_of_interest   N 
_pdbx_entry_details.compound_details         ? 
_pdbx_entry_details.source_details           ? 
_pdbx_entry_details.nonpolymer_details       ? 
_pdbx_entry_details.sequence_details         ? 
# 
loop_
_pdbx_validate_torsion.id 
_pdbx_validate_torsion.PDB_model_num 
_pdbx_validate_torsion.auth_comp_id 
_pdbx_validate_torsion.auth_asym_id 
_pdbx_validate_torsion.auth_seq_id 
_pdbx_validate_torsion.PDB_ins_code 
_pdbx_validate_torsion.label_alt_id 
_pdbx_validate_torsion.phi 
_pdbx_validate_torsion.psi 
1 1 GLU A 96  ? ? -35.23  116.29 
2 1 ASN A 109 ? ? 33.07   60.86  
3 1 LEU A 123 ? ? -77.31  28.92  
4 1 LYS A 124 ? ? -141.57 40.93  
5 1 LYS A 125 ? ? -141.99 -56.30 
6 1 LYS A 176 ? ? 77.12   -4.92  
7 1 GLN A 185 ? ? -163.69 110.12 
8 1 ASP A 192 ? ? -103.63 69.80  
9 1 ILE A 194 ? ? -124.93 -50.46 
# 
loop_
_pdbx_unobs_or_zero_occ_residues.id 
_pdbx_unobs_or_zero_occ_residues.PDB_model_num 
_pdbx_unobs_or_zero_occ_residues.polymer_flag 
_pdbx_unobs_or_zero_occ_residues.occupancy_flag 
_pdbx_unobs_or_zero_occ_residues.auth_asym_id 
_pdbx_unobs_or_zero_occ_residues.auth_comp_id 
_pdbx_unobs_or_zero_occ_residues.auth_seq_id 
_pdbx_unobs_or_zero_occ_residues.PDB_ins_code 
_pdbx_unobs_or_zero_occ_residues.label_asym_id 
_pdbx_unobs_or_zero_occ_residues.label_comp_id 
_pdbx_unobs_or_zero_occ_residues.label_seq_id 
1  1 Y 1 A MET 24 ? A MET 1  
2  1 Y 1 A ASN 25 ? A ASN 2  
3  1 Y 1 A HIS 26 ? A HIS 3  
4  1 Y 1 A LYS 27 ? A LYS 4  
5  1 Y 1 A VAL 28 ? A VAL 5  
6  1 Y 1 A HIS 29 ? A HIS 6  
7  1 Y 1 A HIS 30 ? A HIS 7  
8  1 Y 1 A HIS 31 ? A HIS 8  
9  1 Y 1 A HIS 32 ? A HIS 9  
10 1 Y 1 A HIS 33 ? A HIS 10 
11 1 Y 1 A HIS 34 ? A HIS 11 
12 1 Y 1 A ILE 35 ? A ILE 12 
13 1 Y 1 A GLU 36 ? A GLU 13 
14 1 Y 1 A GLY 37 ? A GLY 14 
15 1 Y 1 A ARG 38 ? A ARG 15 
16 1 Y 1 A HIS 39 ? A HIS 16 
17 1 Y 1 A MET 40 ? A MET 17 
18 1 Y 1 A ILE 41 ? A ILE 18 
19 1 Y 1 A ASN 42 ? A ASN 19 
20 1 Y 1 A ASN 43 ? A ASN 20 
21 1 Y 1 A LYS 44 ? A LYS 21 
22 1 Y 1 A PHE 45 ? A PHE 22 
# 
loop_
_chem_comp_atom.comp_id 
_chem_comp_atom.atom_id 
_chem_comp_atom.type_symbol 
_chem_comp_atom.pdbx_aromatic_flag 
_chem_comp_atom.pdbx_stereo_config 
_chem_comp_atom.pdbx_ordinal 
ALA N    N N N 1   
ALA CA   C N S 2   
ALA C    C N N 3   
ALA O    O N N 4   
ALA CB   C N N 5   
ALA OXT  O N N 6   
ALA H    H N N 7   
ALA H2   H N N 8   
ALA HA   H N N 9   
ALA HB1  H N N 10  
ALA HB2  H N N 11  
ALA HB3  H N N 12  
ALA HXT  H N N 13  
ARG N    N N N 14  
ARG CA   C N S 15  
ARG C    C N N 16  
ARG O    O N N 17  
ARG CB   C N N 18  
ARG CG   C N N 19  
ARG CD   C N N 20  
ARG NE   N N N 21  
ARG CZ   C N N 22  
ARG NH1  N N N 23  
ARG NH2  N N N 24  
ARG OXT  O N N 25  
ARG H    H N N 26  
ARG H2   H N N 27  
ARG HA   H N N 28  
ARG HB2  H N N 29  
ARG HB3  H N N 30  
ARG HG2  H N N 31  
ARG HG3  H N N 32  
ARG HD2  H N N 33  
ARG HD3  H N N 34  
ARG HE   H N N 35  
ARG HH11 H N N 36  
ARG HH12 H N N 37  
ARG HH21 H N N 38  
ARG HH22 H N N 39  
ARG HXT  H N N 40  
ASN N    N N N 41  
ASN CA   C N S 42  
ASN C    C N N 43  
ASN O    O N N 44  
ASN CB   C N N 45  
ASN CG   C N N 46  
ASN OD1  O N N 47  
ASN ND2  N N N 48  
ASN OXT  O N N 49  
ASN H    H N N 50  
ASN H2   H N N 51  
ASN HA   H N N 52  
ASN HB2  H N N 53  
ASN HB3  H N N 54  
ASN HD21 H N N 55  
ASN HD22 H N N 56  
ASN HXT  H N N 57  
ASP N    N N N 58  
ASP CA   C N S 59  
ASP C    C N N 60  
ASP O    O N N 61  
ASP CB   C N N 62  
ASP CG   C N N 63  
ASP OD1  O N N 64  
ASP OD2  O N N 65  
ASP OXT  O N N 66  
ASP H    H N N 67  
ASP H2   H N N 68  
ASP HA   H N N 69  
ASP HB2  H N N 70  
ASP HB3  H N N 71  
ASP HD2  H N N 72  
ASP HXT  H N N 73  
CYS N    N N N 74  
CYS CA   C N R 75  
CYS C    C N N 76  
CYS O    O N N 77  
CYS CB   C N N 78  
CYS SG   S N N 79  
CYS OXT  O N N 80  
CYS H    H N N 81  
CYS H2   H N N 82  
CYS HA   H N N 83  
CYS HB2  H N N 84  
CYS HB3  H N N 85  
CYS HG   H N N 86  
CYS HXT  H N N 87  
GLN N    N N N 88  
GLN CA   C N S 89  
GLN C    C N N 90  
GLN O    O N N 91  
GLN CB   C N N 92  
GLN CG   C N N 93  
GLN CD   C N N 94  
GLN OE1  O N N 95  
GLN NE2  N N N 96  
GLN OXT  O N N 97  
GLN H    H N N 98  
GLN H2   H N N 99  
GLN HA   H N N 100 
GLN HB2  H N N 101 
GLN HB3  H N N 102 
GLN HG2  H N N 103 
GLN HG3  H N N 104 
GLN HE21 H N N 105 
GLN HE22 H N N 106 
GLN HXT  H N N 107 
GLU N    N N N 108 
GLU CA   C N S 109 
GLU C    C N N 110 
GLU O    O N N 111 
GLU CB   C N N 112 
GLU CG   C N N 113 
GLU CD   C N N 114 
GLU OE1  O N N 115 
GLU OE2  O N N 116 
GLU OXT  O N N 117 
GLU H    H N N 118 
GLU H2   H N N 119 
GLU HA   H N N 120 
GLU HB2  H N N 121 
GLU HB3  H N N 122 
GLU HG2  H N N 123 
GLU HG3  H N N 124 
GLU HE2  H N N 125 
GLU HXT  H N N 126 
GLY N    N N N 127 
GLY CA   C N N 128 
GLY C    C N N 129 
GLY O    O N N 130 
GLY OXT  O N N 131 
GLY H    H N N 132 
GLY H2   H N N 133 
GLY HA2  H N N 134 
GLY HA3  H N N 135 
GLY HXT  H N N 136 
GOL C1   C N N 137 
GOL O1   O N N 138 
GOL C2   C N N 139 
GOL O2   O N N 140 
GOL C3   C N N 141 
GOL O3   O N N 142 
GOL H11  H N N 143 
GOL H12  H N N 144 
GOL HO1  H N N 145 
GOL H2   H N N 146 
GOL HO2  H N N 147 
GOL H31  H N N 148 
GOL H32  H N N 149 
GOL HO3  H N N 150 
HIS N    N N N 151 
HIS CA   C N S 152 
HIS C    C N N 153 
HIS O    O N N 154 
HIS CB   C N N 155 
HIS CG   C Y N 156 
HIS ND1  N Y N 157 
HIS CD2  C Y N 158 
HIS CE1  C Y N 159 
HIS NE2  N Y N 160 
HIS OXT  O N N 161 
HIS H    H N N 162 
HIS H2   H N N 163 
HIS HA   H N N 164 
HIS HB2  H N N 165 
HIS HB3  H N N 166 
HIS HD1  H N N 167 
HIS HD2  H N N 168 
HIS HE1  H N N 169 
HIS HE2  H N N 170 
HIS HXT  H N N 171 
HOH O    O N N 172 
HOH H1   H N N 173 
HOH H2   H N N 174 
ILE N    N N N 175 
ILE CA   C N S 176 
ILE C    C N N 177 
ILE O    O N N 178 
ILE CB   C N S 179 
ILE CG1  C N N 180 
ILE CG2  C N N 181 
ILE CD1  C N N 182 
ILE OXT  O N N 183 
ILE H    H N N 184 
ILE H2   H N N 185 
ILE HA   H N N 186 
ILE HB   H N N 187 
ILE HG12 H N N 188 
ILE HG13 H N N 189 
ILE HG21 H N N 190 
ILE HG22 H N N 191 
ILE HG23 H N N 192 
ILE HD11 H N N 193 
ILE HD12 H N N 194 
ILE HD13 H N N 195 
ILE HXT  H N N 196 
LEU N    N N N 197 
LEU CA   C N S 198 
LEU C    C N N 199 
LEU O    O N N 200 
LEU CB   C N N 201 
LEU CG   C N N 202 
LEU CD1  C N N 203 
LEU CD2  C N N 204 
LEU OXT  O N N 205 
LEU H    H N N 206 
LEU H2   H N N 207 
LEU HA   H N N 208 
LEU HB2  H N N 209 
LEU HB3  H N N 210 
LEU HG   H N N 211 
LEU HD11 H N N 212 
LEU HD12 H N N 213 
LEU HD13 H N N 214 
LEU HD21 H N N 215 
LEU HD22 H N N 216 
LEU HD23 H N N 217 
LEU HXT  H N N 218 
LYS N    N N N 219 
LYS CA   C N S 220 
LYS C    C N N 221 
LYS O    O N N 222 
LYS CB   C N N 223 
LYS CG   C N N 224 
LYS CD   C N N 225 
LYS CE   C N N 226 
LYS NZ   N N N 227 
LYS OXT  O N N 228 
LYS H    H N N 229 
LYS H2   H N N 230 
LYS HA   H N N 231 
LYS HB2  H N N 232 
LYS HB3  H N N 233 
LYS HG2  H N N 234 
LYS HG3  H N N 235 
LYS HD2  H N N 236 
LYS HD3  H N N 237 
LYS HE2  H N N 238 
LYS HE3  H N N 239 
LYS HZ1  H N N 240 
LYS HZ2  H N N 241 
LYS HZ3  H N N 242 
LYS HXT  H N N 243 
MET N    N N N 244 
MET CA   C N S 245 
MET C    C N N 246 
MET O    O N N 247 
MET CB   C N N 248 
MET CG   C N N 249 
MET SD   S N N 250 
MET CE   C N N 251 
MET OXT  O N N 252 
MET H    H N N 253 
MET H2   H N N 254 
MET HA   H N N 255 
MET HB2  H N N 256 
MET HB3  H N N 257 
MET HG2  H N N 258 
MET HG3  H N N 259 
MET HE1  H N N 260 
MET HE2  H N N 261 
MET HE3  H N N 262 
MET HXT  H N N 263 
PHE N    N N N 264 
PHE CA   C N S 265 
PHE C    C N N 266 
PHE O    O N N 267 
PHE CB   C N N 268 
PHE CG   C Y N 269 
PHE CD1  C Y N 270 
PHE CD2  C Y N 271 
PHE CE1  C Y N 272 
PHE CE2  C Y N 273 
PHE CZ   C Y N 274 
PHE OXT  O N N 275 
PHE H    H N N 276 
PHE H2   H N N 277 
PHE HA   H N N 278 
PHE HB2  H N N 279 
PHE HB3  H N N 280 
PHE HD1  H N N 281 
PHE HD2  H N N 282 
PHE HE1  H N N 283 
PHE HE2  H N N 284 
PHE HZ   H N N 285 
PHE HXT  H N N 286 
PRO N    N N N 287 
PRO CA   C N S 288 
PRO C    C N N 289 
PRO O    O N N 290 
PRO CB   C N N 291 
PRO CG   C N N 292 
PRO CD   C N N 293 
PRO OXT  O N N 294 
PRO H    H N N 295 
PRO HA   H N N 296 
PRO HB2  H N N 297 
PRO HB3  H N N 298 
PRO HG2  H N N 299 
PRO HG3  H N N 300 
PRO HD2  H N N 301 
PRO HD3  H N N 302 
PRO HXT  H N N 303 
SER N    N N N 304 
SER CA   C N S 305 
SER C    C N N 306 
SER O    O N N 307 
SER CB   C N N 308 
SER OG   O N N 309 
SER OXT  O N N 310 
SER H    H N N 311 
SER H2   H N N 312 
SER HA   H N N 313 
SER HB2  H N N 314 
SER HB3  H N N 315 
SER HG   H N N 316 
SER HXT  H N N 317 
SO4 S    S N N 318 
SO4 O1   O N N 319 
SO4 O2   O N N 320 
SO4 O3   O N N 321 
SO4 O4   O N N 322 
THR N    N N N 323 
THR CA   C N S 324 
THR C    C N N 325 
THR O    O N N 326 
THR CB   C N R 327 
THR OG1  O N N 328 
THR CG2  C N N 329 
THR OXT  O N N 330 
THR H    H N N 331 
THR H2   H N N 332 
THR HA   H N N 333 
THR HB   H N N 334 
THR HG1  H N N 335 
THR HG21 H N N 336 
THR HG22 H N N 337 
THR HG23 H N N 338 
THR HXT  H N N 339 
TYR N    N N N 340 
TYR CA   C N S 341 
TYR C    C N N 342 
TYR O    O N N 343 
TYR CB   C N N 344 
TYR CG   C Y N 345 
TYR CD1  C Y N 346 
TYR CD2  C Y N 347 
TYR CE1  C Y N 348 
TYR CE2  C Y N 349 
TYR CZ   C Y N 350 
TYR OH   O N N 351 
TYR OXT  O N N 352 
TYR H    H N N 353 
TYR H2   H N N 354 
TYR HA   H N N 355 
TYR HB2  H N N 356 
TYR HB3  H N N 357 
TYR HD1  H N N 358 
TYR HD2  H N N 359 
TYR HE1  H N N 360 
TYR HE2  H N N 361 
TYR HH   H N N 362 
TYR HXT  H N N 363 
VAL N    N N N 364 
VAL CA   C N S 365 
VAL C    C N N 366 
VAL O    O N N 367 
VAL CB   C N N 368 
VAL CG1  C N N 369 
VAL CG2  C N N 370 
VAL OXT  O N N 371 
VAL H    H N N 372 
VAL H2   H N N 373 
VAL HA   H N N 374 
VAL HB   H N N 375 
VAL HG11 H N N 376 
VAL HG12 H N N 377 
VAL HG13 H N N 378 
VAL HG21 H N N 379 
VAL HG22 H N N 380 
VAL HG23 H N N 381 
VAL HXT  H N N 382 
# 
loop_
_chem_comp_bond.comp_id 
_chem_comp_bond.atom_id_1 
_chem_comp_bond.atom_id_2 
_chem_comp_bond.value_order 
_chem_comp_bond.pdbx_aromatic_flag 
_chem_comp_bond.pdbx_stereo_config 
_chem_comp_bond.pdbx_ordinal 
ALA N   CA   sing N N 1   
ALA N   H    sing N N 2   
ALA N   H2   sing N N 3   
ALA CA  C    sing N N 4   
ALA CA  CB   sing N N 5   
ALA CA  HA   sing N N 6   
ALA C   O    doub N N 7   
ALA C   OXT  sing N N 8   
ALA CB  HB1  sing N N 9   
ALA CB  HB2  sing N N 10  
ALA CB  HB3  sing N N 11  
ALA OXT HXT  sing N N 12  
ARG N   CA   sing N N 13  
ARG N   H    sing N N 14  
ARG N   H2   sing N N 15  
ARG CA  C    sing N N 16  
ARG CA  CB   sing N N 17  
ARG CA  HA   sing N N 18  
ARG C   O    doub N N 19  
ARG C   OXT  sing N N 20  
ARG CB  CG   sing N N 21  
ARG CB  HB2  sing N N 22  
ARG CB  HB3  sing N N 23  
ARG CG  CD   sing N N 24  
ARG CG  HG2  sing N N 25  
ARG CG  HG3  sing N N 26  
ARG CD  NE   sing N N 27  
ARG CD  HD2  sing N N 28  
ARG CD  HD3  sing N N 29  
ARG NE  CZ   sing N N 30  
ARG NE  HE   sing N N 31  
ARG CZ  NH1  sing N N 32  
ARG CZ  NH2  doub N N 33  
ARG NH1 HH11 sing N N 34  
ARG NH1 HH12 sing N N 35  
ARG NH2 HH21 sing N N 36  
ARG NH2 HH22 sing N N 37  
ARG OXT HXT  sing N N 38  
ASN N   CA   sing N N 39  
ASN N   H    sing N N 40  
ASN N   H2   sing N N 41  
ASN CA  C    sing N N 42  
ASN CA  CB   sing N N 43  
ASN CA  HA   sing N N 44  
ASN C   O    doub N N 45  
ASN C   OXT  sing N N 46  
ASN CB  CG   sing N N 47  
ASN CB  HB2  sing N N 48  
ASN CB  HB3  sing N N 49  
ASN CG  OD1  doub N N 50  
ASN CG  ND2  sing N N 51  
ASN ND2 HD21 sing N N 52  
ASN ND2 HD22 sing N N 53  
ASN OXT HXT  sing N N 54  
ASP N   CA   sing N N 55  
ASP N   H    sing N N 56  
ASP N   H2   sing N N 57  
ASP CA  C    sing N N 58  
ASP CA  CB   sing N N 59  
ASP CA  HA   sing N N 60  
ASP C   O    doub N N 61  
ASP C   OXT  sing N N 62  
ASP CB  CG   sing N N 63  
ASP CB  HB2  sing N N 64  
ASP CB  HB3  sing N N 65  
ASP CG  OD1  doub N N 66  
ASP CG  OD2  sing N N 67  
ASP OD2 HD2  sing N N 68  
ASP OXT HXT  sing N N 69  
CYS N   CA   sing N N 70  
CYS N   H    sing N N 71  
CYS N   H2   sing N N 72  
CYS CA  C    sing N N 73  
CYS CA  CB   sing N N 74  
CYS CA  HA   sing N N 75  
CYS C   O    doub N N 76  
CYS C   OXT  sing N N 77  
CYS CB  SG   sing N N 78  
CYS CB  HB2  sing N N 79  
CYS CB  HB3  sing N N 80  
CYS SG  HG   sing N N 81  
CYS OXT HXT  sing N N 82  
GLN N   CA   sing N N 83  
GLN N   H    sing N N 84  
GLN N   H2   sing N N 85  
GLN CA  C    sing N N 86  
GLN CA  CB   sing N N 87  
GLN CA  HA   sing N N 88  
GLN C   O    doub N N 89  
GLN C   OXT  sing N N 90  
GLN CB  CG   sing N N 91  
GLN CB  HB2  sing N N 92  
GLN CB  HB3  sing N N 93  
GLN CG  CD   sing N N 94  
GLN CG  HG2  sing N N 95  
GLN CG  HG3  sing N N 96  
GLN CD  OE1  doub N N 97  
GLN CD  NE2  sing N N 98  
GLN NE2 HE21 sing N N 99  
GLN NE2 HE22 sing N N 100 
GLN OXT HXT  sing N N 101 
GLU N   CA   sing N N 102 
GLU N   H    sing N N 103 
GLU N   H2   sing N N 104 
GLU CA  C    sing N N 105 
GLU CA  CB   sing N N 106 
GLU CA  HA   sing N N 107 
GLU C   O    doub N N 108 
GLU C   OXT  sing N N 109 
GLU CB  CG   sing N N 110 
GLU CB  HB2  sing N N 111 
GLU CB  HB3  sing N N 112 
GLU CG  CD   sing N N 113 
GLU CG  HG2  sing N N 114 
GLU CG  HG3  sing N N 115 
GLU CD  OE1  doub N N 116 
GLU CD  OE2  sing N N 117 
GLU OE2 HE2  sing N N 118 
GLU OXT HXT  sing N N 119 
GLY N   CA   sing N N 120 
GLY N   H    sing N N 121 
GLY N   H2   sing N N 122 
GLY CA  C    sing N N 123 
GLY CA  HA2  sing N N 124 
GLY CA  HA3  sing N N 125 
GLY C   O    doub N N 126 
GLY C   OXT  sing N N 127 
GLY OXT HXT  sing N N 128 
GOL C1  O1   sing N N 129 
GOL C1  C2   sing N N 130 
GOL C1  H11  sing N N 131 
GOL C1  H12  sing N N 132 
GOL O1  HO1  sing N N 133 
GOL C2  O2   sing N N 134 
GOL C2  C3   sing N N 135 
GOL C2  H2   sing N N 136 
GOL O2  HO2  sing N N 137 
GOL C3  O3   sing N N 138 
GOL C3  H31  sing N N 139 
GOL C3  H32  sing N N 140 
GOL O3  HO3  sing N N 141 
HIS N   CA   sing N N 142 
HIS N   H    sing N N 143 
HIS N   H2   sing N N 144 
HIS CA  C    sing N N 145 
HIS CA  CB   sing N N 146 
HIS CA  HA   sing N N 147 
HIS C   O    doub N N 148 
HIS C   OXT  sing N N 149 
HIS CB  CG   sing N N 150 
HIS CB  HB2  sing N N 151 
HIS CB  HB3  sing N N 152 
HIS CG  ND1  sing Y N 153 
HIS CG  CD2  doub Y N 154 
HIS ND1 CE1  doub Y N 155 
HIS ND1 HD1  sing N N 156 
HIS CD2 NE2  sing Y N 157 
HIS CD2 HD2  sing N N 158 
HIS CE1 NE2  sing Y N 159 
HIS CE1 HE1  sing N N 160 
HIS NE2 HE2  sing N N 161 
HIS OXT HXT  sing N N 162 
HOH O   H1   sing N N 163 
HOH O   H2   sing N N 164 
ILE N   CA   sing N N 165 
ILE N   H    sing N N 166 
ILE N   H2   sing N N 167 
ILE CA  C    sing N N 168 
ILE CA  CB   sing N N 169 
ILE CA  HA   sing N N 170 
ILE C   O    doub N N 171 
ILE C   OXT  sing N N 172 
ILE CB  CG1  sing N N 173 
ILE CB  CG2  sing N N 174 
ILE CB  HB   sing N N 175 
ILE CG1 CD1  sing N N 176 
ILE CG1 HG12 sing N N 177 
ILE CG1 HG13 sing N N 178 
ILE CG2 HG21 sing N N 179 
ILE CG2 HG22 sing N N 180 
ILE CG2 HG23 sing N N 181 
ILE CD1 HD11 sing N N 182 
ILE CD1 HD12 sing N N 183 
ILE CD1 HD13 sing N N 184 
ILE OXT HXT  sing N N 185 
LEU N   CA   sing N N 186 
LEU N   H    sing N N 187 
LEU N   H2   sing N N 188 
LEU CA  C    sing N N 189 
LEU CA  CB   sing N N 190 
LEU CA  HA   sing N N 191 
LEU C   O    doub N N 192 
LEU C   OXT  sing N N 193 
LEU CB  CG   sing N N 194 
LEU CB  HB2  sing N N 195 
LEU CB  HB3  sing N N 196 
LEU CG  CD1  sing N N 197 
LEU CG  CD2  sing N N 198 
LEU CG  HG   sing N N 199 
LEU CD1 HD11 sing N N 200 
LEU CD1 HD12 sing N N 201 
LEU CD1 HD13 sing N N 202 
LEU CD2 HD21 sing N N 203 
LEU CD2 HD22 sing N N 204 
LEU CD2 HD23 sing N N 205 
LEU OXT HXT  sing N N 206 
LYS N   CA   sing N N 207 
LYS N   H    sing N N 208 
LYS N   H2   sing N N 209 
LYS CA  C    sing N N 210 
LYS CA  CB   sing N N 211 
LYS CA  HA   sing N N 212 
LYS C   O    doub N N 213 
LYS C   OXT  sing N N 214 
LYS CB  CG   sing N N 215 
LYS CB  HB2  sing N N 216 
LYS CB  HB3  sing N N 217 
LYS CG  CD   sing N N 218 
LYS CG  HG2  sing N N 219 
LYS CG  HG3  sing N N 220 
LYS CD  CE   sing N N 221 
LYS CD  HD2  sing N N 222 
LYS CD  HD3  sing N N 223 
LYS CE  NZ   sing N N 224 
LYS CE  HE2  sing N N 225 
LYS CE  HE3  sing N N 226 
LYS NZ  HZ1  sing N N 227 
LYS NZ  HZ2  sing N N 228 
LYS NZ  HZ3  sing N N 229 
LYS OXT HXT  sing N N 230 
MET N   CA   sing N N 231 
MET N   H    sing N N 232 
MET N   H2   sing N N 233 
MET CA  C    sing N N 234 
MET CA  CB   sing N N 235 
MET CA  HA   sing N N 236 
MET C   O    doub N N 237 
MET C   OXT  sing N N 238 
MET CB  CG   sing N N 239 
MET CB  HB2  sing N N 240 
MET CB  HB3  sing N N 241 
MET CG  SD   sing N N 242 
MET CG  HG2  sing N N 243 
MET CG  HG3  sing N N 244 
MET SD  CE   sing N N 245 
MET CE  HE1  sing N N 246 
MET CE  HE2  sing N N 247 
MET CE  HE3  sing N N 248 
MET OXT HXT  sing N N 249 
PHE N   CA   sing N N 250 
PHE N   H    sing N N 251 
PHE N   H2   sing N N 252 
PHE CA  C    sing N N 253 
PHE CA  CB   sing N N 254 
PHE CA  HA   sing N N 255 
PHE C   O    doub N N 256 
PHE C   OXT  sing N N 257 
PHE CB  CG   sing N N 258 
PHE CB  HB2  sing N N 259 
PHE CB  HB3  sing N N 260 
PHE CG  CD1  doub Y N 261 
PHE CG  CD2  sing Y N 262 
PHE CD1 CE1  sing Y N 263 
PHE CD1 HD1  sing N N 264 
PHE CD2 CE2  doub Y N 265 
PHE CD2 HD2  sing N N 266 
PHE CE1 CZ   doub Y N 267 
PHE CE1 HE1  sing N N 268 
PHE CE2 CZ   sing Y N 269 
PHE CE2 HE2  sing N N 270 
PHE CZ  HZ   sing N N 271 
PHE OXT HXT  sing N N 272 
PRO N   CA   sing N N 273 
PRO N   CD   sing N N 274 
PRO N   H    sing N N 275 
PRO CA  C    sing N N 276 
PRO CA  CB   sing N N 277 
PRO CA  HA   sing N N 278 
PRO C   O    doub N N 279 
PRO C   OXT  sing N N 280 
PRO CB  CG   sing N N 281 
PRO CB  HB2  sing N N 282 
PRO CB  HB3  sing N N 283 
PRO CG  CD   sing N N 284 
PRO CG  HG2  sing N N 285 
PRO CG  HG3  sing N N 286 
PRO CD  HD2  sing N N 287 
PRO CD  HD3  sing N N 288 
PRO OXT HXT  sing N N 289 
SER N   CA   sing N N 290 
SER N   H    sing N N 291 
SER N   H2   sing N N 292 
SER CA  C    sing N N 293 
SER CA  CB   sing N N 294 
SER CA  HA   sing N N 295 
SER C   O    doub N N 296 
SER C   OXT  sing N N 297 
SER CB  OG   sing N N 298 
SER CB  HB2  sing N N 299 
SER CB  HB3  sing N N 300 
SER OG  HG   sing N N 301 
SER OXT HXT  sing N N 302 
SO4 S   O1   doub N N 303 
SO4 S   O2   doub N N 304 
SO4 S   O3   sing N N 305 
SO4 S   O4   sing N N 306 
THR N   CA   sing N N 307 
THR N   H    sing N N 308 
THR N   H2   sing N N 309 
THR CA  C    sing N N 310 
THR CA  CB   sing N N 311 
THR CA  HA   sing N N 312 
THR C   O    doub N N 313 
THR C   OXT  sing N N 314 
THR CB  OG1  sing N N 315 
THR CB  CG2  sing N N 316 
THR CB  HB   sing N N 317 
THR OG1 HG1  sing N N 318 
THR CG2 HG21 sing N N 319 
THR CG2 HG22 sing N N 320 
THR CG2 HG23 sing N N 321 
THR OXT HXT  sing N N 322 
TYR N   CA   sing N N 323 
TYR N   H    sing N N 324 
TYR N   H2   sing N N 325 
TYR CA  C    sing N N 326 
TYR CA  CB   sing N N 327 
TYR CA  HA   sing N N 328 
TYR C   O    doub N N 329 
TYR C   OXT  sing N N 330 
TYR CB  CG   sing N N 331 
TYR CB  HB2  sing N N 332 
TYR CB  HB3  sing N N 333 
TYR CG  CD1  doub Y N 334 
TYR CG  CD2  sing Y N 335 
TYR CD1 CE1  sing Y N 336 
TYR CD1 HD1  sing N N 337 
TYR CD2 CE2  doub Y N 338 
TYR CD2 HD2  sing N N 339 
TYR CE1 CZ   doub Y N 340 
TYR CE1 HE1  sing N N 341 
TYR CE2 CZ   sing Y N 342 
TYR CE2 HE2  sing N N 343 
TYR CZ  OH   sing N N 344 
TYR OH  HH   sing N N 345 
TYR OXT HXT  sing N N 346 
VAL N   CA   sing N N 347 
VAL N   H    sing N N 348 
VAL N   H2   sing N N 349 
VAL CA  C    sing N N 350 
VAL CA  CB   sing N N 351 
VAL CA  HA   sing N N 352 
VAL C   O    doub N N 353 
VAL C   OXT  sing N N 354 
VAL CB  CG1  sing N N 355 
VAL CB  CG2  sing N N 356 
VAL CB  HB   sing N N 357 
VAL CG1 HG11 sing N N 358 
VAL CG1 HG12 sing N N 359 
VAL CG1 HG13 sing N N 360 
VAL CG2 HG21 sing N N 361 
VAL CG2 HG22 sing N N 362 
VAL CG2 HG23 sing N N 363 
VAL OXT HXT  sing N N 364 
# 
_pdbx_audit_support.funding_organization   'Japan Society for the Promotion of Science (JSPS)' 
_pdbx_audit_support.country                Japan 
_pdbx_audit_support.grant_number           18K06087 
_pdbx_audit_support.ordinal                1 
# 
loop_
_pdbx_entity_nonpoly.entity_id 
_pdbx_entity_nonpoly.name 
_pdbx_entity_nonpoly.comp_id 
2 'SULFATE ION' SO4 
3 GLYCEROL      GOL 
4 water         HOH 
# 
_pdbx_initial_refinement_model.id               1 
_pdbx_initial_refinement_model.entity_id_list   ? 
_pdbx_initial_refinement_model.type             'experimental model' 
_pdbx_initial_refinement_model.source_name      PDB 
_pdbx_initial_refinement_model.accession_code   6IXZ 
_pdbx_initial_refinement_model.details          ? 
# 
_pdbx_struct_assembly_auth_evidence.id                     1 
_pdbx_struct_assembly_auth_evidence.assembly_id            1 
_pdbx_struct_assembly_auth_evidence.experimental_support   none 
_pdbx_struct_assembly_auth_evidence.details                ? 
# 
